data_5JBD
#
_entry.id   5JBD
#
_cell.length_a   219.244
_cell.length_b   57.852
_cell.length_c   150.701
_cell.angle_alpha   90.00
_cell.angle_beta   114.75
_cell.angle_gamma   90.00
#
_symmetry.space_group_name_H-M   'C 1 2 1'
#
loop_
_entity.id
_entity.type
_entity.pdbx_description
1 polymer 'Inactive glucansucrase'
2 non-polymer 'CALCIUM ION'
3 non-polymer 'ACETATE ION'
4 non-polymer 'SULFATE ION'
5 non-polymer GLYCEROL
6 non-polymer 'TRIETHYLENE GLYCOL'
7 water water
#
_entity_poly.entity_id   1
_entity_poly.type   'polypeptide(L)'
_entity_poly.pdbx_seq_one_letter_code
;MGQLMRNLVAKPNKNQLKIYNGNTLVKTMGPGTWENMAFAQDSSAINNIDGYLSYTDWYRPYGTSQDGKTWYKTTAMDWR
PLLMYIWPSKDVQAQFIKYFVNNGYENANYGLTKDTVANINKDTNTTVLANMAQNLRYVIEQSIAANKGTSKLANDINSF
AATVPELSASSELSLQSMPNYRPDKSGTIDSDQVIFVNNNSKDPRKGNTSYADSNYRLMNRTINNQAGNNNSDNSPELLV
GNDIDNSNPVVQAENLNWEYFLLNYGKLMGYNPDGNFDGFRVDAADNIDADVLDQMGQLMNDMYHTKGNPQNANDHLSYN
EGYHSGAAQMLNEKGNPQLYMDSGEFYTLENVLGRANNRDNIGNLITNSIVNRQNDTTENEATPNWSFVTNHDQRKNLIN
RLIIKDHSNIPDIMGSAYKVEYANQAWQEFYADQEKTNKQYAQYNVPAQYAILLSNKDTVPQVYYGDLYNETAQYMQEKS
IYYDAITTLMRARKQFVSGGQTMTKLNNNLLASVRYGKGVVDANSNGTDKLSRTSGMAVLVGNDSNMAQQSVAINMGRAH
ANQQYRNLIDTTENGLTYDADNSENPAILTTDSNGILKVTVKGYSNPYVSGYLGVWVPVISGDQDVTTNASDVVANKEKT
FESNAALDSHMIYEDFSLFQPEPTSVENHAYNVIAKNASLFSDLGITDFWMAPAYTPFGRSRYNEGYSMTDRYNLGTTAN
PTKYGSGEELANTIAALHKAGLKVQEDIVMNQMIGFSGQEAVTVTRTNNRGMQIHVNGQTYANQIYFAYTTGGGNGQETY
GGKYLAELQKNYPDLFTTKAISTGVAPDPTVRINKWSAKYQNGTSLQNIGIGLAVKLANGDYAYLNSGDNKAFNTLLPTA
ISLNFNNHHHHHH
;
_entity_poly.pdbx_strand_id   A,B
#
loop_
_chem_comp.id
_chem_comp.type
_chem_comp.name
_chem_comp.formula
ACT non-polymer 'ACETATE ION' 'C2 H3 O2 -1'
CA non-polymer 'CALCIUM ION' 'Ca 2'
GOL non-polymer GLYCEROL 'C3 H8 O3'
PGE non-polymer 'TRIETHYLENE GLYCOL' 'C6 H14 O4'
SO4 non-polymer 'SULFATE ION' 'O4 S -2'
#
# COMPACT_ATOMS: atom_id res chain seq x y z
N MET A 29 23.96 -77.42 17.01
CA MET A 29 22.95 -77.48 18.11
C MET A 29 21.67 -78.16 17.62
N GLY A 30 20.91 -78.75 18.56
CA GLY A 30 19.55 -79.21 18.28
C GLY A 30 18.61 -78.02 18.06
N PRO A 31 17.48 -78.24 17.35
CA PRO A 31 16.62 -77.11 16.98
C PRO A 31 15.96 -76.40 18.19
N GLY A 32 15.77 -75.09 18.08
CA GLY A 32 15.21 -74.29 19.18
C GLY A 32 15.18 -72.79 18.92
N THR A 33 14.93 -72.03 19.99
CA THR A 33 14.78 -70.56 19.96
C THR A 33 15.99 -69.80 19.45
N TRP A 34 17.19 -70.38 19.54
CA TRP A 34 18.40 -69.77 18.94
C TRP A 34 18.27 -69.47 17.45
N GLU A 35 17.36 -70.20 16.76
CA GLU A 35 17.10 -69.99 15.34
C GLU A 35 16.44 -68.63 15.03
N ASN A 36 15.99 -67.91 16.06
CA ASN A 36 15.65 -66.48 15.91
C ASN A 36 16.83 -65.59 15.46
N MET A 37 18.06 -66.05 15.66
CA MET A 37 19.25 -65.31 15.21
C MET A 37 19.22 -65.05 13.70
N ALA A 38 19.86 -63.96 13.27
CA ALA A 38 19.99 -63.68 11.85
C ALA A 38 20.65 -64.85 11.15
N PHE A 39 20.18 -65.16 9.94
CA PHE A 39 20.75 -66.27 9.17
C PHE A 39 22.24 -66.01 8.89
N ALA A 40 22.56 -64.76 8.58
CA ALA A 40 23.94 -64.31 8.31
C ALA A 40 24.06 -62.84 8.71
N GLN A 41 25.28 -62.42 9.06
CA GLN A 41 25.52 -61.05 9.45
C GLN A 41 26.00 -60.20 8.27
N ASP A 42 25.12 -60.04 7.29
CA ASP A 42 25.37 -59.17 6.12
C ASP A 42 24.05 -58.81 5.45
N SER A 43 24.13 -58.03 4.38
CA SER A 43 22.93 -57.56 3.69
C SER A 43 22.09 -58.63 3.01
N SER A 44 22.66 -59.82 2.80
CA SER A 44 21.90 -60.94 2.26
C SER A 44 20.84 -61.47 3.23
N ALA A 45 20.98 -61.19 4.53
CA ALA A 45 19.98 -61.61 5.52
C ALA A 45 19.45 -60.51 6.46
N ILE A 46 20.00 -59.30 6.39
CA ILE A 46 19.56 -58.21 7.27
C ILE A 46 19.44 -56.90 6.46
N ASN A 47 18.21 -56.40 6.29
CA ASN A 47 18.02 -55.06 5.70
C ASN A 47 18.79 -54.04 6.56
N ASN A 48 19.49 -53.12 5.90
CA ASN A 48 20.15 -52.03 6.60
C ASN A 48 20.28 -50.82 5.68
N ILE A 49 20.55 -49.68 6.29
CA ILE A 49 20.64 -48.39 5.61
C ILE A 49 21.97 -47.79 6.02
N ASP A 50 22.96 -47.85 5.12
CA ASP A 50 24.34 -47.50 5.42
C ASP A 50 24.88 -48.12 6.73
N GLY A 51 24.55 -49.39 6.98
CA GLY A 51 24.97 -50.12 8.19
C GLY A 51 23.97 -50.10 9.35
N TYR A 52 23.10 -49.09 9.39
CA TYR A 52 22.15 -48.92 10.50
C TYR A 52 20.90 -49.73 10.25
N LEU A 53 20.18 -50.05 11.31
CA LEU A 53 18.93 -50.81 11.24
C LEU A 53 17.72 -49.94 11.48
N SER A 54 16.62 -50.25 10.79
CA SER A 54 15.32 -49.61 10.98
C SER A 54 14.33 -50.58 11.61
N TYR A 55 13.56 -50.14 12.60
CA TYR A 55 12.54 -51.00 13.22
C TYR A 55 11.49 -51.51 12.25
N THR A 56 11.21 -50.78 11.19
CA THR A 56 10.21 -51.20 10.19
C THR A 56 10.78 -52.05 9.05
N ASP A 57 12.09 -52.33 9.08
CA ASP A 57 12.72 -53.22 8.11
C ASP A 57 12.58 -54.68 8.52
N TRP A 58 13.03 -55.56 7.64
CA TRP A 58 12.90 -56.97 7.77
C TRP A 58 14.27 -57.65 7.76
N TYR A 59 14.30 -58.89 8.24
CA TYR A 59 15.50 -59.74 8.19
C TYR A 59 15.12 -61.20 7.98
N ARG A 60 16.12 -62.03 7.70
CA ARG A 60 15.93 -63.47 7.54
C ARG A 60 16.46 -64.16 8.79
N PRO A 61 15.56 -64.68 9.65
CA PRO A 61 16.06 -65.50 10.77
C PRO A 61 16.56 -66.83 10.25
N TYR A 62 17.35 -67.53 11.07
CA TYR A 62 17.82 -68.87 10.69
C TYR A 62 16.63 -69.83 10.52
N GLY A 63 15.71 -69.81 11.47
CA GLY A 63 14.50 -70.64 11.39
C GLY A 63 13.31 -70.02 12.09
N THR A 64 12.15 -70.66 11.96
CA THR A 64 10.89 -70.24 12.57
C THR A 64 10.06 -71.43 13.03
N SER A 65 9.08 -71.16 13.89
CA SER A 65 8.24 -72.21 14.46
C SER A 65 6.82 -71.72 14.71
N GLN A 66 5.86 -72.61 14.49
CA GLN A 66 4.46 -72.36 14.81
C GLN A 66 4.06 -72.78 16.22
N ASP A 67 4.89 -73.57 16.92
CA ASP A 67 4.53 -74.06 18.26
C ASP A 67 5.63 -74.11 19.35
N GLY A 68 6.87 -73.75 19.03
CA GLY A 68 7.98 -73.87 19.98
C GLY A 68 8.59 -75.26 20.09
N LYS A 69 8.08 -76.22 19.31
CA LYS A 69 8.46 -77.62 19.38
C LYS A 69 9.21 -78.03 18.11
N THR A 70 8.57 -77.80 16.96
CA THR A 70 9.16 -78.09 15.66
C THR A 70 9.62 -76.80 14.95
N TRP A 71 10.88 -76.77 14.52
CA TRP A 71 11.51 -75.59 13.91
C TRP A 71 11.89 -75.92 12.49
N TYR A 72 11.61 -75.01 11.57
CA TYR A 72 11.97 -75.16 10.16
C TYR A 72 12.94 -74.07 9.75
N LYS A 73 14.01 -74.46 9.08
CA LYS A 73 14.94 -73.51 8.48
C LYS A 73 14.25 -72.65 7.43
N THR A 74 14.60 -71.37 7.40
CA THR A 74 14.11 -70.45 6.37
C THR A 74 14.77 -70.73 5.03
N THR A 75 14.07 -70.42 3.96
CA THR A 75 14.69 -70.21 2.64
C THR A 75 15.12 -68.76 2.54
N ALA A 76 15.79 -68.41 1.44
CA ALA A 76 16.15 -67.02 1.16
C ALA A 76 14.92 -66.09 0.99
N MET A 77 13.73 -66.66 0.81
CA MET A 77 12.50 -65.89 0.65
C MET A 77 11.74 -65.65 1.96
N ASP A 78 12.12 -66.32 3.05
CA ASP A 78 11.34 -66.24 4.27
C ASP A 78 11.92 -65.17 5.19
N TRP A 79 11.54 -63.93 4.92
CA TRP A 79 11.93 -62.81 5.74
C TRP A 79 10.82 -62.49 6.74
N ARG A 80 11.21 -61.86 7.85
CA ARG A 80 10.27 -61.46 8.88
C ARG A 80 10.55 -60.02 9.32
N PRO A 81 9.50 -59.31 9.77
CA PRO A 81 9.67 -57.96 10.25
C PRO A 81 10.43 -57.93 11.58
N LEU A 82 11.37 -57.00 11.69
CA LEU A 82 12.16 -56.84 12.91
C LEU A 82 11.27 -56.58 14.14
N LEU A 83 10.12 -55.93 13.95
CA LEU A 83 9.21 -55.62 15.06
C LEU A 83 8.53 -56.80 15.73
N MET A 84 8.65 -58.00 15.15
CA MET A 84 8.28 -59.25 15.86
C MET A 84 9.29 -59.65 16.94
N TYR A 85 10.53 -59.14 16.83
CA TYR A 85 11.67 -59.55 17.67
C TYR A 85 12.31 -58.44 18.51
N ILE A 86 12.32 -57.19 18.01
CA ILE A 86 12.97 -56.07 18.67
C ILE A 86 12.08 -54.83 18.70
N TRP A 87 12.28 -54.00 19.74
CA TRP A 87 11.49 -52.77 19.97
C TRP A 87 12.38 -51.70 20.59
N PRO A 88 12.06 -50.41 20.38
CA PRO A 88 12.81 -49.33 21.03
C PRO A 88 12.67 -49.29 22.55
N SER A 89 11.62 -49.90 23.10
CA SER A 89 11.40 -49.91 24.55
C SER A 89 10.42 -50.99 24.98
N LYS A 90 10.39 -51.26 26.29
CA LYS A 90 9.38 -52.14 26.89
C LYS A 90 7.96 -51.65 26.59
N ASP A 91 7.78 -50.34 26.64
CA ASP A 91 6.50 -49.68 26.34
C ASP A 91 5.98 -50.14 24.96
N VAL A 92 6.82 -50.01 23.94
CA VAL A 92 6.43 -50.32 22.56
C VAL A 92 6.27 -51.83 22.35
N GLN A 93 7.10 -52.63 23.04
CA GLN A 93 6.95 -54.07 23.03
C GLN A 93 5.56 -54.48 23.52
N ALA A 94 5.15 -53.92 24.65
CA ALA A 94 3.82 -54.20 25.20
C ALA A 94 2.72 -53.71 24.26
N GLN A 95 2.94 -52.56 23.62
CA GLN A 95 2.01 -52.07 22.58
C GLN A 95 1.90 -53.02 21.39
N PHE A 96 3.04 -53.53 20.93
CA PHE A 96 3.05 -54.51 19.83
C PHE A 96 2.20 -55.73 20.16
N ILE A 97 2.40 -56.27 21.36
CA ILE A 97 1.68 -57.46 21.81
C ILE A 97 0.17 -57.20 21.86
N LYS A 98 -0.21 -56.11 22.53
CA LYS A 98 -1.60 -55.65 22.60
C LYS A 98 -2.24 -55.45 21.23
N TYR A 99 -1.55 -54.73 20.36
CA TYR A 99 -2.06 -54.42 19.02
C TYR A 99 -2.32 -55.71 18.22
N PHE A 100 -1.32 -56.59 18.16
CA PHE A 100 -1.48 -57.83 17.39
C PHE A 100 -2.57 -58.74 17.93
N VAL A 101 -2.62 -58.94 19.24
CA VAL A 101 -3.67 -59.78 19.84
C VAL A 101 -5.07 -59.21 19.53
N ASN A 102 -5.19 -57.88 19.45
CA ASN A 102 -6.46 -57.22 19.09
C ASN A 102 -6.75 -57.06 17.59
N ASN A 103 -5.84 -57.49 16.72
CA ASN A 103 -6.01 -57.35 15.26
C ASN A 103 -5.67 -58.64 14.50
N GLY A 104 -6.27 -59.74 14.96
CA GLY A 104 -6.23 -61.02 14.26
C GLY A 104 -5.23 -62.08 14.74
N TYR A 105 -4.54 -61.84 15.85
CA TYR A 105 -3.54 -62.81 16.35
C TYR A 105 -3.82 -63.25 17.79
N GLU A 106 -5.07 -63.61 18.02
CA GLU A 106 -5.53 -64.13 19.30
C GLU A 106 -5.38 -65.66 19.32
N ASN A 107 -4.89 -66.21 20.44
CA ASN A 107 -4.90 -67.66 20.68
C ASN A 107 -4.81 -67.96 22.19
N ALA A 108 -5.92 -68.40 22.77
CA ALA A 108 -5.99 -68.77 24.20
C ALA A 108 -5.04 -69.90 24.61
N ASN A 109 -4.75 -70.82 23.69
CA ASN A 109 -3.83 -71.92 23.94
C ASN A 109 -2.38 -71.47 24.14
N TYR A 110 -2.03 -70.26 23.64
CA TYR A 110 -0.69 -69.67 23.83
C TYR A 110 -0.69 -68.46 24.79
N GLY A 111 -1.72 -68.37 25.64
CA GLY A 111 -1.81 -67.31 26.67
C GLY A 111 -2.05 -65.91 26.17
N LEU A 112 -2.65 -65.79 24.98
CA LEU A 112 -2.81 -64.51 24.29
C LEU A 112 -4.26 -64.28 23.90
N THR A 113 -5.01 -63.69 24.83
CA THR A 113 -6.39 -63.26 24.58
C THR A 113 -6.48 -61.76 24.84
N LYS A 114 -7.59 -61.16 24.46
CA LYS A 114 -7.79 -59.72 24.68
C LYS A 114 -7.71 -59.36 26.15
N ASP A 115 -8.21 -60.23 27.02
CA ASP A 115 -8.09 -59.99 28.46
C ASP A 115 -6.71 -60.22 29.04
N THR A 116 -5.97 -61.23 28.58
CA THR A 116 -4.60 -61.45 29.10
C THR A 116 -3.64 -60.31 28.73
N VAL A 117 -3.91 -59.60 27.62
CA VAL A 117 -3.11 -58.44 27.20
C VAL A 117 -3.71 -57.08 27.59
N ALA A 118 -4.91 -57.06 28.16
CA ALA A 118 -5.63 -55.81 28.46
C ALA A 118 -4.82 -54.80 29.27
N ASN A 119 -4.07 -55.28 30.27
CA ASN A 119 -3.39 -54.43 31.26
C ASN A 119 -1.85 -54.41 31.13
N ILE A 120 -1.27 -55.13 30.16
CA ILE A 120 0.19 -55.13 30.02
C ILE A 120 0.68 -53.76 29.56
N ASN A 121 1.87 -53.40 30.03
CA ASN A 121 2.48 -52.11 29.72
C ASN A 121 3.97 -52.12 30.04
N LYS A 122 4.60 -50.97 29.86
CA LYS A 122 5.96 -50.70 30.36
C LYS A 122 6.44 -51.42 31.64
N ASP A 123 5.55 -51.49 32.64
CA ASP A 123 5.91 -52.03 33.95
C ASP A 123 5.73 -53.53 34.13
N THR A 124 5.17 -54.21 33.13
CA THR A 124 5.03 -55.65 33.19
C THR A 124 6.42 -56.27 33.34
N ASN A 125 6.51 -57.31 34.16
CA ASN A 125 7.75 -58.06 34.38
C ASN A 125 8.37 -58.47 33.03
N THR A 126 9.69 -58.31 32.92
CA THR A 126 10.43 -58.48 31.67
C THR A 126 10.32 -59.89 31.10
N THR A 127 10.46 -60.92 31.94
CA THR A 127 10.36 -62.29 31.47
C THR A 127 8.93 -62.65 31.00
N VAL A 128 7.91 -62.03 31.60
CA VAL A 128 6.52 -62.20 31.14
C VAL A 128 6.33 -61.60 29.73
N LEU A 129 6.82 -60.38 29.50
CA LEU A 129 6.75 -59.76 28.16
C LEU A 129 7.49 -60.58 27.12
N ALA A 130 8.67 -61.08 27.47
CA ALA A 130 9.48 -61.89 26.55
C ALA A 130 8.73 -63.16 26.18
N ASN A 131 8.16 -63.82 27.18
CA ASN A 131 7.37 -65.03 26.99
C ASN A 131 6.12 -64.79 26.13
N MET A 132 5.39 -63.70 26.38
CA MET A 132 4.25 -63.33 25.53
C MET A 132 4.70 -63.04 24.09
N ALA A 133 5.83 -62.33 23.94
CA ALA A 133 6.36 -62.03 22.60
C ALA A 133 6.78 -63.31 21.83
N GLN A 134 7.40 -64.27 22.53
CA GLN A 134 7.77 -65.54 21.90
C GLN A 134 6.54 -66.33 21.47
N ASN A 135 5.55 -66.39 22.37
CA ASN A 135 4.27 -67.04 22.07
C ASN A 135 3.52 -66.35 20.93
N LEU A 136 3.58 -65.02 20.87
CA LEU A 136 2.99 -64.28 19.76
C LEU A 136 3.66 -64.62 18.43
N ARG A 137 4.98 -64.77 18.42
CA ARG A 137 5.67 -65.18 17.20
C ARG A 137 5.13 -66.53 16.66
N TYR A 138 4.88 -67.50 17.57
CA TYR A 138 4.27 -68.78 17.19
C TYR A 138 2.88 -68.57 16.57
N VAL A 139 2.09 -67.68 17.17
CA VAL A 139 0.74 -67.35 16.67
C VAL A 139 0.82 -66.62 15.33
N ILE A 140 1.81 -65.73 15.18
CA ILE A 140 2.06 -65.06 13.90
C ILE A 140 2.43 -66.10 12.80
N GLU A 141 3.29 -67.06 13.13
CA GLU A 141 3.70 -68.09 12.15
C GLU A 141 2.52 -68.99 11.76
N GLN A 142 1.61 -69.24 12.71
CA GLN A 142 0.36 -69.93 12.37
C GLN A 142 -0.45 -69.12 11.36
N SER A 143 -0.52 -67.80 11.57
CA SER A 143 -1.23 -66.91 10.66
C SER A 143 -0.59 -66.84 9.26
N ILE A 144 0.74 -66.77 9.20
CA ILE A 144 1.49 -66.82 7.94
C ILE A 144 1.17 -68.11 7.17
N ALA A 145 1.16 -69.24 7.89
CA ALA A 145 0.82 -70.55 7.29
C ALA A 145 -0.61 -70.62 6.76
N ALA A 146 -1.56 -70.07 7.52
CA ALA A 146 -2.96 -70.02 7.10
C ALA A 146 -3.13 -69.14 5.87
N ASN A 147 -2.44 -68.01 5.83
CA ASN A 147 -2.52 -67.08 4.69
C ASN A 147 -1.52 -67.38 3.55
N LYS A 148 -0.70 -68.42 3.68
CA LYS A 148 0.28 -68.82 2.65
C LYS A 148 1.25 -67.70 2.25
N GLY A 149 1.63 -66.86 3.21
CA GLY A 149 2.46 -65.69 2.93
C GLY A 149 2.43 -64.62 4.00
N THR A 150 3.26 -63.61 3.81
CA THR A 150 3.48 -62.55 4.81
C THR A 150 2.80 -61.21 4.44
N SER A 151 1.91 -61.21 3.47
CA SER A 151 1.33 -59.95 2.97
C SER A 151 0.39 -59.29 4.01
N LYS A 152 -0.44 -60.10 4.68
CA LYS A 152 -1.26 -59.59 5.78
C LYS A 152 -0.36 -59.05 6.92
N LEU A 153 0.63 -59.84 7.32
CA LEU A 153 1.59 -59.43 8.36
C LEU A 153 2.24 -58.09 8.05
N ALA A 154 2.68 -57.92 6.80
CA ALA A 154 3.30 -56.67 6.37
C ALA A 154 2.39 -55.44 6.56
N ASN A 155 1.13 -55.59 6.19
CA ASN A 155 0.10 -54.54 6.42
C ASN A 155 -0.13 -54.28 7.91
N ASP A 156 -0.19 -55.36 8.71
CA ASP A 156 -0.39 -55.24 10.15
C ASP A 156 0.79 -54.55 10.83
N ILE A 157 2.01 -54.83 10.38
CA ILE A 157 3.21 -54.13 10.88
C ILE A 157 3.17 -52.63 10.53
N ASN A 158 2.83 -52.31 9.29
CA ASN A 158 2.71 -50.90 8.85
C ASN A 158 1.60 -50.18 9.64
N SER A 159 0.46 -50.84 9.83
CA SER A 159 -0.62 -50.27 10.64
C SER A 159 -0.21 -50.08 12.11
N PHE A 160 0.45 -51.07 12.69
CA PHE A 160 0.98 -50.91 14.06
C PHE A 160 1.96 -49.76 14.17
N ALA A 161 2.93 -49.71 13.25
CA ALA A 161 3.98 -48.68 13.32
C ALA A 161 3.40 -47.27 13.28
N ALA A 162 2.36 -47.08 12.48
CA ALA A 162 1.64 -45.79 12.39
C ALA A 162 1.01 -45.31 13.70
N THR A 163 0.78 -46.21 14.65
CA THR A 163 0.26 -45.84 15.98
C THR A 163 1.36 -45.51 17.02
N VAL A 164 2.63 -45.72 16.68
CA VAL A 164 3.73 -45.51 17.60
C VAL A 164 4.45 -44.22 17.22
N PRO A 165 4.38 -43.17 18.08
CA PRO A 165 4.96 -41.87 17.72
C PRO A 165 6.38 -41.95 17.15
N GLU A 166 7.29 -42.63 17.83
CA GLU A 166 8.69 -42.67 17.35
C GLU A 166 8.93 -43.42 16.03
N LEU A 167 7.96 -44.22 15.59
CA LEU A 167 8.05 -44.95 14.31
C LEU A 167 7.13 -44.36 13.23
N SER A 168 6.71 -43.11 13.41
CA SER A 168 5.76 -42.48 12.50
C SER A 168 5.89 -40.95 12.58
N ALA A 169 5.08 -40.28 11.77
CA ALA A 169 5.21 -38.85 11.51
C ALA A 169 5.29 -37.96 12.75
N SER A 170 4.47 -38.23 13.76
CA SER A 170 4.32 -37.28 14.89
C SER A 170 5.63 -36.97 15.64
N SER A 171 6.55 -37.94 15.76
CA SER A 171 7.84 -37.68 16.44
C SER A 171 8.77 -36.71 15.70
N GLU A 172 8.48 -36.41 14.43
CA GLU A 172 9.26 -35.42 13.67
C GLU A 172 8.99 -33.97 14.12
N LEU A 173 7.87 -33.77 14.81
CA LEU A 173 7.49 -32.50 15.46
C LEU A 173 7.06 -31.42 14.47
N SER A 174 5.98 -31.71 13.74
CA SER A 174 5.38 -30.73 12.83
C SER A 174 4.77 -29.59 13.61
N LEU A 175 4.89 -28.38 13.08
CA LEU A 175 4.18 -27.23 13.63
C LEU A 175 2.65 -27.37 13.52
N GLN A 176 2.18 -28.22 12.60
CA GLN A 176 0.75 -28.59 12.48
C GLN A 176 0.10 -29.14 13.74
N SER A 177 0.92 -29.71 14.62
CA SER A 177 0.39 -30.34 15.83
C SER A 177 0.13 -29.38 16.97
N MET A 178 0.44 -28.10 16.80
CA MET A 178 0.36 -27.13 17.90
C MET A 178 -1.09 -26.76 18.16
N PRO A 179 -1.42 -26.42 19.42
CA PRO A 179 -2.81 -26.14 19.74
C PRO A 179 -3.34 -24.93 18.97
N ASN A 180 -4.50 -25.10 18.34
CA ASN A 180 -5.19 -24.08 17.55
C ASN A 180 -4.42 -23.65 16.29
N TYR A 181 -3.65 -24.56 15.72
CA TYR A 181 -2.88 -24.29 14.50
C TYR A 181 -3.80 -23.85 13.37
N ARG A 182 -3.36 -22.83 12.65
CA ARG A 182 -4.08 -22.27 11.52
C ARG A 182 -3.31 -22.66 10.27
N PRO A 183 -3.95 -23.42 9.36
CA PRO A 183 -3.28 -23.82 8.12
C PRO A 183 -2.85 -22.66 7.22
N ASP A 184 -1.70 -22.80 6.56
CA ASP A 184 -1.21 -21.76 5.66
C ASP A 184 -1.70 -22.06 4.25
N LYS A 185 -2.29 -21.05 3.62
CA LYS A 185 -2.79 -21.15 2.25
C LYS A 185 -1.75 -21.49 1.16
N SER A 186 -0.46 -21.34 1.46
CA SER A 186 0.61 -21.73 0.52
C SER A 186 0.59 -23.24 0.22
N GLY A 187 0.05 -24.02 1.15
CA GLY A 187 -0.03 -25.47 1.00
C GLY A 187 1.17 -26.21 1.54
N THR A 188 2.19 -25.48 2.03
CA THR A 188 3.37 -26.08 2.67
C THR A 188 3.63 -25.42 4.02
N ILE A 189 4.40 -26.09 4.87
CA ILE A 189 4.73 -25.58 6.20
C ILE A 189 6.22 -25.24 6.21
N ASP A 190 6.51 -23.95 6.14
CA ASP A 190 7.88 -23.43 5.96
C ASP A 190 8.86 -23.99 6.94
N SER A 191 8.51 -23.95 8.21
CA SER A 191 9.43 -24.33 9.25
C SER A 191 9.28 -25.81 9.75
N ASP A 192 8.74 -26.67 8.88
CA ASP A 192 8.80 -28.15 9.05
C ASP A 192 10.02 -28.69 8.30
N GLN A 193 11.18 -28.56 8.93
CA GLN A 193 12.46 -28.85 8.29
C GLN A 193 13.41 -29.53 9.23
N VAL A 194 14.34 -30.24 8.60
CA VAL A 194 15.48 -30.79 9.24
C VAL A 194 16.70 -30.42 8.38
N ILE A 195 17.82 -30.08 9.01
CA ILE A 195 19.10 -29.89 8.27
C ILE A 195 19.97 -31.14 8.36
N PHE A 196 20.81 -31.35 7.34
CA PHE A 196 21.83 -32.41 7.37
C PHE A 196 23.13 -31.83 7.89
N VAL A 197 23.68 -32.45 8.94
CA VAL A 197 24.91 -31.97 9.58
C VAL A 197 26.00 -33.02 9.52
N ASN A 198 27.24 -32.57 9.71
CA ASN A 198 28.40 -33.44 9.68
C ASN A 198 28.45 -34.34 10.91
N ASN A 199 28.90 -35.57 10.71
CA ASN A 199 29.02 -36.52 11.79
C ASN A 199 30.03 -37.62 11.42
N ASN A 200 31.26 -37.41 11.84
CA ASN A 200 32.33 -38.38 11.68
C ASN A 200 32.78 -38.91 13.05
N SER A 201 31.83 -39.12 13.96
CA SER A 201 32.14 -39.55 15.32
C SER A 201 32.57 -41.02 15.38
N LYS A 202 33.38 -41.34 16.39
CA LYS A 202 33.75 -42.72 16.74
C LYS A 202 32.94 -43.24 17.95
N ASP A 203 32.05 -42.41 18.49
CA ASP A 203 31.22 -42.76 19.65
C ASP A 203 29.96 -43.52 19.17
N PRO A 204 29.80 -44.80 19.57
CA PRO A 204 28.64 -45.56 19.04
C PRO A 204 27.26 -45.00 19.42
N ARG A 205 27.18 -44.20 20.49
CA ARG A 205 25.95 -43.48 20.85
C ARG A 205 25.61 -42.34 19.88
N LYS A 206 26.63 -41.80 19.21
CA LYS A 206 26.41 -40.73 18.20
C LYS A 206 26.31 -41.25 16.77
N GLY A 207 26.93 -42.39 16.47
CA GLY A 207 26.97 -42.91 15.13
C GLY A 207 27.91 -42.12 14.23
N ASN A 208 27.79 -42.34 12.94
CA ASN A 208 28.71 -41.79 11.96
C ASN A 208 28.05 -41.87 10.59
N THR A 209 27.92 -40.71 9.94
CA THR A 209 27.38 -40.64 8.57
C THR A 209 28.33 -39.83 7.69
N SER A 210 29.63 -40.13 7.79
CA SER A 210 30.67 -39.25 7.23
C SER A 210 30.65 -39.16 5.71
N TYR A 211 30.14 -40.19 5.04
CA TYR A 211 29.84 -40.16 3.60
C TYR A 211 28.91 -38.98 3.20
N ALA A 212 28.08 -38.50 4.13
CA ALA A 212 27.18 -37.34 3.89
C ALA A 212 27.71 -35.99 4.41
N ASP A 213 28.96 -35.97 4.89
CA ASP A 213 29.59 -34.74 5.35
C ASP A 213 29.87 -33.78 4.20
N SER A 214 29.91 -32.49 4.53
CA SER A 214 30.21 -31.45 3.56
C SER A 214 31.00 -30.31 4.22
N ASN A 215 31.92 -29.74 3.46
CA ASN A 215 32.63 -28.51 3.83
C ASN A 215 31.85 -27.27 3.39
N TYR A 216 30.70 -27.43 2.75
CA TYR A 216 29.93 -26.31 2.22
C TYR A 216 28.63 -26.14 3.03
N ARG A 217 27.48 -26.40 2.44
CA ARG A 217 26.21 -26.11 3.10
C ARG A 217 26.15 -24.68 3.65
N LEU A 218 26.62 -23.70 2.87
CA LEU A 218 26.51 -22.30 3.27
C LEU A 218 25.04 -21.95 3.05
N MET A 219 24.30 -21.81 4.15
CA MET A 219 22.86 -21.59 4.04
C MET A 219 22.52 -20.10 4.16
N ASN A 220 21.44 -19.71 3.51
CA ASN A 220 20.90 -18.35 3.57
C ASN A 220 21.81 -17.31 2.92
N ARG A 221 22.63 -17.73 1.96
CA ARG A 221 23.45 -16.81 1.17
C ARG A 221 22.61 -16.30 0.01
N THR A 222 21.49 -15.72 0.39
CA THR A 222 20.35 -15.41 -0.48
C THR A 222 20.27 -13.91 -0.67
N ILE A 223 19.97 -13.51 -1.90
CA ILE A 223 19.80 -12.08 -2.27
C ILE A 223 21.03 -11.26 -1.84
N ASN A 224 20.85 -10.18 -1.07
CA ASN A 224 21.99 -9.36 -0.63
C ASN A 224 22.86 -10.01 0.45
N ASN A 225 22.48 -11.17 0.99
CA ASN A 225 23.35 -11.90 1.93
C ASN A 225 24.29 -12.92 1.27
N GLN A 226 24.49 -12.81 -0.04
CA GLN A 226 25.38 -13.71 -0.79
C GLN A 226 26.75 -13.84 -0.13
N ALA A 227 27.31 -12.72 0.34
CA ALA A 227 28.63 -12.71 0.98
C ALA A 227 28.60 -12.94 2.51
N GLY A 228 27.43 -13.25 3.08
CA GLY A 228 27.31 -13.50 4.52
C GLY A 228 27.46 -12.29 5.43
N ASN A 229 27.28 -11.08 4.91
CA ASN A 229 27.44 -9.87 5.72
C ASN A 229 26.35 -8.81 5.51
N ASN A 230 25.19 -9.22 5.02
CA ASN A 230 24.07 -8.29 4.84
C ASN A 230 22.79 -9.09 4.76
N ASN A 231 22.26 -9.41 5.93
CA ASN A 231 20.98 -10.14 6.01
C ASN A 231 19.77 -9.20 6.12
N SER A 232 19.81 -8.08 5.42
CA SER A 232 18.69 -7.13 5.48
C SER A 232 17.41 -7.71 4.85
N ASP A 233 17.54 -8.66 3.93
CA ASP A 233 16.39 -9.33 3.30
C ASP A 233 15.79 -10.46 4.15
N ASN A 234 16.65 -11.15 4.87
CA ASN A 234 16.28 -12.32 5.66
C ASN A 234 15.47 -13.32 4.84
N SER A 235 15.96 -13.63 3.63
CA SER A 235 15.27 -14.59 2.75
C SER A 235 15.73 -16.03 3.06
N PRO A 236 14.80 -16.97 3.31
CA PRO A 236 15.19 -18.29 3.84
C PRO A 236 15.77 -19.25 2.81
N GLU A 237 16.66 -20.12 3.30
CA GLU A 237 17.24 -21.18 2.47
C GLU A 237 16.20 -22.25 2.11
N LEU A 238 15.32 -22.57 3.06
CA LEU A 238 14.45 -23.75 2.94
C LEU A 238 12.99 -23.41 2.61
N LEU A 239 12.43 -24.13 1.65
CA LEU A 239 11.02 -24.06 1.29
C LEU A 239 10.33 -25.40 1.55
N VAL A 240 10.64 -26.39 0.71
CA VAL A 240 10.01 -27.73 0.78
C VAL A 240 10.85 -28.71 -0.01
N GLY A 241 10.81 -29.99 0.36
CA GLY A 241 11.52 -31.06 -0.35
C GLY A 241 12.95 -31.22 0.10
N ASN A 242 13.76 -31.88 -0.73
CA ASN A 242 15.18 -32.01 -0.47
C ASN A 242 15.86 -30.77 -1.01
N ASP A 243 16.38 -29.95 -0.10
CA ASP A 243 16.98 -28.66 -0.48
C ASP A 243 18.38 -28.88 -1.03
N ILE A 244 18.62 -28.43 -2.27
CA ILE A 244 19.92 -28.65 -2.92
C ILE A 244 20.94 -27.64 -2.40
N ASP A 245 22.15 -28.13 -2.08
CA ASP A 245 23.23 -27.25 -1.62
C ASP A 245 23.88 -26.52 -2.81
N ASN A 246 23.30 -25.37 -3.15
CA ASN A 246 23.81 -24.53 -4.24
C ASN A 246 25.07 -23.70 -3.87
N SER A 247 25.62 -23.87 -2.66
CA SER A 247 26.96 -23.37 -2.32
C SER A 247 28.07 -24.38 -2.66
N ASN A 248 27.73 -25.63 -2.94
CA ASN A 248 28.75 -26.65 -3.24
C ASN A 248 29.30 -26.42 -4.65
N PRO A 249 30.63 -26.20 -4.80
CA PRO A 249 31.19 -25.95 -6.14
C PRO A 249 30.91 -27.01 -7.20
N VAL A 250 30.77 -28.27 -6.81
CA VAL A 250 30.39 -29.36 -7.73
C VAL A 250 28.94 -29.19 -8.20
N VAL A 251 28.05 -28.84 -7.28
CA VAL A 251 26.66 -28.54 -7.63
C VAL A 251 26.60 -27.32 -8.56
N GLN A 252 27.43 -26.32 -8.29
CA GLN A 252 27.42 -25.10 -9.13
C GLN A 252 27.81 -25.43 -10.56
N ALA A 253 28.82 -26.30 -10.73
CA ALA A 253 29.18 -26.77 -12.06
C ALA A 253 28.05 -27.58 -12.71
N GLU A 254 27.38 -28.44 -11.94
CA GLU A 254 26.22 -29.20 -12.45
C GLU A 254 25.06 -28.29 -12.94
N ASN A 255 24.82 -27.17 -12.27
CA ASN A 255 23.78 -26.23 -12.73
C ASN A 255 24.12 -25.66 -14.12
N LEU A 256 25.41 -25.35 -14.33
CA LEU A 256 25.90 -24.89 -15.62
C LEU A 256 25.66 -25.94 -16.70
N ASN A 257 25.98 -27.20 -16.38
CA ASN A 257 25.66 -28.35 -17.24
C ASN A 257 24.19 -28.40 -17.62
N TRP A 258 23.34 -28.27 -16.60
CA TRP A 258 21.88 -28.32 -16.76
C TRP A 258 21.35 -27.18 -17.64
N GLU A 259 21.86 -25.98 -17.38
CA GLU A 259 21.50 -24.80 -18.18
C GLU A 259 21.91 -24.97 -19.64
N TYR A 260 23.12 -25.48 -19.86
CA TYR A 260 23.62 -25.73 -21.21
C TYR A 260 22.71 -26.74 -21.93
N PHE A 261 22.29 -27.78 -21.22
CA PHE A 261 21.38 -28.81 -21.76
C PHE A 261 20.05 -28.22 -22.21
N LEU A 262 19.43 -27.44 -21.34
CA LEU A 262 18.14 -26.83 -21.64
C LEU A 262 18.22 -25.82 -22.79
N LEU A 263 19.33 -25.08 -22.86
CA LEU A 263 19.56 -24.09 -23.91
C LEU A 263 19.87 -24.71 -25.28
N ASN A 264 20.13 -26.03 -25.30
CA ASN A 264 20.36 -26.78 -26.52
C ASN A 264 19.54 -28.10 -26.58
N TYR A 265 18.38 -28.12 -25.91
CA TYR A 265 17.62 -29.36 -25.64
C TYR A 265 17.41 -30.26 -26.88
N GLY A 266 16.75 -29.73 -27.90
CA GLY A 266 16.43 -30.54 -29.09
C GLY A 266 17.68 -31.09 -29.79
N LYS A 267 18.67 -30.22 -29.99
CA LYS A 267 19.93 -30.62 -30.64
C LYS A 267 20.59 -31.76 -29.89
N LEU A 268 20.64 -31.64 -28.56
CA LEU A 268 21.31 -32.62 -27.73
C LEU A 268 20.56 -33.95 -27.58
N MET A 269 19.24 -33.94 -27.76
CA MET A 269 18.44 -35.18 -27.71
C MET A 269 18.24 -35.84 -29.06
N GLY A 270 18.63 -35.16 -30.14
CA GLY A 270 18.30 -35.61 -31.49
C GLY A 270 16.81 -35.47 -31.81
N TYR A 271 16.15 -34.53 -31.13
CA TYR A 271 14.77 -34.19 -31.43
C TYR A 271 14.80 -32.99 -32.41
N ASN A 272 13.71 -32.23 -32.52
CA ASN A 272 13.67 -31.11 -33.44
C ASN A 272 14.91 -30.24 -33.18
N PRO A 273 15.77 -30.03 -34.21
CA PRO A 273 17.00 -29.29 -33.97
C PRO A 273 16.81 -27.80 -33.62
N ASP A 274 15.62 -27.24 -33.83
CA ASP A 274 15.31 -25.88 -33.40
C ASP A 274 14.53 -25.84 -32.05
N GLY A 275 14.42 -26.99 -31.38
CA GLY A 275 13.64 -27.11 -30.15
C GLY A 275 14.49 -26.87 -28.91
N ASN A 276 15.04 -25.66 -28.82
N ASN A 276 15.07 -25.67 -28.82
CA ASN A 276 15.97 -25.29 -27.78
CA ASN A 276 15.95 -25.30 -27.72
C ASN A 276 15.43 -24.07 -27.02
C ASN A 276 15.41 -24.08 -27.01
N PHE A 277 15.49 -24.09 -25.69
CA PHE A 277 15.08 -22.94 -24.91
C PHE A 277 16.05 -21.76 -25.14
N ASP A 278 15.52 -20.54 -25.07
CA ASP A 278 16.24 -19.30 -25.30
C ASP A 278 16.70 -18.64 -24.00
N GLY A 279 16.03 -18.95 -22.90
CA GLY A 279 16.34 -18.36 -21.62
C GLY A 279 15.56 -19.03 -20.51
N PHE A 280 15.61 -18.44 -19.31
CA PHE A 280 15.02 -19.05 -18.12
C PHE A 280 14.10 -18.15 -17.31
N ARG A 281 13.05 -18.78 -16.77
CA ARG A 281 12.33 -18.26 -15.63
C ARG A 281 12.94 -18.97 -14.43
N VAL A 282 13.54 -18.22 -13.50
CA VAL A 282 14.31 -18.82 -12.42
C VAL A 282 13.47 -19.00 -11.15
N ASP A 283 13.08 -20.25 -10.89
CA ASP A 283 12.24 -20.57 -9.74
C ASP A 283 12.99 -20.38 -8.43
N ALA A 284 12.32 -19.80 -7.44
CA ALA A 284 12.86 -19.67 -6.07
C ALA A 284 14.22 -18.96 -6.01
N ALA A 285 14.35 -17.92 -6.83
CA ALA A 285 15.62 -17.17 -6.91
C ALA A 285 16.01 -16.50 -5.60
N ASP A 286 15.07 -16.31 -4.67
CA ASP A 286 15.38 -15.79 -3.34
C ASP A 286 15.79 -16.86 -2.32
N ASN A 287 15.76 -18.14 -2.70
CA ASN A 287 15.94 -19.22 -1.74
C ASN A 287 17.11 -20.15 -2.08
N ILE A 288 18.00 -19.68 -2.95
CA ILE A 288 19.16 -20.42 -3.41
C ILE A 288 20.39 -19.49 -3.28
N ASP A 289 21.55 -20.07 -3.01
CA ASP A 289 22.81 -19.33 -3.01
C ASP A 289 22.88 -18.46 -4.27
N ALA A 290 22.98 -17.14 -4.07
CA ALA A 290 22.94 -16.20 -5.21
C ALA A 290 24.09 -16.34 -6.20
N ASP A 291 25.17 -17.05 -5.82
CA ASP A 291 26.22 -17.42 -6.77
C ASP A 291 25.65 -17.97 -8.07
N VAL A 292 24.58 -18.77 -7.97
CA VAL A 292 24.05 -19.45 -9.17
C VAL A 292 23.39 -18.48 -10.14
N LEU A 293 22.93 -17.34 -9.65
CA LEU A 293 22.42 -16.28 -10.53
C LEU A 293 23.56 -15.58 -11.28
N ASP A 294 24.67 -15.31 -10.59
CA ASP A 294 25.89 -14.81 -11.24
C ASP A 294 26.37 -15.76 -12.33
N GLN A 295 26.41 -17.04 -11.99
CA GLN A 295 26.97 -18.09 -12.88
C GLN A 295 26.10 -18.33 -14.10
N MET A 296 24.79 -18.30 -13.91
CA MET A 296 23.86 -18.38 -15.04
C MET A 296 24.09 -17.23 -16.01
N GLY A 297 24.16 -16.00 -15.48
CA GLY A 297 24.44 -14.84 -16.32
C GLY A 297 25.78 -14.94 -17.05
N GLN A 298 26.79 -15.44 -16.35
CA GLN A 298 28.13 -15.61 -16.95
C GLN A 298 28.09 -16.59 -18.13
N LEU A 299 27.40 -17.72 -17.95
CA LEU A 299 27.25 -18.72 -19.02
C LEU A 299 26.57 -18.13 -20.23
N MET A 300 25.42 -17.49 -20.00
CA MET A 300 24.65 -16.96 -21.10
C MET A 300 25.38 -15.80 -21.82
N ASN A 301 26.17 -15.03 -21.07
CA ASN A 301 27.06 -14.03 -21.70
C ASN A 301 28.22 -14.66 -22.50
N ASP A 302 28.82 -15.72 -21.96
CA ASP A 302 29.85 -16.47 -22.71
C ASP A 302 29.32 -17.05 -24.02
N MET A 303 28.12 -17.64 -23.94
CA MET A 303 27.52 -18.32 -25.09
C MET A 303 26.98 -17.35 -26.12
N TYR A 304 26.32 -16.27 -25.68
CA TYR A 304 25.55 -15.39 -26.54
C TYR A 304 25.93 -13.89 -26.56
N HIS A 305 26.87 -13.46 -25.72
CA HIS A 305 27.36 -12.07 -25.71
C HIS A 305 26.23 -11.07 -25.45
N THR A 306 25.66 -11.22 -24.27
CA THR A 306 24.47 -10.50 -23.84
C THR A 306 24.82 -9.16 -23.18
N LYS A 307 25.87 -9.14 -22.36
CA LYS A 307 26.27 -7.94 -21.65
C LYS A 307 26.74 -6.88 -22.65
N GLY A 308 26.17 -5.68 -22.57
CA GLY A 308 26.49 -4.59 -23.49
C GLY A 308 25.89 -4.66 -24.89
N ASN A 309 25.06 -5.67 -25.14
N ASN A 309 25.06 -5.66 -25.15
CA ASN A 309 24.46 -5.90 -26.46
CA ASN A 309 24.44 -5.89 -26.46
C ASN A 309 22.97 -6.22 -26.23
C ASN A 309 22.96 -6.21 -26.23
N PRO A 310 22.12 -5.16 -26.19
CA PRO A 310 20.69 -5.32 -25.88
C PRO A 310 19.94 -6.31 -26.76
N GLN A 311 20.30 -6.39 -28.05
CA GLN A 311 19.66 -7.36 -28.95
C GLN A 311 19.88 -8.80 -28.48
N ASN A 312 21.13 -9.13 -28.14
CA ASN A 312 21.46 -10.48 -27.67
C ASN A 312 20.86 -10.75 -26.29
N ALA A 313 20.96 -9.78 -25.38
CA ALA A 313 20.38 -9.93 -24.04
C ALA A 313 18.86 -10.19 -24.11
N ASN A 314 18.17 -9.37 -24.88
CA ASN A 314 16.70 -9.47 -25.00
C ASN A 314 16.22 -10.75 -25.75
N ASP A 315 16.99 -11.21 -26.74
CA ASP A 315 16.72 -12.52 -27.38
C ASP A 315 16.85 -13.69 -26.41
N HIS A 316 17.57 -13.50 -25.30
CA HIS A 316 17.72 -14.53 -24.27
C HIS A 316 17.13 -14.07 -22.93
N LEU A 317 15.93 -13.49 -23.02
CA LEU A 317 15.26 -12.93 -21.84
C LEU A 317 15.21 -13.93 -20.73
N SER A 318 15.69 -13.53 -19.56
CA SER A 318 15.61 -14.35 -18.35
C SER A 318 15.08 -13.50 -17.19
N TYR A 319 14.34 -14.14 -16.29
CA TYR A 319 13.60 -13.42 -15.25
C TYR A 319 13.44 -14.26 -14.00
N ASN A 320 13.69 -13.64 -12.84
CA ASN A 320 13.79 -14.33 -11.56
C ASN A 320 12.52 -14.22 -10.76
N GLU A 321 12.00 -15.35 -10.27
CA GLU A 321 10.82 -15.34 -9.41
C GLU A 321 11.23 -14.99 -8.01
N GLY A 322 10.60 -13.97 -7.44
CA GLY A 322 10.81 -13.64 -6.03
C GLY A 322 9.86 -12.58 -5.51
N TYR A 323 9.65 -12.62 -4.20
CA TYR A 323 8.71 -11.75 -3.49
C TYR A 323 9.45 -10.81 -2.49
N HIS A 324 10.79 -10.73 -2.61
CA HIS A 324 11.61 -9.84 -1.79
C HIS A 324 12.14 -8.67 -2.63
N SER A 325 11.69 -7.47 -2.30
CA SER A 325 12.07 -6.25 -3.01
C SER A 325 13.56 -5.94 -2.98
N GLY A 326 14.28 -6.45 -1.99
CA GLY A 326 15.75 -6.34 -1.96
C GLY A 326 16.49 -6.92 -3.16
N ALA A 327 15.87 -7.84 -3.89
CA ALA A 327 16.42 -8.36 -5.12
C ALA A 327 16.64 -7.31 -6.20
N ALA A 328 15.85 -6.23 -6.20
CA ALA A 328 16.05 -5.15 -7.17
C ALA A 328 17.43 -4.52 -7.03
N GLN A 329 17.78 -4.12 -5.80
N GLN A 329 17.77 -4.12 -5.81
CA GLN A 329 19.11 -3.58 -5.50
CA GLN A 329 19.08 -3.56 -5.50
C GLN A 329 20.22 -4.54 -5.91
C GLN A 329 20.21 -4.53 -5.90
N MET A 330 20.09 -5.79 -5.49
CA MET A 330 21.05 -6.84 -5.84
C MET A 330 21.30 -6.90 -7.34
N LEU A 331 20.22 -7.01 -8.09
CA LEU A 331 20.31 -7.11 -9.54
C LEU A 331 20.93 -5.86 -10.19
N ASN A 332 20.55 -4.67 -9.72
CA ASN A 332 21.15 -3.43 -10.22
C ASN A 332 22.67 -3.37 -10.01
N GLU A 333 23.11 -3.76 -8.81
CA GLU A 333 24.55 -3.84 -8.50
C GLU A 333 25.30 -4.82 -9.42
N LYS A 334 24.61 -5.88 -9.85
CA LYS A 334 25.17 -6.89 -10.72
C LYS A 334 25.05 -6.57 -12.22
N GLY A 335 24.50 -5.41 -12.55
CA GLY A 335 24.28 -5.10 -13.96
C GLY A 335 23.12 -5.83 -14.60
N ASN A 336 22.19 -6.32 -13.78
CA ASN A 336 20.90 -6.85 -14.22
C ASN A 336 21.01 -8.04 -15.17
N PRO A 337 21.63 -9.15 -14.72
CA PRO A 337 21.71 -10.36 -15.54
C PRO A 337 20.35 -11.07 -15.77
N GLN A 338 19.39 -10.84 -14.88
CA GLN A 338 17.99 -11.28 -15.05
C GLN A 338 17.05 -10.15 -14.64
N LEU A 339 15.78 -10.23 -15.05
CA LEU A 339 14.75 -9.29 -14.59
C LEU A 339 14.34 -9.55 -13.15
N TYR A 340 14.10 -8.47 -12.42
CA TYR A 340 13.53 -8.46 -11.07
C TYR A 340 12.01 -8.65 -11.14
N MET A 341 11.42 -9.49 -10.27
CA MET A 341 9.94 -9.64 -10.24
C MET A 341 9.30 -8.58 -9.35
N ASP A 342 8.52 -7.69 -9.95
CA ASP A 342 7.88 -6.58 -9.23
C ASP A 342 6.60 -7.05 -8.52
N SER A 343 6.78 -7.81 -7.43
CA SER A 343 5.66 -8.33 -6.66
C SER A 343 4.85 -7.21 -6.02
N GLY A 344 5.51 -6.09 -5.68
CA GLY A 344 4.86 -4.91 -5.15
C GLY A 344 3.68 -4.46 -6.00
N GLU A 345 3.86 -4.48 -7.33
CA GLU A 345 2.80 -4.09 -8.25
C GLU A 345 1.60 -5.03 -8.16
N PHE A 346 1.87 -6.33 -8.03
CA PHE A 346 0.79 -7.31 -7.85
C PHE A 346 -0.06 -7.05 -6.60
N TYR A 347 0.61 -6.85 -5.46
CA TYR A 347 -0.11 -6.57 -4.22
C TYR A 347 -0.88 -5.25 -4.30
N THR A 348 -0.29 -4.25 -4.96
CA THR A 348 -0.97 -2.97 -5.15
C THR A 348 -2.23 -3.13 -6.00
N LEU A 349 -2.10 -3.81 -7.13
CA LEU A 349 -3.26 -4.09 -7.97
C LEU A 349 -4.37 -4.78 -7.17
N GLU A 350 -4.02 -5.81 -6.39
CA GLU A 350 -5.02 -6.53 -5.58
C GLU A 350 -5.60 -5.70 -4.43
N ASN A 351 -4.75 -4.92 -3.74
CA ASN A 351 -5.22 -4.13 -2.62
C ASN A 351 -6.06 -2.94 -3.08
N VAL A 352 -5.79 -2.40 -4.28
CA VAL A 352 -6.50 -1.20 -4.79
C VAL A 352 -7.76 -1.57 -5.56
N LEU A 353 -7.64 -2.56 -6.45
CA LEU A 353 -8.71 -2.92 -7.38
C LEU A 353 -9.44 -4.23 -7.06
N GLY A 354 -8.74 -5.17 -6.44
CA GLY A 354 -9.24 -6.54 -6.32
C GLY A 354 -10.06 -6.94 -5.10
N ARG A 355 -9.97 -6.18 -4.02
CA ARG A 355 -10.74 -6.48 -2.81
C ARG A 355 -12.22 -6.14 -3.00
N ALA A 356 -13.06 -6.79 -2.20
CA ALA A 356 -14.49 -6.41 -2.08
C ALA A 356 -14.65 -5.10 -1.30
N ASN A 357 -13.98 -5.04 -0.15
CA ASN A 357 -14.05 -3.91 0.80
C ASN A 357 -12.64 -3.47 1.19
N ASN A 358 -12.53 -2.31 1.84
CA ASN A 358 -11.24 -1.81 2.36
C ASN A 358 -10.20 -1.72 1.24
N ARG A 359 -10.61 -1.18 0.10
CA ARG A 359 -9.68 -0.96 -1.02
C ARG A 359 -8.73 0.19 -0.69
N ASP A 360 -7.45 0.01 -0.97
CA ASP A 360 -6.48 1.09 -0.87
C ASP A 360 -6.78 2.13 -1.94
N ASN A 361 -6.27 3.34 -1.74
CA ASN A 361 -6.56 4.44 -2.64
C ASN A 361 -6.01 4.20 -4.05
N ILE A 362 -6.77 4.66 -5.05
CA ILE A 362 -6.39 4.57 -6.46
C ILE A 362 -4.96 5.08 -6.74
N GLY A 363 -4.54 6.11 -6.02
CA GLY A 363 -3.20 6.68 -6.17
C GLY A 363 -2.02 5.74 -5.88
N ASN A 364 -2.26 4.68 -5.13
CA ASN A 364 -1.25 3.66 -4.90
C ASN A 364 -0.73 3.01 -6.20
N LEU A 365 -1.54 2.96 -7.24
CA LEU A 365 -1.08 2.47 -8.56
C LEU A 365 0.06 3.30 -9.16
N ILE A 366 0.17 4.56 -8.75
CA ILE A 366 1.18 5.46 -9.22
C ILE A 366 2.51 5.21 -8.52
N THR A 367 2.45 5.03 -7.20
CA THR A 367 3.64 5.04 -6.35
C THR A 367 4.13 3.68 -5.83
N ASN A 368 3.22 2.69 -5.68
CA ASN A 368 3.54 1.48 -4.91
C ASN A 368 3.92 0.31 -5.84
N SER A 369 5.08 0.51 -6.46
CA SER A 369 5.70 -0.41 -7.40
C SER A 369 7.19 -0.13 -7.35
N ILE A 370 8.01 -1.04 -7.88
CA ILE A 370 9.45 -0.76 -8.06
C ILE A 370 9.70 0.46 -8.98
N VAL A 371 8.72 0.81 -9.83
CA VAL A 371 8.76 2.05 -10.64
C VAL A 371 7.63 3.04 -10.26
N ASN A 372 8.01 4.28 -9.95
CA ASN A 372 7.06 5.38 -9.77
C ASN A 372 6.65 5.86 -11.15
N ARG A 373 5.34 5.89 -11.42
CA ARG A 373 4.86 6.20 -12.77
C ARG A 373 4.04 7.51 -12.83
N GLN A 374 4.28 8.41 -11.88
CA GLN A 374 3.63 9.73 -11.91
C GLN A 374 3.93 10.43 -13.23
N ASN A 375 5.20 10.49 -13.59
CA ASN A 375 5.62 11.13 -14.82
C ASN A 375 6.97 10.51 -15.24
N ASP A 376 6.85 9.33 -15.85
CA ASP A 376 8.01 8.49 -16.19
C ASP A 376 8.38 8.81 -17.64
N THR A 377 9.41 9.64 -17.81
CA THR A 377 9.77 10.21 -19.11
C THR A 377 11.25 10.04 -19.49
N THR A 378 11.91 9.07 -18.87
CA THR A 378 13.30 8.74 -19.12
C THR A 378 13.40 7.25 -19.43
N GLU A 379 14.56 6.82 -19.91
CA GLU A 379 14.84 5.40 -20.18
C GLU A 379 16.17 4.98 -19.58
N ASN A 380 16.35 3.67 -19.42
CA ASN A 380 17.52 3.08 -18.80
C ASN A 380 17.78 3.48 -17.35
N GLU A 381 16.73 3.91 -16.65
CA GLU A 381 16.82 4.32 -15.24
C GLU A 381 16.11 3.36 -14.30
N ALA A 382 14.98 2.82 -14.72
CA ALA A 382 14.19 1.94 -13.87
C ALA A 382 14.88 0.59 -13.74
N THR A 383 14.59 -0.11 -12.65
CA THR A 383 15.06 -1.49 -12.49
C THR A 383 14.34 -2.40 -13.50
N PRO A 384 15.11 -3.06 -14.42
CA PRO A 384 14.50 -4.01 -15.37
C PRO A 384 13.69 -5.06 -14.65
N ASN A 385 12.41 -5.15 -14.96
CA ASN A 385 11.49 -5.95 -14.15
C ASN A 385 10.38 -6.58 -14.97
N TRP A 386 9.80 -7.64 -14.39
CA TRP A 386 8.59 -8.27 -14.91
C TRP A 386 7.47 -8.19 -13.86
N SER A 387 6.25 -8.03 -14.32
CA SER A 387 5.12 -7.77 -13.43
C SER A 387 3.95 -8.64 -13.87
N PHE A 388 2.97 -8.80 -13.00
CA PHE A 388 1.84 -9.67 -13.28
C PHE A 388 0.60 -9.28 -12.49
N VAL A 389 -0.55 -9.67 -13.04
CA VAL A 389 -1.86 -9.66 -12.37
C VAL A 389 -2.11 -10.99 -11.64
N THR A 390 -1.72 -12.10 -12.27
CA THR A 390 -1.87 -13.42 -11.66
C THR A 390 -0.69 -14.31 -12.02
N ASN A 391 -0.33 -15.24 -11.14
CA ASN A 391 0.50 -16.38 -11.52
C ASN A 391 -0.07 -17.65 -10.87
N HIS A 392 0.55 -18.79 -11.20
CA HIS A 392 0.04 -20.11 -10.73
C HIS A 392 -0.03 -20.22 -9.20
N ASP A 393 0.93 -19.62 -8.51
CA ASP A 393 0.95 -19.63 -7.03
C ASP A 393 -0.16 -18.78 -6.41
N GLN A 394 -0.49 -17.65 -7.05
CA GLN A 394 -1.54 -16.78 -6.51
C GLN A 394 -2.94 -17.40 -6.66
N ARG A 395 -3.19 -18.06 -7.78
CA ARG A 395 -4.42 -18.84 -7.94
C ARG A 395 -4.49 -19.98 -6.90
N LYS A 396 -3.35 -20.66 -6.67
CA LYS A 396 -3.24 -21.70 -5.64
C LYS A 396 -3.56 -21.19 -4.23
N ASN A 397 -3.01 -20.02 -3.88
CA ASN A 397 -3.33 -19.39 -2.57
C ASN A 397 -4.83 -19.21 -2.36
N LEU A 398 -5.51 -18.71 -3.39
CA LEU A 398 -6.95 -18.46 -3.35
C LEU A 398 -7.75 -19.76 -3.17
N ILE A 399 -7.37 -20.78 -3.93
CA ILE A 399 -8.06 -22.08 -3.87
C ILE A 399 -7.82 -22.76 -2.51
N ASN A 400 -6.59 -22.72 -2.00
CA ASN A 400 -6.31 -23.27 -0.67
C ASN A 400 -7.03 -22.52 0.45
N ARG A 401 -7.14 -21.19 0.33
CA ARG A 401 -7.95 -20.39 1.28
C ARG A 401 -9.37 -20.95 1.32
N LEU A 402 -9.94 -21.17 0.14
CA LEU A 402 -11.30 -21.72 0.01
C LEU A 402 -11.40 -23.14 0.57
N ILE A 403 -10.39 -23.99 0.34
CA ILE A 403 -10.36 -25.34 0.93
C ILE A 403 -10.36 -25.27 2.47
N ILE A 404 -9.49 -24.42 3.01
CA ILE A 404 -9.37 -24.27 4.46
C ILE A 404 -10.68 -23.77 5.06
N LYS A 405 -11.31 -22.79 4.41
CA LYS A 405 -12.61 -22.28 4.85
C LYS A 405 -13.71 -23.35 4.79
N ASP A 406 -13.76 -24.08 3.69
CA ASP A 406 -14.76 -25.14 3.49
C ASP A 406 -14.62 -26.32 4.46
N HIS A 407 -13.42 -26.55 4.99
CA HIS A 407 -13.14 -27.74 5.80
C HIS A 407 -12.30 -27.43 7.03
N SER A 408 -12.80 -26.50 7.84
CA SER A 408 -12.21 -26.23 9.18
C SER A 408 -12.24 -27.42 10.15
N ASN A 409 -11.60 -27.24 11.30
CA ASN A 409 -11.26 -28.30 12.26
C ASN A 409 -10.49 -29.45 11.65
N ILE A 410 -9.81 -29.23 10.52
CA ILE A 410 -8.86 -30.17 9.98
C ILE A 410 -7.54 -29.34 9.93
N PRO A 411 -6.67 -29.48 10.97
CA PRO A 411 -5.40 -28.73 11.07
C PRO A 411 -4.31 -29.20 10.09
N ASP A 412 -4.37 -30.48 9.74
CA ASP A 412 -3.46 -31.07 8.73
C ASP A 412 -4.08 -31.14 7.32
N ILE A 413 -5.12 -30.33 7.09
CA ILE A 413 -5.76 -30.20 5.78
C ILE A 413 -4.83 -29.82 4.61
N MET A 414 -3.77 -29.06 4.89
CA MET A 414 -2.77 -28.71 3.86
C MET A 414 -1.59 -29.67 3.83
N GLY A 415 -1.56 -30.64 4.76
CA GLY A 415 -0.57 -31.72 4.77
C GLY A 415 -1.24 -33.04 4.40
N SER A 416 -1.04 -34.05 5.24
CA SER A 416 -1.45 -35.43 4.92
C SER A 416 -2.97 -35.67 4.84
N ALA A 417 -3.78 -34.76 5.37
CA ALA A 417 -5.25 -34.87 5.28
C ALA A 417 -5.85 -34.13 4.07
N TYR A 418 -4.99 -33.56 3.21
CA TYR A 418 -5.44 -32.96 1.95
C TYR A 418 -6.10 -34.03 1.09
N LYS A 419 -7.23 -33.68 0.48
CA LYS A 419 -7.90 -34.54 -0.49
C LYS A 419 -8.22 -33.75 -1.75
N VAL A 420 -7.95 -34.35 -2.92
CA VAL A 420 -8.30 -33.74 -4.22
C VAL A 420 -9.78 -33.33 -4.29
N GLU A 421 -10.67 -34.08 -3.62
CA GLU A 421 -12.10 -33.79 -3.64
CA GLU A 421 -12.10 -33.78 -3.63
C GLU A 421 -12.39 -32.37 -3.10
N TYR A 422 -11.59 -31.90 -2.14
CA TYR A 422 -11.75 -30.53 -1.61
C TYR A 422 -11.40 -29.47 -2.69
N ALA A 423 -10.33 -29.71 -3.45
CA ALA A 423 -9.95 -28.83 -4.55
C ALA A 423 -11.04 -28.76 -5.62
N ASN A 424 -11.63 -29.92 -5.94
CA ASN A 424 -12.71 -29.98 -6.94
C ASN A 424 -13.91 -29.14 -6.50
N GLN A 425 -14.25 -29.24 -5.20
CA GLN A 425 -15.32 -28.46 -4.61
C GLN A 425 -14.95 -26.97 -4.67
N ALA A 426 -13.71 -26.65 -4.26
CA ALA A 426 -13.23 -25.26 -4.31
C ALA A 426 -13.32 -24.68 -5.73
N TRP A 427 -12.95 -25.45 -6.75
CA TRP A 427 -13.05 -24.98 -8.15
C TRP A 427 -14.47 -24.74 -8.64
N GLN A 428 -15.39 -25.63 -8.28
CA GLN A 428 -16.81 -25.39 -8.59
C GLN A 428 -17.24 -24.07 -7.95
N GLU A 429 -16.88 -23.86 -6.68
CA GLU A 429 -17.21 -22.62 -5.95
C GLU A 429 -16.56 -21.40 -6.60
N PHE A 430 -15.28 -21.54 -6.97
CA PHE A 430 -14.56 -20.47 -7.64
C PHE A 430 -15.19 -20.04 -8.97
N TYR A 431 -15.46 -20.98 -9.88
CA TYR A 431 -16.00 -20.62 -11.20
C TYR A 431 -17.34 -19.91 -11.09
N ALA A 432 -18.20 -20.37 -10.18
CA ALA A 432 -19.49 -19.72 -9.93
C ALA A 432 -19.26 -18.32 -9.36
N ASP A 433 -18.34 -18.19 -8.41
CA ASP A 433 -18.04 -16.90 -7.79
C ASP A 433 -17.43 -15.90 -8.78
N GLN A 434 -16.53 -16.37 -9.64
CA GLN A 434 -15.88 -15.50 -10.64
C GLN A 434 -16.89 -14.77 -11.54
N GLU A 435 -18.03 -15.42 -11.82
CA GLU A 435 -19.08 -14.83 -12.68
C GLU A 435 -19.97 -13.78 -12.01
N LYS A 436 -19.94 -13.73 -10.66
CA LYS A 436 -20.80 -12.83 -9.90
C LYS A 436 -20.31 -11.38 -9.92
N THR A 437 -21.26 -10.47 -9.71
CA THR A 437 -20.94 -9.06 -9.40
C THR A 437 -20.32 -8.99 -8.00
N ASN A 438 -21.02 -9.53 -7.00
CA ASN A 438 -20.56 -9.53 -5.60
C ASN A 438 -19.76 -10.75 -5.26
N LYS A 439 -18.51 -10.74 -5.70
CA LYS A 439 -17.62 -11.87 -5.53
C LYS A 439 -17.21 -12.02 -4.07
N GLN A 440 -17.24 -13.24 -3.57
CA GLN A 440 -16.83 -13.55 -2.20
C GLN A 440 -15.36 -13.97 -2.10
N TYR A 441 -14.83 -14.55 -3.18
CA TYR A 441 -13.49 -15.15 -3.19
C TYR A 441 -12.60 -14.64 -4.30
N ALA A 442 -13.13 -14.54 -5.51
CA ALA A 442 -12.37 -14.14 -6.69
C ALA A 442 -12.10 -12.64 -6.73
N GLN A 443 -11.07 -12.28 -7.49
CA GLN A 443 -10.65 -10.88 -7.62
C GLN A 443 -11.69 -10.03 -8.31
N TYR A 444 -11.91 -8.82 -7.79
CA TYR A 444 -12.66 -7.78 -8.48
C TYR A 444 -11.77 -7.10 -9.54
N ASN A 445 -12.42 -6.50 -10.53
CA ASN A 445 -11.75 -5.63 -11.51
C ASN A 445 -10.58 -6.28 -12.26
N VAL A 446 -10.73 -7.52 -12.69
CA VAL A 446 -9.65 -8.20 -13.41
C VAL A 446 -9.28 -7.47 -14.71
N PRO A 447 -10.28 -7.06 -15.51
CA PRO A 447 -9.96 -6.30 -16.72
C PRO A 447 -9.16 -5.01 -16.48
N ALA A 448 -9.54 -4.25 -15.45
CA ALA A 448 -8.79 -3.03 -15.11
C ALA A 448 -7.37 -3.33 -14.60
N GLN A 449 -7.20 -4.40 -13.82
CA GLN A 449 -5.87 -4.79 -13.37
C GLN A 449 -4.99 -5.02 -14.60
N TYR A 450 -5.51 -5.75 -15.59
CA TYR A 450 -4.76 -5.96 -16.84
C TYR A 450 -4.55 -4.69 -17.68
N ALA A 451 -5.54 -3.80 -17.68
CA ALA A 451 -5.40 -2.54 -18.43
C ALA A 451 -4.25 -1.70 -17.90
N ILE A 452 -4.07 -1.69 -16.57
CA ILE A 452 -2.93 -1.04 -15.94
C ILE A 452 -1.64 -1.78 -16.27
N LEU A 453 -1.62 -3.10 -16.02
CA LEU A 453 -0.44 -3.91 -16.28
C LEU A 453 0.08 -3.76 -17.72
N LEU A 454 -0.82 -3.80 -18.69
CA LEU A 454 -0.44 -3.81 -20.10
C LEU A 454 -0.12 -2.44 -20.70
N SER A 455 -0.47 -1.37 -19.99
CA SER A 455 -0.14 0.00 -20.42
C SER A 455 1.06 0.57 -19.66
N ASN A 456 1.49 -0.07 -18.58
CA ASN A 456 2.62 0.43 -17.77
C ASN A 456 3.95 0.46 -18.54
N LYS A 457 4.70 1.55 -18.37
CA LYS A 457 6.06 1.69 -18.91
C LYS A 457 7.05 1.02 -17.94
N ASP A 458 8.26 0.74 -18.44
CA ASP A 458 9.31 0.19 -17.61
C ASP A 458 8.91 -1.11 -16.91
N THR A 459 8.42 -2.03 -17.72
CA THR A 459 8.17 -3.40 -17.29
C THR A 459 7.98 -4.36 -18.45
N VAL A 460 8.26 -5.65 -18.22
CA VAL A 460 7.80 -6.71 -19.11
C VAL A 460 6.59 -7.35 -18.42
N PRO A 461 5.37 -7.07 -18.89
CA PRO A 461 4.20 -7.67 -18.28
C PRO A 461 4.08 -9.16 -18.61
N GLN A 462 3.54 -9.92 -17.64
CA GLN A 462 3.32 -11.34 -17.77
C GLN A 462 1.83 -11.64 -17.62
N VAL A 463 1.24 -12.23 -18.67
CA VAL A 463 -0.17 -12.65 -18.69
C VAL A 463 -0.26 -14.12 -18.19
N TYR A 464 -1.36 -14.45 -17.50
CA TYR A 464 -1.56 -15.80 -16.91
C TYR A 464 -2.53 -16.64 -17.74
N TYR A 465 -2.11 -17.86 -18.09
CA TYR A 465 -2.95 -18.85 -18.78
C TYR A 465 -4.38 -18.93 -18.23
N GLY A 466 -4.50 -19.04 -16.91
CA GLY A 466 -5.81 -19.14 -16.25
C GLY A 466 -6.72 -17.92 -16.26
N ASP A 467 -6.21 -16.77 -16.73
CA ASP A 467 -7.05 -15.58 -16.93
C ASP A 467 -7.60 -15.53 -18.35
N LEU A 468 -7.01 -16.30 -19.28
CA LEU A 468 -7.56 -16.46 -20.64
C LEU A 468 -8.42 -17.71 -20.81
N TYR A 469 -8.15 -18.77 -20.04
CA TYR A 469 -8.85 -20.06 -20.20
C TYR A 469 -9.26 -20.60 -18.83
N ASN A 470 -10.35 -21.36 -18.81
CA ASN A 470 -10.76 -22.10 -17.61
C ASN A 470 -9.74 -23.19 -17.37
N GLU A 471 -8.93 -23.00 -16.32
CA GLU A 471 -7.65 -23.70 -16.20
C GLU A 471 -7.74 -25.15 -15.73
N THR A 472 -8.90 -25.58 -15.21
CA THR A 472 -9.11 -27.01 -14.86
C THR A 472 -9.69 -27.84 -16.00
N ALA A 473 -10.15 -27.21 -17.10
CA ALA A 473 -10.61 -27.98 -18.25
C ALA A 473 -9.40 -28.46 -19.05
N GLN A 474 -9.65 -29.26 -20.08
CA GLN A 474 -8.58 -29.66 -21.00
C GLN A 474 -7.95 -28.42 -21.65
N TYR A 475 -6.67 -28.54 -22.02
CA TYR A 475 -5.86 -27.36 -22.31
C TYR A 475 -6.41 -26.50 -23.44
N MET A 476 -6.70 -25.24 -23.12
CA MET A 476 -7.27 -24.27 -24.06
C MET A 476 -8.67 -24.63 -24.64
N GLN A 477 -9.38 -25.61 -24.06
CA GLN A 477 -10.73 -25.97 -24.55
C GLN A 477 -11.84 -24.96 -24.19
N GLU A 478 -11.69 -24.24 -23.07
CA GLU A 478 -12.72 -23.29 -22.59
C GLU A 478 -12.10 -21.93 -22.32
N LYS A 479 -12.57 -20.90 -23.01
CA LYS A 479 -12.16 -19.54 -22.71
C LYS A 479 -12.74 -19.07 -21.37
N SER A 480 -11.96 -18.27 -20.66
CA SER A 480 -12.40 -17.63 -19.42
C SER A 480 -13.38 -16.51 -19.76
N ILE A 481 -14.21 -16.15 -18.79
CA ILE A 481 -15.01 -14.92 -18.90
C ILE A 481 -14.18 -13.68 -19.27
N TYR A 482 -12.91 -13.64 -18.85
CA TYR A 482 -12.06 -12.47 -19.11
C TYR A 482 -11.27 -12.51 -20.42
N TYR A 483 -11.45 -13.55 -21.24
CA TYR A 483 -10.68 -13.68 -22.50
C TYR A 483 -10.82 -12.46 -23.42
N ASP A 484 -12.05 -11.99 -23.64
CA ASP A 484 -12.27 -10.92 -24.61
C ASP A 484 -11.59 -9.62 -24.17
N ALA A 485 -11.74 -9.27 -22.89
CA ALA A 485 -11.15 -8.06 -22.35
C ALA A 485 -9.64 -8.09 -22.41
N ILE A 486 -9.06 -9.19 -21.93
CA ILE A 486 -7.59 -9.27 -21.82
C ILE A 486 -6.94 -9.30 -23.20
N THR A 487 -7.50 -10.09 -24.14
CA THR A 487 -6.94 -10.17 -25.51
C THR A 487 -7.10 -8.87 -26.29
N THR A 488 -8.21 -8.17 -26.09
CA THR A 488 -8.36 -6.83 -26.66
C THR A 488 -7.21 -5.90 -26.19
N LEU A 489 -6.90 -5.95 -24.89
CA LEU A 489 -5.81 -5.14 -24.36
C LEU A 489 -4.44 -5.60 -24.89
N MET A 490 -4.27 -6.92 -25.04
CA MET A 490 -2.99 -7.48 -25.52
C MET A 490 -2.69 -7.03 -26.96
N ARG A 491 -3.67 -7.12 -27.85
CA ARG A 491 -3.51 -6.70 -29.24
C ARG A 491 -3.28 -5.19 -29.33
N ALA A 492 -4.07 -4.41 -28.56
CA ALA A 492 -3.90 -2.95 -28.54
C ALA A 492 -2.51 -2.53 -28.03
N ARG A 493 -1.97 -3.26 -27.07
CA ARG A 493 -0.64 -2.96 -26.55
C ARG A 493 0.40 -2.95 -27.68
N LYS A 494 0.40 -4.01 -28.50
CA LYS A 494 1.35 -4.13 -29.58
C LYS A 494 1.22 -2.98 -30.58
N GLN A 495 -0.01 -2.55 -30.83
CA GLN A 495 -0.27 -1.47 -31.78
C GLN A 495 0.04 -0.07 -31.27
N PHE A 496 -0.15 0.16 -29.96
CA PHE A 496 -0.24 1.53 -29.45
C PHE A 496 0.66 1.93 -28.29
N VAL A 497 1.08 0.98 -27.45
CA VAL A 497 1.70 1.31 -26.18
C VAL A 497 3.21 1.55 -26.34
N SER A 498 3.59 2.83 -26.22
CA SER A 498 4.99 3.27 -26.28
C SER A 498 5.06 4.73 -25.79
N GLY A 499 6.28 5.21 -25.54
CA GLY A 499 6.51 6.59 -25.11
C GLY A 499 6.45 6.78 -23.61
N GLY A 500 6.54 8.05 -23.20
CA GLY A 500 6.45 8.43 -21.80
C GLY A 500 5.12 8.05 -21.19
N GLN A 501 5.09 8.02 -19.86
CA GLN A 501 3.87 7.69 -19.12
C GLN A 501 3.63 8.73 -18.04
N THR A 502 2.37 9.13 -17.90
CA THR A 502 1.91 9.99 -16.82
C THR A 502 0.65 9.38 -16.23
N MET A 503 0.64 9.21 -14.91
CA MET A 503 -0.53 8.74 -14.18
C MET A 503 -0.99 9.86 -13.27
N THR A 504 -2.26 10.21 -13.39
CA THR A 504 -2.82 11.41 -12.75
C THR A 504 -4.19 11.10 -12.13
N LYS A 505 -4.39 11.43 -10.85
CA LYS A 505 -5.71 11.29 -10.22
C LYS A 505 -6.65 12.37 -10.74
N LEU A 506 -7.83 11.94 -11.22
CA LEU A 506 -8.87 12.84 -11.71
C LEU A 506 -9.86 13.22 -10.62
N ASN A 507 -10.06 12.31 -9.67
CA ASN A 507 -10.76 12.62 -8.42
C ASN A 507 -10.17 11.67 -7.40
N ASN A 508 -10.72 11.58 -6.19
CA ASN A 508 -10.05 10.80 -5.14
C ASN A 508 -9.98 9.29 -5.42
N ASN A 509 -10.85 8.78 -6.30
CA ASN A 509 -10.91 7.35 -6.59
C ASN A 509 -10.79 6.98 -8.07
N LEU A 510 -10.30 7.89 -8.91
CA LEU A 510 -10.21 7.65 -10.35
C LEU A 510 -8.91 8.23 -10.88
N LEU A 511 -8.19 7.46 -11.71
CA LEU A 511 -7.02 7.99 -12.38
C LEU A 511 -7.00 7.73 -13.88
N ALA A 512 -6.16 8.52 -14.57
CA ALA A 512 -5.85 8.37 -15.99
C ALA A 512 -4.38 8.02 -16.12
N SER A 513 -4.11 6.89 -16.79
CA SER A 513 -2.75 6.46 -17.12
C SER A 513 -2.59 6.61 -18.63
N VAL A 514 -1.69 7.50 -19.03
CA VAL A 514 -1.54 7.90 -20.42
C VAL A 514 -0.16 7.53 -20.91
N ARG A 515 -0.09 6.90 -22.08
CA ARG A 515 1.17 6.73 -22.82
C ARG A 515 1.18 7.66 -24.03
N TYR A 516 2.30 8.36 -24.24
CA TYR A 516 2.31 9.46 -25.23
C TYR A 516 2.60 9.00 -26.66
N GLY A 517 3.08 7.76 -26.85
CA GLY A 517 3.31 7.20 -28.18
C GLY A 517 4.78 6.99 -28.50
N LYS A 518 5.04 6.19 -29.52
CA LYS A 518 6.41 5.86 -29.92
C LYS A 518 7.15 7.14 -30.32
N GLY A 519 8.33 7.37 -29.74
CA GLY A 519 9.10 8.59 -29.99
C GLY A 519 8.52 9.87 -29.38
N VAL A 520 7.61 9.74 -28.42
CA VAL A 520 7.01 10.89 -27.71
C VAL A 520 7.42 10.77 -26.27
N VAL A 521 8.41 11.56 -25.89
CA VAL A 521 9.04 11.44 -24.57
C VAL A 521 8.13 11.87 -23.42
N ASP A 522 7.39 12.96 -23.60
CA ASP A 522 6.49 13.46 -22.54
C ASP A 522 5.31 14.27 -23.10
N ALA A 523 4.51 14.88 -22.21
CA ALA A 523 3.31 15.60 -22.60
C ALA A 523 3.55 16.84 -23.49
N ASN A 524 4.78 17.35 -23.50
CA ASN A 524 5.13 18.53 -24.27
C ASN A 524 5.85 18.24 -25.60
N SER A 525 6.15 16.97 -25.89
CA SER A 525 6.88 16.58 -27.11
C SER A 525 5.97 16.55 -28.32
N ASN A 526 6.52 16.89 -29.49
CA ASN A 526 5.79 16.76 -30.77
C ASN A 526 5.85 15.36 -31.38
N GLY A 527 6.88 14.58 -31.01
CA GLY A 527 7.07 13.25 -31.56
C GLY A 527 8.18 13.22 -32.60
N THR A 528 9.07 12.22 -32.52
CA THR A 528 10.23 12.09 -33.42
C THR A 528 10.17 10.88 -34.35
N ASP A 529 9.05 10.14 -34.35
CA ASP A 529 8.93 8.87 -35.06
C ASP A 529 7.75 8.97 -36.01
N LYS A 530 7.80 8.26 -37.13
CA LYS A 530 6.67 8.23 -38.07
C LYS A 530 5.37 7.64 -37.44
N LEU A 531 5.49 6.89 -36.35
CA LEU A 531 4.33 6.37 -35.61
C LEU A 531 3.94 7.21 -34.40
N SER A 532 4.62 8.34 -34.16
CA SER A 532 4.35 9.16 -32.98
C SER A 532 2.89 9.62 -32.94
N ARG A 533 2.45 10.24 -34.03
CA ARG A 533 1.07 10.78 -34.11
C ARG A 533 -0.02 9.74 -33.81
N THR A 534 0.14 8.54 -34.35
CA THR A 534 -0.94 7.53 -34.33
C THR A 534 -0.75 6.46 -33.24
N SER A 535 0.12 6.71 -32.27
CA SER A 535 0.30 5.78 -31.14
C SER A 535 0.09 6.50 -29.80
N GLY A 536 0.18 5.75 -28.71
CA GLY A 536 -0.22 6.22 -27.38
C GLY A 536 -1.58 5.65 -26.97
N MET A 537 -1.95 5.87 -25.72
CA MET A 537 -3.16 5.27 -25.12
C MET A 537 -3.53 6.03 -23.86
N ALA A 538 -4.83 6.08 -23.57
CA ALA A 538 -5.35 6.52 -22.27
C ALA A 538 -6.12 5.38 -21.64
N VAL A 539 -5.76 5.06 -20.40
CA VAL A 539 -6.46 4.07 -19.59
C VAL A 539 -7.07 4.78 -18.36
N LEU A 540 -8.38 4.67 -18.22
CA LEU A 540 -9.13 5.30 -17.12
C LEU A 540 -9.61 4.20 -16.19
N VAL A 541 -9.19 4.26 -14.93
CA VAL A 541 -9.55 3.27 -13.95
C VAL A 541 -10.01 3.91 -12.65
N GLY A 542 -11.22 3.52 -12.19
CA GLY A 542 -11.76 3.93 -10.88
C GLY A 542 -12.13 2.72 -10.04
N ASN A 543 -12.01 2.84 -8.71
CA ASN A 543 -12.28 1.72 -7.80
C ASN A 543 -13.42 2.00 -6.81
N ASP A 544 -14.27 2.98 -7.12
CA ASP A 544 -15.46 3.30 -6.29
C ASP A 544 -16.70 3.05 -7.14
N SER A 545 -17.42 1.98 -6.81
CA SER A 545 -18.59 1.54 -7.56
C SER A 545 -19.80 2.48 -7.43
N ASN A 546 -19.75 3.42 -6.48
CA ASN A 546 -20.77 4.44 -6.30
C ASN A 546 -20.37 5.84 -6.81
N MET A 547 -19.24 5.93 -7.51
CA MET A 547 -18.73 7.21 -8.01
C MET A 547 -19.80 7.96 -8.79
N ALA A 548 -20.00 9.23 -8.45
CA ALA A 548 -21.00 10.06 -9.12
C ALA A 548 -20.59 10.30 -10.57
N GLN A 549 -21.58 10.40 -11.45
CA GLN A 549 -21.32 10.69 -12.86
C GLN A 549 -20.74 12.09 -12.99
N GLN A 550 -19.76 12.22 -13.88
CA GLN A 550 -19.04 13.47 -14.12
C GLN A 550 -18.26 13.44 -15.41
N SER A 551 -17.84 14.63 -15.84
CA SER A 551 -16.93 14.79 -16.96
C SER A 551 -15.49 14.90 -16.44
N VAL A 552 -14.53 14.37 -17.20
CA VAL A 552 -13.10 14.46 -16.86
C VAL A 552 -12.30 14.86 -18.08
N ALA A 553 -11.14 15.49 -17.85
CA ALA A 553 -10.27 15.98 -18.91
C ALA A 553 -8.94 15.20 -18.87
N ILE A 554 -8.66 14.45 -19.94
CA ILE A 554 -7.44 13.62 -20.03
C ILE A 554 -6.42 14.32 -20.92
N ASN A 555 -5.19 14.47 -20.45
CA ASN A 555 -4.15 15.07 -21.26
C ASN A 555 -3.43 14.01 -22.10
N MET A 556 -3.77 13.96 -23.39
CA MET A 556 -3.12 13.03 -24.34
C MET A 556 -1.74 13.50 -24.79
N GLY A 557 -1.45 14.79 -24.60
CA GLY A 557 -0.17 15.39 -24.97
C GLY A 557 -0.22 16.26 -26.20
N ARG A 558 0.79 17.13 -26.33
CA ARG A 558 0.91 18.08 -27.44
C ARG A 558 1.05 17.41 -28.80
N ALA A 559 1.53 16.17 -28.83
CA ALA A 559 1.60 15.40 -30.07
C ALA A 559 0.23 14.98 -30.59
N HIS A 560 -0.82 15.15 -29.79
CA HIS A 560 -2.14 14.61 -30.10
C HIS A 560 -3.29 15.62 -30.04
N ALA A 561 -3.04 16.82 -30.55
CA ALA A 561 -4.09 17.86 -30.66
C ALA A 561 -4.94 17.60 -31.88
N ASN A 562 -6.23 17.94 -31.78
CA ASN A 562 -7.17 17.83 -32.91
C ASN A 562 -7.13 16.42 -33.51
N GLN A 563 -7.24 15.42 -32.64
CA GLN A 563 -7.08 14.03 -33.04
C GLN A 563 -8.22 13.14 -32.60
N GLN A 564 -8.62 12.24 -33.50
CA GLN A 564 -9.70 11.28 -33.25
C GLN A 564 -9.20 10.07 -32.48
N TYR A 565 -9.93 9.71 -31.42
CA TYR A 565 -9.64 8.53 -30.60
C TYR A 565 -10.81 7.56 -30.63
N ARG A 566 -10.50 6.28 -30.70
CA ARG A 566 -11.49 5.23 -30.70
C ARG A 566 -11.74 4.73 -29.27
N ASN A 567 -13.00 4.48 -28.98
CA ASN A 567 -13.44 3.94 -27.70
C ASN A 567 -13.18 2.43 -27.70
N LEU A 568 -11.97 2.04 -27.31
CA LEU A 568 -11.58 0.63 -27.34
C LEU A 568 -12.37 -0.23 -26.34
N ILE A 569 -12.43 0.22 -25.10
CA ILE A 569 -13.22 -0.43 -24.05
C ILE A 569 -13.92 0.66 -23.25
N ASP A 570 -15.21 0.45 -22.96
CA ASP A 570 -15.99 1.31 -22.06
C ASP A 570 -16.84 0.42 -21.17
N THR A 571 -17.30 0.96 -20.04
CA THR A 571 -18.09 0.21 -19.06
C THR A 571 -19.59 0.44 -19.29
N THR A 572 -20.38 -0.64 -19.14
CA THR A 572 -21.87 -0.59 -19.19
C THR A 572 -22.43 -1.13 -17.88
N GLU A 573 -23.74 -1.01 -17.67
CA GLU A 573 -24.35 -1.50 -16.43
C GLU A 573 -24.11 -3.00 -16.21
N ASN A 574 -24.10 -3.79 -17.29
CA ASN A 574 -23.90 -5.24 -17.21
C ASN A 574 -22.47 -5.74 -17.41
N GLY A 575 -21.61 -4.96 -18.09
CA GLY A 575 -20.22 -5.40 -18.30
C GLY A 575 -19.38 -4.39 -19.04
N LEU A 576 -18.76 -4.83 -20.13
CA LEU A 576 -17.89 -3.99 -20.97
C LEU A 576 -18.45 -3.97 -22.39
N THR A 577 -18.16 -2.93 -23.14
CA THR A 577 -18.47 -2.86 -24.58
C THR A 577 -17.22 -2.48 -25.38
N TYR A 578 -17.13 -3.03 -26.60
CA TYR A 578 -15.99 -2.84 -27.51
C TYR A 578 -16.37 -2.03 -28.75
N ASP A 579 -17.64 -1.61 -28.84
CA ASP A 579 -18.12 -0.74 -29.91
C ASP A 579 -19.02 0.38 -29.38
N ALA A 580 -18.74 0.84 -28.15
CA ALA A 580 -19.50 1.93 -27.52
C ALA A 580 -21.02 1.69 -27.53
N ASP A 581 -21.41 0.46 -27.21
CA ASP A 581 -22.83 0.09 -27.16
C ASP A 581 -23.34 0.20 -25.72
N ASN A 582 -24.22 1.16 -25.49
CA ASN A 582 -24.87 1.40 -24.19
C ASN A 582 -23.87 1.87 -23.10
N SER A 583 -22.85 2.63 -23.51
CA SER A 583 -21.91 3.25 -22.58
C SER A 583 -22.12 4.77 -22.56
N GLU A 584 -21.41 5.44 -21.66
CA GLU A 584 -21.53 6.90 -21.50
C GLU A 584 -20.91 7.70 -22.64
N ASN A 585 -20.00 7.09 -23.40
CA ASN A 585 -19.28 7.77 -24.48
C ASN A 585 -19.54 7.09 -25.83
N PRO A 586 -19.47 7.85 -26.93
CA PRO A 586 -19.68 7.29 -28.27
C PRO A 586 -18.42 6.58 -28.80
N ALA A 587 -18.50 6.06 -30.03
CA ALA A 587 -17.42 5.25 -30.63
C ALA A 587 -16.12 6.02 -30.86
N ILE A 588 -16.25 7.32 -31.17
CA ILE A 588 -15.12 8.20 -31.45
C ILE A 588 -15.31 9.53 -30.69
N LEU A 589 -14.21 10.01 -30.07
CA LEU A 589 -14.14 11.35 -29.49
C LEU A 589 -12.90 12.01 -30.03
N THR A 590 -12.89 13.34 -30.04
CA THR A 590 -11.79 14.11 -30.64
C THR A 590 -11.18 15.05 -29.61
N THR A 591 -9.85 15.07 -29.55
CA THR A 591 -9.15 16.00 -28.66
C THR A 591 -9.28 17.46 -29.11
N ASP A 592 -9.16 18.38 -28.15
CA ASP A 592 -9.16 19.81 -28.46
C ASP A 592 -7.79 20.23 -28.99
N SER A 593 -7.61 21.53 -29.22
CA SER A 593 -6.39 22.02 -29.85
C SER A 593 -5.16 21.96 -28.94
N ASN A 594 -5.34 21.54 -27.69
CA ASN A 594 -4.24 21.34 -26.74
C ASN A 594 -3.91 19.87 -26.49
N GLY A 595 -4.68 18.95 -27.07
CA GLY A 595 -4.53 17.52 -26.83
C GLY A 595 -5.30 16.99 -25.64
N ILE A 596 -6.35 17.72 -25.21
CA ILE A 596 -7.20 17.30 -24.09
C ILE A 596 -8.39 16.50 -24.60
N LEU A 597 -8.63 15.33 -24.02
CA LEU A 597 -9.80 14.51 -24.33
C LEU A 597 -10.83 14.58 -23.20
N LYS A 598 -12.06 14.92 -23.55
CA LYS A 598 -13.18 15.09 -22.60
C LYS A 598 -14.00 13.82 -22.56
N VAL A 599 -14.15 13.22 -21.38
CA VAL A 599 -14.80 11.91 -21.27
C VAL A 599 -15.81 11.94 -20.13
N THR A 600 -16.92 11.23 -20.30
CA THR A 600 -17.92 11.03 -19.24
C THR A 600 -17.77 9.68 -18.55
N VAL A 601 -17.78 9.70 -17.22
CA VAL A 601 -17.54 8.51 -16.39
C VAL A 601 -18.48 8.46 -15.21
N LYS A 602 -18.64 7.27 -14.65
CA LYS A 602 -19.38 7.05 -13.39
C LYS A 602 -19.04 5.69 -12.81
N GLY A 603 -19.45 5.46 -11.56
CA GLY A 603 -19.28 4.17 -10.91
C GLY A 603 -20.26 3.11 -11.43
N TYR A 604 -19.76 1.89 -11.61
CA TYR A 604 -20.56 0.73 -11.99
C TYR A 604 -20.27 -0.44 -11.08
N SER A 605 -21.19 -1.40 -11.07
CA SER A 605 -21.00 -2.62 -10.30
C SER A 605 -21.54 -3.77 -11.15
N ASN A 606 -20.63 -4.54 -11.73
CA ASN A 606 -20.98 -5.72 -12.54
C ASN A 606 -19.83 -6.75 -12.44
N PRO A 607 -19.97 -7.94 -13.07
CA PRO A 607 -18.91 -8.93 -12.88
C PRO A 607 -17.51 -8.52 -13.38
N TYR A 608 -17.47 -7.59 -14.34
CA TYR A 608 -16.25 -7.14 -14.99
C TYR A 608 -15.63 -5.90 -14.30
N VAL A 609 -16.48 -4.99 -13.81
CA VAL A 609 -16.05 -3.68 -13.27
C VAL A 609 -16.76 -3.36 -11.95
N SER A 610 -15.96 -2.98 -10.95
CA SER A 610 -16.43 -2.43 -9.69
C SER A 610 -15.73 -1.09 -9.49
N GLY A 611 -16.35 -0.05 -10.02
CA GLY A 611 -15.72 1.26 -10.23
C GLY A 611 -15.91 1.67 -11.69
N TYR A 612 -14.81 1.89 -12.41
CA TYR A 612 -14.90 2.26 -13.82
C TYR A 612 -13.70 1.75 -14.59
N LEU A 613 -13.92 1.41 -15.88
CA LEU A 613 -12.83 1.12 -16.82
C LEU A 613 -13.13 1.76 -18.16
N GLY A 614 -12.16 2.51 -18.69
CA GLY A 614 -12.22 3.04 -20.05
C GLY A 614 -10.86 3.01 -20.72
N VAL A 615 -10.80 2.71 -22.00
CA VAL A 615 -9.54 2.73 -22.76
C VAL A 615 -9.72 3.38 -24.13
N TRP A 616 -8.83 4.34 -24.45
CA TRP A 616 -8.87 5.10 -25.71
C TRP A 616 -7.58 4.96 -26.48
N VAL A 617 -7.68 4.73 -27.79
CA VAL A 617 -6.52 4.66 -28.68
C VAL A 617 -6.74 5.47 -29.97
N PRO A 618 -5.67 5.94 -30.60
CA PRO A 618 -5.84 6.65 -31.87
C PRO A 618 -6.58 5.84 -32.96
N VAL A 619 -7.42 6.53 -33.72
CA VAL A 619 -8.01 5.98 -34.95
C VAL A 619 -6.86 5.79 -35.95
N ILE A 620 -6.78 4.62 -36.56
CA ILE A 620 -5.76 4.32 -37.58
C ILE A 620 -6.31 3.49 -38.75
N SER A 621 -5.57 3.50 -39.85
CA SER A 621 -5.84 2.67 -41.01
C SER A 621 -4.85 1.49 -40.98
N GLY A 622 -5.42 0.30 -41.05
CA GLY A 622 -4.70 -0.97 -41.15
C GLY A 622 -3.85 -1.27 -39.93
N ASP A 623 -2.71 -1.93 -40.17
CA ASP A 623 -1.91 -2.48 -39.08
C ASP A 623 -0.85 -1.52 -38.60
N GLN A 624 -0.56 -1.60 -37.31
CA GLN A 624 0.50 -0.80 -36.70
C GLN A 624 1.22 -1.62 -35.66
N ASP A 625 2.54 -1.48 -35.58
CA ASP A 625 3.36 -2.17 -34.58
C ASP A 625 4.41 -1.16 -34.06
N VAL A 626 4.32 -0.82 -32.78
CA VAL A 626 5.22 0.17 -32.18
C VAL A 626 6.42 -0.44 -31.46
N THR A 627 6.69 -1.73 -31.71
CA THR A 627 7.92 -2.37 -31.24
C THR A 627 9.14 -1.49 -31.50
N THR A 628 9.95 -1.28 -30.47
CA THR A 628 11.24 -0.62 -30.62
C THR A 628 12.33 -1.71 -30.72
N ASN A 629 13.14 -1.66 -31.79
CA ASN A 629 14.20 -2.66 -32.00
C ASN A 629 15.37 -2.38 -31.05
N ALA A 630 15.90 -3.45 -30.46
CA ALA A 630 16.99 -3.34 -29.48
C ALA A 630 18.28 -2.74 -30.03
N SER A 631 18.49 -2.84 -31.35
CA SER A 631 19.64 -2.21 -32.01
CA SER A 631 19.64 -2.21 -32.01
C SER A 631 19.59 -0.68 -31.95
N ASP A 632 18.39 -0.13 -31.69
CA ASP A 632 18.18 1.34 -31.66
C ASP A 632 18.11 2.00 -30.28
N VAL A 633 18.43 1.24 -29.22
CA VAL A 633 18.43 1.82 -27.87
C VAL A 633 19.86 1.95 -27.39
N VAL A 634 20.04 2.64 -26.28
CA VAL A 634 21.38 2.86 -25.73
C VAL A 634 21.93 1.53 -25.23
N ALA A 635 23.19 1.23 -25.55
CA ALA A 635 23.86 0.04 -25.05
C ALA A 635 24.85 0.49 -23.99
N ASN A 636 24.95 -0.28 -22.91
CA ASN A 636 25.82 0.07 -21.80
C ASN A 636 26.65 -1.14 -21.48
N LYS A 637 27.97 -1.02 -21.57
CA LYS A 637 28.87 -2.16 -21.34
C LYS A 637 28.75 -2.80 -19.97
N GLU A 638 28.26 -2.06 -18.97
CA GLU A 638 28.13 -2.55 -17.62
C GLU A 638 26.75 -3.20 -17.37
N LYS A 639 25.85 -3.16 -18.35
CA LYS A 639 24.51 -3.70 -18.17
C LYS A 639 24.17 -4.83 -19.15
N THR A 640 23.37 -5.76 -18.67
CA THR A 640 22.77 -6.80 -19.51
C THR A 640 21.33 -6.36 -19.85
N PHE A 641 20.39 -6.44 -18.90
CA PHE A 641 19.06 -5.87 -19.14
C PHE A 641 19.01 -4.37 -18.80
N GLU A 642 18.30 -3.64 -19.64
CA GLU A 642 18.07 -2.21 -19.49
C GLU A 642 16.58 -1.97 -19.71
N SER A 643 15.98 -1.20 -18.81
CA SER A 643 14.54 -0.86 -18.88
C SER A 643 14.36 0.31 -19.83
N ASN A 644 14.05 0.01 -21.08
CA ASN A 644 13.88 1.04 -22.12
C ASN A 644 12.77 0.59 -23.06
N ALA A 645 12.52 1.37 -24.11
CA ALA A 645 11.46 1.05 -25.07
C ALA A 645 11.58 -0.33 -25.72
N ALA A 646 12.82 -0.80 -25.94
CA ALA A 646 13.00 -2.12 -26.55
C ALA A 646 12.61 -3.24 -25.59
N LEU A 647 13.07 -3.18 -24.34
CA LEU A 647 12.71 -4.20 -23.37
C LEU A 647 11.21 -4.16 -23.08
N ASP A 648 10.66 -2.95 -23.00
CA ASP A 648 9.20 -2.75 -22.80
C ASP A 648 8.34 -3.35 -23.91
N SER A 649 8.90 -3.48 -25.12
CA SER A 649 8.18 -4.13 -26.23
C SER A 649 7.88 -5.64 -26.02
N HIS A 650 8.54 -6.28 -25.04
CA HIS A 650 8.29 -7.69 -24.72
C HIS A 650 7.07 -7.88 -23.82
N MET A 651 6.50 -9.07 -23.94
CA MET A 651 5.41 -9.54 -23.09
C MET A 651 5.53 -11.06 -22.89
N ILE A 652 5.50 -11.45 -21.62
CA ILE A 652 5.62 -12.83 -21.19
C ILE A 652 4.21 -13.46 -21.07
N TYR A 653 4.13 -14.76 -21.36
CA TYR A 653 2.90 -15.55 -21.16
C TYR A 653 3.22 -16.79 -20.32
N GLU A 654 2.58 -16.91 -19.14
CA GLU A 654 2.72 -18.08 -18.30
C GLU A 654 1.77 -19.14 -18.88
N ASP A 655 2.33 -20.27 -19.32
CA ASP A 655 1.56 -21.23 -20.13
C ASP A 655 0.80 -22.31 -19.36
N PHE A 656 0.84 -22.30 -18.04
CA PHE A 656 0.29 -23.40 -17.25
C PHE A 656 -0.40 -22.95 -15.98
N SER A 657 -1.13 -23.90 -15.40
CA SER A 657 -1.70 -23.80 -14.06
C SER A 657 -1.33 -25.06 -13.28
N LEU A 658 -1.20 -24.95 -11.96
CA LEU A 658 -1.06 -26.13 -11.12
C LEU A 658 -2.27 -27.08 -11.23
N PHE A 659 -3.44 -26.52 -11.52
CA PHE A 659 -4.71 -27.27 -11.55
C PHE A 659 -5.09 -27.73 -12.95
N GLN A 660 -4.13 -27.65 -13.87
CA GLN A 660 -4.27 -28.18 -15.21
C GLN A 660 -4.48 -29.69 -15.07
N PRO A 661 -5.47 -30.25 -15.76
CA PRO A 661 -5.74 -31.69 -15.63
C PRO A 661 -4.76 -32.55 -16.43
N GLU A 662 -4.68 -33.84 -16.08
CA GLU A 662 -3.97 -34.81 -16.92
C GLU A 662 -4.72 -34.88 -18.27
N PRO A 663 -3.98 -34.94 -19.39
CA PRO A 663 -4.65 -34.90 -20.70
C PRO A 663 -5.41 -36.20 -21.00
N THR A 664 -6.56 -36.08 -21.63
CA THR A 664 -7.42 -37.23 -21.93
C THR A 664 -7.08 -37.92 -23.25
N SER A 665 -6.19 -37.32 -24.05
CA SER A 665 -5.71 -37.91 -25.28
C SER A 665 -4.35 -37.32 -25.63
N VAL A 666 -3.72 -37.88 -26.66
CA VAL A 666 -2.45 -37.35 -27.17
C VAL A 666 -2.66 -35.95 -27.77
N GLU A 667 -3.74 -35.78 -28.54
CA GLU A 667 -4.08 -34.48 -29.12
C GLU A 667 -4.21 -33.39 -28.05
N ASN A 668 -4.71 -33.75 -26.86
CA ASN A 668 -4.92 -32.80 -25.75
C ASN A 668 -3.67 -32.54 -24.89
N HIS A 669 -2.54 -33.16 -25.20
CA HIS A 669 -1.27 -32.79 -24.57
C HIS A 669 -1.05 -31.30 -24.78
N ALA A 670 -0.75 -30.59 -23.70
CA ALA A 670 -0.52 -29.15 -23.81
C ALA A 670 0.52 -28.82 -24.89
N TYR A 671 1.57 -29.65 -25.02
CA TYR A 671 2.60 -29.39 -26.03
C TYR A 671 2.00 -29.36 -27.43
N ASN A 672 1.10 -30.30 -27.73
CA ASN A 672 0.49 -30.36 -29.05
C ASN A 672 -0.51 -29.24 -29.29
N VAL A 673 -1.30 -28.93 -28.28
CA VAL A 673 -2.25 -27.81 -28.36
C VAL A 673 -1.50 -26.49 -28.57
N ILE A 674 -0.40 -26.29 -27.84
CA ILE A 674 0.42 -25.06 -27.97
C ILE A 674 0.97 -24.92 -29.40
N ALA A 675 1.57 -25.99 -29.92
CA ALA A 675 2.12 -26.01 -31.29
C ALA A 675 1.06 -25.64 -32.33
N LYS A 676 -0.12 -26.26 -32.22
CA LYS A 676 -1.23 -25.98 -33.13
C LYS A 676 -1.67 -24.50 -33.09
N ASN A 677 -1.56 -23.88 -31.92
CA ASN A 677 -1.99 -22.48 -31.70
C ASN A 677 -0.87 -21.44 -31.74
N ALA A 678 0.29 -21.80 -32.28
CA ALA A 678 1.47 -20.92 -32.22
C ALA A 678 1.19 -19.52 -32.79
N SER A 679 0.44 -19.47 -33.89
CA SER A 679 0.13 -18.19 -34.54
C SER A 679 -0.77 -17.30 -33.70
N LEU A 680 -1.68 -17.90 -32.92
CA LEU A 680 -2.50 -17.15 -31.97
C LEU A 680 -1.65 -16.37 -30.99
N PHE A 681 -0.63 -17.00 -30.40
CA PHE A 681 0.20 -16.33 -29.38
C PHE A 681 0.92 -15.12 -29.98
N SER A 682 1.43 -15.29 -31.20
CA SER A 682 2.00 -14.18 -31.99
C SER A 682 0.98 -13.07 -32.24
N ASP A 683 -0.23 -13.46 -32.67
CA ASP A 683 -1.32 -12.49 -32.93
C ASP A 683 -1.70 -11.67 -31.68
N LEU A 684 -1.57 -12.27 -30.50
CA LEU A 684 -1.80 -11.59 -29.23
C LEU A 684 -0.63 -10.73 -28.75
N GLY A 685 0.46 -10.66 -29.52
CA GLY A 685 1.63 -9.87 -29.15
C GLY A 685 2.52 -10.47 -28.07
N ILE A 686 2.37 -11.78 -27.80
CA ILE A 686 3.26 -12.46 -26.85
C ILE A 686 4.61 -12.62 -27.53
N THR A 687 5.66 -12.18 -26.86
CA THR A 687 7.02 -12.29 -27.40
C THR A 687 7.86 -13.37 -26.69
N ASP A 688 7.49 -13.71 -25.45
CA ASP A 688 8.27 -14.59 -24.60
C ASP A 688 7.34 -15.58 -23.91
N PHE A 689 7.56 -16.86 -24.20
CA PHE A 689 6.65 -17.95 -23.77
C PHE A 689 7.28 -18.70 -22.61
N TRP A 690 6.70 -18.54 -21.42
CA TRP A 690 7.15 -19.22 -20.21
C TRP A 690 6.49 -20.60 -20.16
N MET A 691 7.33 -21.62 -20.31
CA MET A 691 6.88 -23.02 -20.25
C MET A 691 7.05 -23.60 -18.85
N ALA A 692 6.07 -24.41 -18.46
CA ALA A 692 6.08 -25.09 -17.18
C ALA A 692 7.37 -25.88 -16.97
N PRO A 693 7.77 -26.08 -15.70
CA PRO A 693 8.90 -26.98 -15.48
C PRO A 693 8.55 -28.35 -16.07
N ALA A 694 9.40 -28.83 -16.99
CA ALA A 694 9.05 -29.92 -17.87
C ALA A 694 9.54 -31.28 -17.37
N TYR A 695 10.11 -31.31 -16.17
CA TYR A 695 10.85 -32.45 -15.63
C TYR A 695 9.86 -33.55 -15.24
N THR A 696 10.36 -34.78 -15.16
CA THR A 696 9.54 -35.94 -14.78
C THR A 696 8.98 -35.73 -13.39
N PRO A 697 7.65 -35.68 -13.25
CA PRO A 697 7.09 -35.39 -11.93
C PRO A 697 7.14 -36.57 -10.98
N PHE A 698 7.30 -36.28 -9.69
CA PHE A 698 7.04 -37.22 -8.62
C PHE A 698 5.54 -37.57 -8.68
N GLY A 699 5.25 -38.85 -8.84
CA GLY A 699 3.88 -39.31 -9.06
C GLY A 699 2.90 -38.97 -7.94
N ARG A 700 3.39 -38.97 -6.70
CA ARG A 700 2.56 -38.63 -5.55
C ARG A 700 2.58 -37.15 -5.15
N SER A 701 3.19 -36.29 -5.96
CA SER A 701 3.08 -34.84 -5.76
C SER A 701 1.63 -34.37 -5.92
N ARG A 702 1.28 -33.28 -5.24
CA ARG A 702 -0.08 -32.79 -5.23
C ARG A 702 -0.62 -32.45 -6.62
N TYR A 703 0.21 -31.81 -7.45
CA TYR A 703 -0.26 -31.30 -8.74
C TYR A 703 0.38 -31.95 -9.97
N ASN A 704 1.46 -32.73 -9.79
CA ASN A 704 2.18 -33.33 -10.94
C ASN A 704 2.61 -32.26 -11.96
N GLU A 705 2.97 -31.08 -11.46
CA GLU A 705 3.24 -29.90 -12.31
C GLU A 705 4.69 -29.79 -12.77
N GLY A 706 5.61 -30.44 -12.07
CA GLY A 706 7.03 -30.43 -12.45
C GLY A 706 8.02 -29.77 -11.50
N TYR A 707 7.56 -29.00 -10.52
CA TYR A 707 8.45 -28.47 -9.48
C TYR A 707 8.89 -29.55 -8.48
N SER A 708 8.03 -30.54 -8.25
CA SER A 708 8.39 -31.73 -7.48
C SER A 708 8.82 -32.79 -8.47
N MET A 709 10.14 -32.87 -8.73
CA MET A 709 10.67 -33.71 -9.82
C MET A 709 11.69 -34.72 -9.31
N THR A 710 11.71 -35.87 -9.98
CA THR A 710 12.62 -36.96 -9.68
C THR A 710 13.76 -37.06 -10.68
N ASP A 711 13.66 -36.38 -11.83
CA ASP A 711 14.66 -36.46 -12.90
C ASP A 711 14.71 -35.12 -13.66
N ARG A 712 15.83 -34.41 -13.52
CA ARG A 712 16.02 -33.06 -14.10
C ARG A 712 16.28 -33.07 -15.60
N TYR A 713 16.63 -34.23 -16.16
CA TYR A 713 16.96 -34.33 -17.58
C TYR A 713 15.92 -35.07 -18.43
N ASN A 714 15.08 -35.90 -17.82
CA ASN A 714 14.04 -36.61 -18.56
C ASN A 714 12.82 -35.70 -18.61
N LEU A 715 12.54 -35.12 -19.77
CA LEU A 715 11.36 -34.28 -19.95
C LEU A 715 10.16 -35.02 -20.58
N GLY A 716 10.11 -36.34 -20.37
CA GLY A 716 9.02 -37.18 -20.80
C GLY A 716 9.34 -37.95 -22.08
N THR A 717 8.72 -39.11 -22.21
CA THR A 717 8.83 -39.93 -23.41
C THR A 717 7.44 -40.20 -23.97
N THR A 718 7.40 -40.77 -25.16
CA THR A 718 6.12 -41.14 -25.79
C THR A 718 5.31 -42.08 -24.89
N ALA A 719 5.96 -43.08 -24.30
CA ALA A 719 5.33 -44.07 -23.42
C ALA A 719 5.02 -43.52 -22.03
N ASN A 720 5.89 -42.65 -21.51
CA ASN A 720 5.71 -42.05 -20.20
C ASN A 720 5.79 -40.51 -20.31
N PRO A 721 4.76 -39.87 -20.90
CA PRO A 721 4.79 -38.40 -20.95
C PRO A 721 4.67 -37.76 -19.55
N THR A 722 5.07 -36.49 -19.44
CA THR A 722 4.78 -35.71 -18.24
C THR A 722 3.31 -35.29 -18.38
N LYS A 723 2.80 -34.45 -17.48
CA LYS A 723 1.47 -33.90 -17.68
C LYS A 723 1.33 -33.26 -19.05
N TYR A 724 2.41 -32.60 -19.50
CA TYR A 724 2.37 -31.70 -20.67
C TYR A 724 2.57 -32.44 -21.99
N GLY A 725 3.27 -33.58 -21.93
CA GLY A 725 3.59 -34.38 -23.12
C GLY A 725 4.99 -34.99 -23.03
N SER A 726 5.49 -35.42 -24.19
CA SER A 726 6.83 -36.02 -24.33
C SER A 726 7.87 -34.96 -24.67
N GLY A 727 9.13 -35.34 -24.52
CA GLY A 727 10.26 -34.50 -24.89
C GLY A 727 10.28 -34.19 -26.38
N GLU A 728 9.92 -35.18 -27.21
CA GLU A 728 9.85 -34.98 -28.65
C GLU A 728 8.79 -33.94 -29.00
N GLU A 729 7.64 -34.04 -28.35
CA GLU A 729 6.57 -33.05 -28.53
C GLU A 729 7.03 -31.64 -28.08
N LEU A 730 7.66 -31.56 -26.91
CA LEU A 730 8.23 -30.30 -26.41
C LEU A 730 9.15 -29.64 -27.45
N ALA A 731 10.09 -30.40 -28.00
CA ALA A 731 11.02 -29.84 -28.99
C ALA A 731 10.30 -29.33 -30.25
N ASN A 732 9.31 -30.07 -30.73
CA ASN A 732 8.50 -29.61 -31.87
C ASN A 732 7.68 -28.37 -31.51
N THR A 733 7.18 -28.31 -30.28
CA THR A 733 6.42 -27.15 -29.80
C THR A 733 7.31 -25.90 -29.73
N ILE A 734 8.52 -26.04 -29.21
CA ILE A 734 9.46 -24.92 -29.16
C ILE A 734 9.75 -24.41 -30.57
N ALA A 735 9.96 -25.33 -31.50
CA ALA A 735 10.23 -24.97 -32.91
C ALA A 735 9.05 -24.24 -33.54
N ALA A 736 7.83 -24.71 -33.25
CA ALA A 736 6.62 -24.04 -33.74
C ALA A 736 6.48 -22.62 -33.20
N LEU A 737 6.77 -22.42 -31.92
CA LEU A 737 6.76 -21.07 -31.33
C LEU A 737 7.85 -20.20 -31.97
N HIS A 738 9.05 -20.77 -32.16
CA HIS A 738 10.12 -20.06 -32.86
C HIS A 738 9.71 -19.66 -34.28
N LYS A 739 9.04 -20.56 -34.99
CA LYS A 739 8.55 -20.28 -36.35
C LYS A 739 7.57 -19.08 -36.37
N ALA A 740 6.74 -18.99 -35.34
CA ALA A 740 5.81 -17.87 -35.17
C ALA A 740 6.46 -16.56 -34.70
N GLY A 741 7.76 -16.59 -34.36
CA GLY A 741 8.54 -15.39 -34.02
C GLY A 741 8.73 -15.15 -32.52
N LEU A 742 8.35 -16.11 -31.68
CA LEU A 742 8.51 -15.99 -30.22
C LEU A 742 9.83 -16.55 -29.76
N LYS A 743 10.25 -16.14 -28.58
CA LYS A 743 11.31 -16.81 -27.83
C LYS A 743 10.66 -17.54 -26.69
N VAL A 744 11.33 -18.59 -26.20
CA VAL A 744 10.77 -19.51 -25.22
C VAL A 744 11.68 -19.67 -24.01
N GLN A 745 11.13 -19.56 -22.81
CA GLN A 745 11.88 -19.79 -21.57
C GLN A 745 11.42 -21.03 -20.85
N GLU A 746 12.35 -21.70 -20.17
CA GLU A 746 12.01 -22.85 -19.31
C GLU A 746 12.13 -22.41 -17.87
N ASP A 747 11.18 -22.88 -17.08
CA ASP A 747 11.18 -22.75 -15.64
C ASP A 747 12.26 -23.67 -15.10
N ILE A 748 13.38 -23.10 -14.64
CA ILE A 748 14.51 -23.89 -14.14
C ILE A 748 14.44 -23.88 -12.62
N VAL A 749 14.64 -25.05 -12.01
CA VAL A 749 14.29 -25.28 -10.60
C VAL A 749 15.48 -25.84 -9.83
N MET A 750 16.33 -24.94 -9.34
CA MET A 750 17.56 -25.31 -8.60
C MET A 750 17.36 -25.51 -7.11
N ASN A 751 16.20 -25.15 -6.56
CA ASN A 751 16.09 -25.13 -5.10
C ASN A 751 15.98 -26.51 -4.48
N GLN A 752 15.09 -27.35 -5.04
CA GLN A 752 14.79 -28.65 -4.45
C GLN A 752 14.49 -29.75 -5.48
N MET A 753 14.69 -30.98 -5.03
CA MET A 753 14.15 -32.17 -5.70
C MET A 753 13.26 -32.89 -4.68
N ILE A 754 12.26 -33.63 -5.18
CA ILE A 754 11.30 -34.33 -4.33
C ILE A 754 10.94 -35.66 -4.99
N GLY A 755 10.93 -36.71 -4.18
CA GLY A 755 10.46 -38.03 -4.60
C GLY A 755 11.58 -39.04 -4.83
N PHE A 756 12.75 -38.83 -4.21
CA PHE A 756 13.85 -39.80 -4.30
C PHE A 756 13.38 -41.14 -3.74
N SER A 757 13.78 -42.24 -4.40
CA SER A 757 13.40 -43.60 -3.97
C SER A 757 14.42 -44.25 -3.03
N GLY A 758 15.62 -43.69 -2.94
CA GLY A 758 16.70 -44.25 -2.12
C GLY A 758 16.85 -43.57 -0.75
N GLN A 759 16.78 -44.37 0.31
CA GLN A 759 17.02 -43.89 1.67
C GLN A 759 18.50 -43.89 2.01
N GLU A 760 18.87 -42.97 2.91
CA GLU A 760 20.23 -42.78 3.36
C GLU A 760 20.20 -42.42 4.83
N ALA A 761 21.15 -42.96 5.60
CA ALA A 761 21.29 -42.55 7.00
C ALA A 761 22.00 -41.20 7.01
N VAL A 762 21.28 -40.18 7.47
CA VAL A 762 21.85 -38.84 7.64
C VAL A 762 21.72 -38.42 9.09
N THR A 763 22.62 -37.55 9.55
CA THR A 763 22.53 -37.00 10.88
C THR A 763 21.82 -35.64 10.77
N VAL A 764 20.75 -35.45 11.55
CA VAL A 764 19.88 -34.27 11.40
C VAL A 764 19.51 -33.53 12.68
N THR A 765 19.06 -32.29 12.50
CA THR A 765 18.61 -31.42 13.59
C THR A 765 17.33 -30.70 13.14
N ARG A 766 16.38 -30.59 14.05
CA ARG A 766 15.08 -29.98 13.77
C ARG A 766 15.25 -28.46 13.70
N THR A 767 14.91 -27.85 12.56
CA THR A 767 15.11 -26.42 12.36
C THR A 767 13.93 -25.72 11.73
N ASN A 768 13.97 -24.39 11.77
CA ASN A 768 13.07 -23.54 10.98
C ASN A 768 13.59 -23.46 9.53
N ASN A 769 12.99 -22.59 8.73
CA ASN A 769 13.35 -22.46 7.31
C ASN A 769 14.69 -21.76 7.03
N ARG A 770 15.37 -21.29 8.08
CA ARG A 770 16.75 -20.81 7.96
C ARG A 770 17.81 -21.79 8.50
N GLY A 771 17.41 -23.01 8.87
CA GLY A 771 18.36 -23.98 9.43
C GLY A 771 18.80 -23.67 10.86
N MET A 772 18.03 -22.85 11.58
CA MET A 772 18.28 -22.61 12.99
C MET A 772 17.41 -23.57 13.78
N GLN A 773 17.99 -24.17 14.82
CA GLN A 773 17.29 -25.15 15.63
C GLN A 773 16.10 -24.49 16.33
N ILE A 774 14.95 -25.16 16.31
CA ILE A 774 13.77 -24.73 17.08
C ILE A 774 13.23 -25.81 18.00
N HIS A 775 12.39 -25.38 18.94
CA HIS A 775 11.56 -26.26 19.75
C HIS A 775 10.12 -26.17 19.22
N VAL A 776 9.39 -27.27 19.33
CA VAL A 776 7.95 -27.31 19.01
C VAL A 776 7.24 -27.91 20.21
N ASN A 777 6.32 -27.16 20.79
CA ASN A 777 5.67 -27.52 22.09
C ASN A 777 6.71 -27.89 23.17
N GLY A 778 7.82 -27.15 23.25
CA GLY A 778 8.91 -27.45 24.19
C GLY A 778 9.83 -28.63 23.87
N GLN A 779 9.65 -29.27 22.71
CA GLN A 779 10.44 -30.44 22.31
C GLN A 779 11.30 -30.15 21.10
N THR A 780 12.44 -30.83 21.02
CA THR A 780 13.34 -30.69 19.88
C THR A 780 14.16 -31.97 19.70
N TYR A 781 14.95 -32.01 18.63
CA TYR A 781 16.01 -33.00 18.47
C TYR A 781 17.18 -32.47 17.65
N ALA A 782 18.38 -32.95 17.96
CA ALA A 782 19.62 -32.55 17.28
C ALA A 782 20.55 -33.73 17.12
N ASN A 783 21.28 -33.76 16.01
CA ASN A 783 22.32 -34.77 15.77
C ASN A 783 21.78 -36.20 15.88
N GLN A 784 20.61 -36.43 15.28
CA GLN A 784 19.95 -37.73 15.30
C GLN A 784 20.04 -38.37 13.93
N ILE A 785 20.34 -39.67 13.91
CA ILE A 785 20.34 -40.41 12.65
C ILE A 785 18.88 -40.60 12.19
N TYR A 786 18.63 -40.28 10.93
CA TYR A 786 17.31 -40.22 10.31
C TYR A 786 17.43 -40.83 8.92
N PHE A 787 16.46 -41.66 8.53
CA PHE A 787 16.53 -42.39 7.26
C PHE A 787 15.78 -41.67 6.14
N ALA A 788 16.27 -40.48 5.80
CA ALA A 788 15.63 -39.63 4.79
C ALA A 788 15.77 -40.26 3.43
N TYR A 789 14.76 -40.07 2.59
CA TYR A 789 14.87 -40.32 1.16
C TYR A 789 15.70 -39.18 0.55
N THR A 790 16.89 -39.51 0.06
CA THR A 790 17.84 -38.52 -0.46
C THR A 790 18.50 -38.87 -1.81
N THR A 791 18.37 -40.12 -2.25
CA THR A 791 19.25 -40.65 -3.26
C THR A 791 18.48 -41.06 -4.51
N GLY A 792 18.98 -40.62 -5.66
CA GLY A 792 18.32 -40.87 -6.94
C GLY A 792 18.67 -39.80 -7.96
N GLY A 793 17.75 -39.58 -8.90
CA GLY A 793 18.00 -38.70 -10.04
C GLY A 793 17.60 -39.31 -11.37
N GLY A 794 17.37 -40.63 -11.39
CA GLY A 794 16.90 -41.34 -12.57
C GLY A 794 18.02 -41.60 -13.55
N ASN A 795 17.68 -42.24 -14.66
CA ASN A 795 18.62 -42.45 -15.76
C ASN A 795 19.02 -41.15 -16.46
N GLY A 796 18.18 -40.12 -16.37
CA GLY A 796 18.54 -38.79 -16.86
C GLY A 796 19.78 -38.23 -16.20
N GLN A 797 19.81 -38.26 -14.88
CA GLN A 797 21.00 -37.81 -14.16
C GLN A 797 22.22 -38.67 -14.46
N GLU A 798 22.00 -39.99 -14.60
CA GLU A 798 23.10 -40.91 -14.90
C GLU A 798 23.70 -40.60 -16.25
N THR A 799 22.85 -40.42 -17.27
CA THR A 799 23.32 -40.19 -18.62
C THR A 799 23.86 -38.77 -18.84
N TYR A 800 23.14 -37.76 -18.36
CA TYR A 800 23.41 -36.36 -18.72
C TYR A 800 24.15 -35.54 -17.67
N GLY A 801 24.17 -36.02 -16.43
CA GLY A 801 24.78 -35.30 -15.34
C GLY A 801 26.25 -35.10 -15.60
N GLY A 802 26.66 -33.84 -15.69
CA GLY A 802 28.06 -33.50 -15.98
C GLY A 802 28.56 -33.80 -17.38
N LYS A 803 27.69 -34.27 -18.27
CA LYS A 803 28.11 -34.74 -19.59
C LYS A 803 28.82 -33.67 -20.44
N TYR A 804 28.37 -32.41 -20.32
CA TYR A 804 28.86 -31.29 -21.10
C TYR A 804 29.97 -30.45 -20.43
N LEU A 805 30.41 -30.87 -19.23
CA LEU A 805 31.41 -30.08 -18.49
C LEU A 805 32.75 -29.93 -19.21
N ALA A 806 33.25 -31.02 -19.82
CA ALA A 806 34.55 -30.97 -20.51
C ALA A 806 34.50 -30.02 -21.70
N GLU A 807 33.41 -30.06 -22.45
CA GLU A 807 33.23 -29.15 -23.59
C GLU A 807 33.01 -27.67 -23.15
N LEU A 808 32.29 -27.47 -22.04
CA LEU A 808 32.15 -26.13 -21.46
C LEU A 808 33.48 -25.58 -20.98
N GLN A 809 34.31 -26.43 -20.36
CA GLN A 809 35.62 -25.98 -19.88
C GLN A 809 36.56 -25.65 -21.05
N LYS A 810 36.45 -26.41 -22.13
CA LYS A 810 37.22 -26.17 -23.34
C LYS A 810 36.86 -24.85 -24.04
N ASN A 811 35.56 -24.58 -24.16
CA ASN A 811 35.10 -23.39 -24.87
C ASN A 811 35.05 -22.14 -23.98
N TYR A 812 34.71 -22.31 -22.70
CA TYR A 812 34.48 -21.19 -21.77
C TYR A 812 35.21 -21.44 -20.45
N PRO A 813 36.56 -21.49 -20.49
CA PRO A 813 37.33 -21.84 -19.28
C PRO A 813 37.09 -20.90 -18.07
N ASP A 814 36.74 -19.64 -18.34
CA ASP A 814 36.39 -18.66 -17.29
C ASP A 814 35.30 -19.14 -16.30
N LEU A 815 34.39 -19.99 -16.78
CA LEU A 815 33.35 -20.58 -15.95
C LEU A 815 33.92 -21.27 -14.71
N PHE A 816 35.09 -21.88 -14.85
CA PHE A 816 35.70 -22.70 -13.81
C PHE A 816 36.97 -22.09 -13.22
N THR A 817 37.22 -20.81 -13.51
CA THR A 817 38.24 -20.03 -12.79
C THR A 817 37.68 -18.80 -12.04
N THR A 818 36.48 -18.33 -12.40
CA THR A 818 35.85 -17.22 -11.69
C THR A 818 35.44 -17.65 -10.30
N LYS A 819 35.97 -16.97 -9.29
CA LYS A 819 35.69 -17.34 -7.90
C LYS A 819 34.33 -16.82 -7.48
N ALA A 820 33.46 -17.73 -7.05
CA ALA A 820 32.13 -17.37 -6.55
C ALA A 820 32.21 -16.53 -5.27
N ILE A 821 31.23 -15.63 -5.10
CA ILE A 821 31.21 -14.71 -3.94
C ILE A 821 31.05 -15.47 -2.63
N SER A 822 30.04 -16.33 -2.54
CA SER A 822 29.71 -16.96 -1.26
C SER A 822 30.84 -17.86 -0.75
N THR A 823 31.53 -18.56 -1.65
CA THR A 823 32.59 -19.54 -1.28
C THR A 823 34.02 -19.09 -1.46
N GLY A 824 34.25 -18.13 -2.36
CA GLY A 824 35.60 -17.74 -2.77
C GLY A 824 36.32 -18.77 -3.64
N VAL A 825 35.60 -19.77 -4.18
CA VAL A 825 36.19 -20.75 -5.12
C VAL A 825 35.32 -20.88 -6.37
N ALA A 826 35.95 -21.38 -7.44
CA ALA A 826 35.24 -21.54 -8.72
C ALA A 826 34.40 -22.80 -8.72
N PRO A 827 33.34 -22.83 -9.55
CA PRO A 827 32.66 -24.12 -9.81
C PRO A 827 33.69 -25.19 -10.23
N ASP A 828 33.43 -26.42 -9.82
CA ASP A 828 34.38 -27.53 -9.90
C ASP A 828 33.84 -28.55 -10.89
N PRO A 829 34.36 -28.55 -12.13
CA PRO A 829 33.88 -29.47 -13.14
C PRO A 829 34.56 -30.85 -13.08
N THR A 830 35.44 -31.10 -12.10
CA THR A 830 36.21 -32.37 -12.06
C THR A 830 35.43 -33.55 -11.52
N VAL A 831 34.22 -33.31 -11.00
CA VAL A 831 33.35 -34.35 -10.47
C VAL A 831 32.01 -34.22 -11.18
N ARG A 832 31.50 -35.33 -11.69
CA ARG A 832 30.19 -35.37 -12.32
C ARG A 832 29.16 -35.87 -11.33
N ILE A 833 28.03 -35.18 -11.24
CA ILE A 833 26.91 -35.66 -10.43
C ILE A 833 26.05 -36.63 -11.28
N ASN A 834 26.31 -37.93 -11.15
CA ASN A 834 25.51 -38.96 -11.82
C ASN A 834 24.30 -39.38 -10.99
N LYS A 835 24.36 -39.08 -9.70
CA LYS A 835 23.34 -39.50 -8.75
C LYS A 835 23.33 -38.53 -7.57
N TRP A 836 22.15 -38.03 -7.20
CA TRP A 836 22.01 -37.13 -6.04
C TRP A 836 22.05 -37.95 -4.75
N SER A 837 22.63 -37.36 -3.71
CA SER A 837 22.61 -37.93 -2.37
C SER A 837 22.81 -36.80 -1.36
N ALA A 838 22.80 -37.11 -0.06
CA ALA A 838 22.76 -36.11 1.01
C ALA A 838 23.95 -35.15 1.01
N LYS A 839 25.12 -35.63 0.58
CA LYS A 839 26.30 -34.79 0.55
C LYS A 839 26.14 -33.53 -0.32
N TYR A 840 25.20 -33.56 -1.27
CA TYR A 840 24.87 -32.41 -2.12
C TYR A 840 23.61 -31.64 -1.67
N GLN A 841 23.15 -31.86 -0.45
CA GLN A 841 21.86 -31.33 0.05
C GLN A 841 22.03 -30.66 1.41
N ASN A 842 21.26 -29.60 1.63
CA ASN A 842 21.26 -28.85 2.90
C ASN A 842 20.37 -29.49 3.94
N GLY A 843 19.30 -30.16 3.50
CA GLY A 843 18.32 -30.72 4.42
C GLY A 843 17.07 -31.11 3.67
N THR A 844 16.02 -31.40 4.41
CA THR A 844 14.74 -31.76 3.82
C THR A 844 13.61 -31.29 4.70
N SER A 845 12.46 -31.00 4.09
CA SER A 845 11.23 -30.89 4.84
C SER A 845 10.90 -32.24 5.46
N LEU A 846 10.13 -32.24 6.55
CA LEU A 846 9.87 -33.46 7.30
C LEU A 846 9.20 -34.48 6.37
N GLN A 847 9.69 -35.72 6.38
CA GLN A 847 9.25 -36.71 5.39
C GLN A 847 8.16 -37.67 5.88
N ASN A 848 7.68 -37.46 7.11
CA ASN A 848 6.60 -38.25 7.70
C ASN A 848 6.94 -39.76 7.89
N ILE A 849 8.18 -40.04 8.27
CA ILE A 849 8.62 -41.43 8.56
C ILE A 849 8.91 -41.74 10.04
N GLY A 850 9.30 -40.72 10.80
CA GLY A 850 9.59 -40.84 12.22
C GLY A 850 11.07 -40.66 12.52
N ILE A 851 11.35 -40.13 13.70
CA ILE A 851 12.73 -39.82 14.13
C ILE A 851 13.37 -40.98 14.89
N GLY A 852 12.56 -41.97 15.31
CA GLY A 852 13.02 -43.11 16.10
C GLY A 852 13.09 -44.45 15.37
N LEU A 853 13.14 -44.42 14.03
CA LEU A 853 13.26 -45.65 13.24
C LEU A 853 14.60 -46.34 13.48
N ALA A 854 15.66 -45.54 13.64
CA ALA A 854 17.01 -46.07 13.82
C ALA A 854 17.15 -46.88 15.11
N VAL A 855 17.59 -48.14 14.98
CA VAL A 855 17.64 -49.05 16.11
C VAL A 855 18.83 -48.71 17.02
N LYS A 856 18.52 -48.48 18.29
CA LYS A 856 19.51 -48.35 19.34
C LYS A 856 19.37 -49.55 20.26
N LEU A 857 20.49 -50.04 20.76
CA LEU A 857 20.49 -51.11 21.77
C LEU A 857 20.03 -50.52 23.10
N ALA A 858 19.78 -51.38 24.09
CA ALA A 858 19.28 -50.94 25.40
C ALA A 858 20.22 -49.92 26.08
N ASN A 859 21.54 -50.07 25.86
CA ASN A 859 22.55 -49.12 26.37
C ASN A 859 22.71 -47.80 25.58
N GLY A 860 21.88 -47.58 24.56
CA GLY A 860 21.91 -46.34 23.79
C GLY A 860 22.76 -46.36 22.52
N ASP A 861 23.62 -47.37 22.36
CA ASP A 861 24.46 -47.47 21.17
C ASP A 861 23.61 -47.77 19.93
N TYR A 862 23.94 -47.13 18.81
CA TYR A 862 23.33 -47.49 17.53
C TYR A 862 23.72 -48.92 17.14
N ALA A 863 22.73 -49.70 16.71
CA ALA A 863 22.99 -50.99 16.10
C ALA A 863 23.73 -50.73 14.79
N TYR A 864 24.61 -51.66 14.42
CA TYR A 864 25.40 -51.47 13.20
C TYR A 864 25.80 -52.80 12.61
N LEU A 865 25.75 -52.88 11.29
CA LEU A 865 26.14 -54.07 10.56
C LEU A 865 27.34 -53.73 9.71
N ASN A 866 28.51 -54.21 10.15
CA ASN A 866 29.75 -54.06 9.40
C ASN A 866 29.75 -55.12 8.31
N SER A 867 29.53 -54.68 7.08
CA SER A 867 29.61 -55.56 5.92
C SER A 867 29.71 -54.70 4.67
N GLY A 868 30.32 -55.23 3.62
CA GLY A 868 30.56 -54.45 2.40
C GLY A 868 31.33 -53.17 2.68
N ASP A 869 30.79 -52.05 2.18
CA ASP A 869 31.40 -50.72 2.35
C ASP A 869 31.12 -50.03 3.69
N ASN A 870 30.34 -50.67 4.57
CA ASN A 870 29.95 -50.05 5.84
C ASN A 870 30.91 -50.52 6.93
N LYS A 871 31.84 -49.66 7.31
CA LYS A 871 32.94 -50.01 8.21
C LYS A 871 33.12 -49.03 9.37
N ALA A 872 32.11 -48.25 9.68
CA ALA A 872 32.23 -47.21 10.72
C ALA A 872 32.41 -47.78 12.13
N PHE A 873 31.81 -48.93 12.39
CA PHE A 873 31.87 -49.63 13.68
C PHE A 873 31.95 -51.12 13.45
N ASN A 874 32.39 -51.85 14.48
CA ASN A 874 32.23 -53.31 14.48
C ASN A 874 30.75 -53.64 14.50
N THR A 875 30.39 -54.81 13.97
CA THR A 875 29.02 -55.28 14.01
C THR A 875 28.48 -55.33 15.45
N LEU A 876 27.29 -54.78 15.65
CA LEU A 876 26.66 -54.75 16.97
C LEU A 876 25.15 -54.85 16.77
N LEU A 877 24.56 -55.99 17.15
CA LEU A 877 23.13 -56.25 16.91
C LEU A 877 22.36 -56.54 18.19
N PRO A 878 21.05 -56.27 18.19
CA PRO A 878 20.22 -56.62 19.36
C PRO A 878 20.34 -58.09 19.75
N THR A 879 20.33 -58.36 21.04
CA THR A 879 20.50 -59.71 21.57
C THR A 879 19.43 -60.71 21.06
N ALA A 880 18.21 -60.23 20.80
CA ALA A 880 17.14 -61.09 20.30
C ALA A 880 17.43 -61.78 18.95
N ILE A 881 18.32 -61.19 18.14
CA ILE A 881 18.66 -61.71 16.81
C ILE A 881 20.15 -62.02 16.59
N SER A 882 20.95 -62.17 17.65
CA SER A 882 22.34 -62.63 17.46
C SER A 882 22.90 -63.30 18.72
N MET B 29 -47.55 67.64 -6.12
CA MET B 29 -48.71 66.75 -6.36
C MET B 29 -49.48 66.53 -5.06
N GLY B 30 -50.76 66.21 -5.19
CA GLY B 30 -51.55 65.73 -4.04
C GLY B 30 -51.07 64.34 -3.60
N PRO B 31 -51.29 63.98 -2.32
CA PRO B 31 -50.75 62.70 -1.82
C PRO B 31 -51.36 61.47 -2.51
N GLY B 32 -50.56 60.42 -2.66
CA GLY B 32 -51.03 59.21 -3.35
C GLY B 32 -49.94 58.15 -3.55
N THR B 33 -50.26 57.18 -4.39
CA THR B 33 -49.42 56.01 -4.67
C THR B 33 -48.05 56.33 -5.24
N TRP B 34 -47.89 57.50 -5.89
CA TRP B 34 -46.56 57.94 -6.35
C TRP B 34 -45.51 58.01 -5.23
N GLU B 35 -45.96 58.14 -3.99
CA GLU B 35 -45.09 58.16 -2.81
C GLU B 35 -44.37 56.83 -2.54
N ASN B 36 -44.78 55.76 -3.24
CA ASN B 36 -43.99 54.52 -3.28
C ASN B 36 -42.61 54.72 -3.89
N MET B 37 -42.42 55.78 -4.69
CA MET B 37 -41.11 56.06 -5.27
C MET B 37 -40.03 56.23 -4.20
N ALA B 38 -38.79 55.91 -4.55
CA ALA B 38 -37.66 56.16 -3.65
C ALA B 38 -37.63 57.63 -3.24
N PHE B 39 -37.30 57.89 -1.97
CA PHE B 39 -37.21 59.26 -1.47
C PHE B 39 -36.17 60.05 -2.25
N ALA B 40 -35.06 59.42 -2.54
CA ALA B 40 -33.96 60.00 -3.33
C ALA B 40 -33.26 58.89 -4.10
N GLN B 41 -32.67 59.23 -5.24
CA GLN B 41 -31.97 58.26 -6.07
C GLN B 41 -30.48 58.22 -5.74
N ASP B 42 -30.16 57.79 -4.52
CA ASP B 42 -28.79 57.60 -4.08
C ASP B 42 -28.75 56.68 -2.85
N SER B 43 -27.56 56.41 -2.35
CA SER B 43 -27.38 55.48 -1.22
C SER B 43 -28.02 55.92 0.10
N SER B 44 -28.33 57.21 0.24
CA SER B 44 -29.04 57.71 1.42
C SER B 44 -30.49 57.23 1.53
N ALA B 45 -31.08 56.78 0.42
CA ALA B 45 -32.45 56.22 0.45
C ALA B 45 -32.63 54.84 -0.22
N ILE B 46 -31.60 54.30 -0.86
CA ILE B 46 -31.70 53.00 -1.53
C ILE B 46 -30.44 52.17 -1.23
N ASN B 47 -30.59 51.08 -0.48
CA ASN B 47 -29.50 50.12 -0.34
C ASN B 47 -29.07 49.63 -1.71
N ASN B 48 -27.76 49.56 -1.93
CA ASN B 48 -27.22 49.03 -3.16
C ASN B 48 -25.81 48.46 -2.95
N ILE B 49 -25.38 47.63 -3.88
CA ILE B 49 -24.10 46.91 -3.81
C ILE B 49 -23.40 47.22 -5.12
N ASP B 50 -22.42 48.11 -5.06
CA ASP B 50 -21.74 48.63 -6.26
C ASP B 50 -22.71 49.08 -7.37
N GLY B 51 -23.80 49.73 -6.98
CA GLY B 51 -24.84 50.19 -7.92
C GLY B 51 -26.02 49.26 -8.16
N TYR B 52 -25.84 47.97 -7.92
CA TYR B 52 -26.87 46.97 -8.17
C TYR B 52 -27.78 46.83 -6.95
N LEU B 53 -28.99 46.34 -7.17
CA LEU B 53 -29.98 46.15 -6.11
C LEU B 53 -30.16 44.68 -5.77
N SER B 54 -30.42 44.41 -4.49
CA SER B 54 -30.74 43.06 -4.02
C SER B 54 -32.20 43.01 -3.56
N TYR B 55 -32.92 41.94 -3.93
CA TYR B 55 -34.30 41.79 -3.50
C TYR B 55 -34.50 41.73 -1.98
N THR B 56 -33.50 41.28 -1.23
CA THR B 56 -33.61 41.21 0.23
C THR B 56 -33.13 42.49 0.94
N ASP B 57 -32.73 43.51 0.17
CA ASP B 57 -32.37 44.82 0.73
C ASP B 57 -33.60 45.73 0.92
N TRP B 58 -33.37 46.88 1.53
CA TRP B 58 -34.40 47.82 1.92
C TRP B 58 -34.15 49.19 1.27
N TYR B 59 -35.20 50.00 1.24
CA TYR B 59 -35.12 51.39 0.75
C TYR B 59 -36.07 52.28 1.54
N ARG B 60 -35.92 53.59 1.35
CA ARG B 60 -36.79 54.56 1.95
C ARG B 60 -37.75 55.10 0.89
N PRO B 61 -39.03 54.72 0.94
CA PRO B 61 -39.98 55.35 0.03
C PRO B 61 -40.22 56.79 0.45
N TYR B 62 -40.77 57.60 -0.45
CA TYR B 62 -41.16 58.98 -0.11
C TYR B 62 -42.22 58.99 0.99
N GLY B 63 -43.25 58.16 0.86
CA GLY B 63 -44.28 58.04 1.88
C GLY B 63 -44.92 56.65 1.91
N THR B 64 -45.77 56.43 2.90
CA THR B 64 -46.48 55.16 3.12
C THR B 64 -47.92 55.40 3.56
N SER B 65 -48.74 54.36 3.45
CA SER B 65 -50.14 54.47 3.84
C SER B 65 -50.69 53.18 4.41
N GLN B 66 -51.57 53.31 5.40
CA GLN B 66 -52.31 52.20 5.96
C GLN B 66 -53.63 51.87 5.26
N ASP B 67 -54.12 52.75 4.38
CA ASP B 67 -55.44 52.56 3.75
C ASP B 67 -55.59 52.96 2.27
N GLY B 68 -54.59 53.57 1.66
CA GLY B 68 -54.71 54.13 0.30
C GLY B 68 -55.32 55.53 0.21
N LYS B 69 -55.68 56.11 1.35
CA LYS B 69 -56.34 57.42 1.39
C LYS B 69 -55.42 58.45 2.03
N THR B 70 -54.92 58.18 3.24
CA THR B 70 -54.04 59.08 3.97
C THR B 70 -52.60 58.58 3.86
N TRP B 71 -51.71 59.46 3.43
CA TRP B 71 -50.32 59.14 3.16
C TRP B 71 -49.44 59.96 4.09
N TYR B 72 -48.46 59.33 4.73
CA TYR B 72 -47.50 60.00 5.63
C TYR B 72 -46.11 59.95 5.02
N LYS B 73 -45.45 61.09 4.97
CA LYS B 73 -44.05 61.14 4.56
C LYS B 73 -43.17 60.35 5.53
N THR B 74 -42.18 59.65 4.99
CA THR B 74 -41.21 58.94 5.81
C THR B 74 -40.23 59.92 6.46
N THR B 75 -39.69 59.53 7.62
CA THR B 75 -38.44 60.11 8.14
C THR B 75 -37.28 59.31 7.57
N ALA B 76 -36.06 59.74 7.90
CA ALA B 76 -34.85 59.00 7.53
C ALA B 76 -34.77 57.59 8.15
N MET B 77 -35.58 57.33 9.18
CA MET B 77 -35.62 56.02 9.85
C MET B 77 -36.66 55.06 9.30
N ASP B 78 -37.57 55.51 8.44
CA ASP B 78 -38.67 54.65 7.98
C ASP B 78 -38.30 53.97 6.66
N TRP B 79 -37.57 52.87 6.77
CA TRP B 79 -37.20 52.08 5.61
C TRP B 79 -38.15 50.88 5.47
N ARG B 80 -38.28 50.38 4.25
CA ARG B 80 -39.12 49.22 3.95
C ARG B 80 -38.37 48.20 3.09
N PRO B 81 -38.72 46.90 3.22
CA PRO B 81 -38.11 45.88 2.37
C PRO B 81 -38.56 46.02 0.92
N LEU B 82 -37.60 45.88 0.00
CA LEU B 82 -37.89 45.93 -1.43
C LEU B 82 -38.92 44.87 -1.88
N LEU B 83 -38.95 43.72 -1.21
CA LEU B 83 -39.88 42.63 -1.55
C LEU B 83 -41.36 42.93 -1.32
N MET B 84 -41.68 44.04 -0.63
CA MET B 84 -43.05 44.57 -0.57
C MET B 84 -43.49 45.21 -1.89
N TYR B 85 -42.51 45.62 -2.71
CA TYR B 85 -42.75 46.41 -3.93
C TYR B 85 -42.29 45.78 -5.24
N ILE B 86 -41.22 44.98 -5.20
CA ILE B 86 -40.64 44.39 -6.40
C ILE B 86 -40.30 42.90 -6.21
N TRP B 87 -40.36 42.16 -7.31
CA TRP B 87 -40.11 40.71 -7.32
C TRP B 87 -39.42 40.32 -8.63
N PRO B 88 -38.69 39.19 -8.63
CA PRO B 88 -38.04 38.71 -9.87
C PRO B 88 -39.01 38.22 -10.93
N SER B 89 -40.24 37.88 -10.53
CA SER B 89 -41.23 37.38 -11.45
C SER B 89 -42.65 37.49 -10.87
N LYS B 90 -43.63 37.34 -11.74
CA LYS B 90 -45.02 37.20 -11.32
C LYS B 90 -45.22 36.03 -10.35
N ASP B 91 -44.52 34.92 -10.62
CA ASP B 91 -44.55 33.72 -9.80
C ASP B 91 -44.23 34.06 -8.34
N VAL B 92 -43.10 34.73 -8.14
CA VAL B 92 -42.62 35.08 -6.78
C VAL B 92 -43.52 36.16 -6.13
N GLN B 93 -44.05 37.08 -6.93
CA GLN B 93 -45.01 38.08 -6.45
C GLN B 93 -46.25 37.40 -5.86
N ALA B 94 -46.81 36.46 -6.60
CA ALA B 94 -47.95 35.70 -6.11
C ALA B 94 -47.58 34.90 -4.85
N GLN B 95 -46.39 34.31 -4.82
CA GLN B 95 -45.91 33.62 -3.61
C GLN B 95 -45.81 34.57 -2.41
N PHE B 96 -45.30 35.77 -2.64
CA PHE B 96 -45.17 36.76 -1.57
C PHE B 96 -46.55 37.09 -0.97
N ILE B 97 -47.53 37.34 -1.84
CA ILE B 97 -48.89 37.66 -1.42
C ILE B 97 -49.50 36.51 -0.59
N LYS B 98 -49.44 35.30 -1.14
CA LYS B 98 -49.89 34.09 -0.45
C LYS B 98 -49.23 33.89 0.90
N TYR B 99 -47.90 33.98 0.93
CA TYR B 99 -47.14 33.77 2.14
C TYR B 99 -47.56 34.76 3.23
N PHE B 100 -47.58 36.05 2.89
CA PHE B 100 -47.93 37.07 3.88
C PHE B 100 -49.36 36.93 4.40
N VAL B 101 -50.31 36.70 3.51
CA VAL B 101 -51.71 36.55 3.93
C VAL B 101 -51.85 35.34 4.88
N ASN B 102 -51.04 34.30 4.67
CA ASN B 102 -51.05 33.11 5.54
C ASN B 102 -50.16 33.19 6.80
N ASN B 103 -49.44 34.29 6.99
CA ASN B 103 -48.52 34.45 8.14
C ASN B 103 -48.69 35.80 8.84
N GLY B 104 -49.94 36.13 9.14
CA GLY B 104 -50.28 37.30 9.98
C GLY B 104 -50.77 38.57 9.28
N TYR B 105 -50.98 38.55 7.96
CA TYR B 105 -51.35 39.76 7.23
C TYR B 105 -52.65 39.55 6.45
N GLU B 106 -53.63 38.99 7.14
CA GLU B 106 -54.97 38.78 6.60
C GLU B 106 -55.84 40.01 6.89
N ASN B 107 -56.62 40.44 5.90
CA ASN B 107 -57.67 41.44 6.11
C ASN B 107 -58.73 41.35 5.00
N ALA B 108 -59.92 40.88 5.37
CA ALA B 108 -61.06 40.75 4.43
C ALA B 108 -61.53 42.08 3.84
N ASN B 109 -61.37 43.17 4.60
CA ASN B 109 -61.77 44.50 4.11
C ASN B 109 -60.90 45.01 2.96
N TYR B 110 -59.70 44.46 2.81
CA TYR B 110 -58.78 44.79 1.70
C TYR B 110 -58.62 43.64 0.66
N GLY B 111 -59.59 42.73 0.63
CA GLY B 111 -59.62 41.64 -0.36
C GLY B 111 -58.58 40.56 -0.19
N LEU B 112 -58.08 40.40 1.04
CA LEU B 112 -56.95 39.52 1.33
C LEU B 112 -57.31 38.55 2.44
N THR B 113 -57.89 37.43 2.06
CA THR B 113 -58.14 36.31 2.96
C THR B 113 -57.41 35.08 2.44
N LYS B 114 -57.36 34.04 3.27
CA LYS B 114 -56.72 32.79 2.85
C LYS B 114 -57.40 32.20 1.59
N ASP B 115 -58.72 32.33 1.49
CA ASP B 115 -59.44 31.86 0.30
C ASP B 115 -59.24 32.74 -0.95
N THR B 116 -59.17 34.06 -0.79
CA THR B 116 -58.93 34.93 -1.96
C THR B 116 -57.53 34.74 -2.58
N VAL B 117 -56.56 34.33 -1.76
CA VAL B 117 -55.19 34.07 -2.24
C VAL B 117 -54.87 32.59 -2.49
N ALA B 118 -55.82 31.69 -2.17
CA ALA B 118 -55.58 30.24 -2.25
C ALA B 118 -55.01 29.77 -3.59
N ASN B 119 -55.51 30.32 -4.70
CA ASN B 119 -55.18 29.82 -6.04
C ASN B 119 -54.45 30.82 -6.95
N ILE B 120 -54.03 31.97 -6.40
CA ILE B 120 -53.24 32.91 -7.20
C ILE B 120 -51.88 32.31 -7.51
N ASN B 121 -51.36 32.66 -8.69
CA ASN B 121 -50.08 32.16 -9.16
C ASN B 121 -49.58 33.00 -10.32
N LYS B 122 -48.43 32.60 -10.88
CA LYS B 122 -47.86 33.11 -12.14
C LYS B 122 -48.87 33.55 -13.23
N ASP B 123 -49.97 32.82 -13.38
CA ASP B 123 -50.96 33.09 -14.44
C ASP B 123 -52.09 34.06 -14.06
N THR B 124 -52.17 34.47 -12.80
CA THR B 124 -53.18 35.47 -12.40
C THR B 124 -52.97 36.74 -13.21
N ASN B 125 -54.08 37.35 -13.61
CA ASN B 125 -54.06 38.62 -14.33
C ASN B 125 -53.16 39.64 -13.62
N THR B 126 -52.36 40.37 -14.40
CA THR B 126 -51.35 41.28 -13.87
C THR B 126 -51.92 42.42 -13.00
N THR B 127 -53.00 43.04 -13.46
CA THR B 127 -53.60 44.14 -12.69
C THR B 127 -54.21 43.65 -11.37
N VAL B 128 -54.68 42.40 -11.34
CA VAL B 128 -55.19 41.79 -10.09
C VAL B 128 -54.06 41.59 -9.08
N LEU B 129 -52.92 41.04 -9.52
CA LEU B 129 -51.76 40.88 -8.65
C LEU B 129 -51.24 42.23 -8.12
N ALA B 130 -51.19 43.23 -8.99
CA ALA B 130 -50.73 44.56 -8.60
C ALA B 130 -51.66 45.14 -7.52
N ASN B 131 -52.96 45.01 -7.75
CA ASN B 131 -53.98 45.48 -6.80
C ASN B 131 -53.88 44.75 -5.44
N MET B 132 -53.72 43.44 -5.47
CA MET B 132 -53.51 42.68 -4.24
C MET B 132 -52.22 43.09 -3.53
N ALA B 133 -51.15 43.32 -4.28
CA ALA B 133 -49.88 43.74 -3.68
C ALA B 133 -49.99 45.13 -3.03
N GLN B 134 -50.71 46.05 -3.68
CA GLN B 134 -50.92 47.41 -3.13
C GLN B 134 -51.75 47.34 -1.84
N ASN B 135 -52.80 46.54 -1.87
CA ASN B 135 -53.64 46.30 -0.71
C ASN B 135 -52.87 45.62 0.43
N LEU B 136 -51.99 44.69 0.08
CA LEU B 136 -51.15 44.05 1.08
C LEU B 136 -50.20 45.07 1.75
N ARG B 137 -49.66 46.02 0.99
CA ARG B 137 -48.83 47.05 1.59
C ARG B 137 -49.57 47.84 2.67
N TYR B 138 -50.84 48.14 2.43
CA TYR B 138 -51.69 48.81 3.39
C TYR B 138 -51.85 47.96 4.67
N VAL B 139 -52.08 46.67 4.46
CA VAL B 139 -52.24 45.73 5.57
C VAL B 139 -50.89 45.60 6.32
N ILE B 140 -49.77 45.59 5.60
CA ILE B 140 -48.44 45.55 6.24
C ILE B 140 -48.18 46.81 7.08
N GLU B 141 -48.55 47.99 6.56
CA GLU B 141 -48.40 49.24 7.31
C GLU B 141 -49.29 49.26 8.56
N GLN B 142 -50.47 48.65 8.49
CA GLN B 142 -51.30 48.48 9.68
C GLN B 142 -50.55 47.62 10.73
N SER B 143 -49.92 46.55 10.26
CA SER B 143 -49.17 45.65 11.14
C SER B 143 -47.95 46.35 11.77
N ILE B 144 -47.22 47.14 10.97
CA ILE B 144 -46.09 47.95 11.46
C ILE B 144 -46.55 48.89 12.57
N ALA B 145 -47.68 49.55 12.35
CA ALA B 145 -48.27 50.46 13.35
C ALA B 145 -48.66 49.73 14.64
N ALA B 146 -49.28 48.57 14.51
CA ALA B 146 -49.69 47.76 15.68
C ALA B 146 -48.46 47.29 16.47
N ASN B 147 -47.42 46.87 15.76
CA ASN B 147 -46.18 46.39 16.39
C ASN B 147 -45.14 47.48 16.72
N LYS B 148 -45.47 48.75 16.43
CA LYS B 148 -44.61 49.88 16.73
C LYS B 148 -43.18 49.72 16.14
N GLY B 149 -43.10 49.13 14.94
CA GLY B 149 -41.81 48.89 14.32
C GLY B 149 -41.84 47.84 13.23
N THR B 150 -40.70 47.66 12.58
CA THR B 150 -40.55 46.78 11.44
C THR B 150 -39.86 45.43 11.78
N SER B 151 -39.68 45.10 13.05
CA SER B 151 -38.88 43.91 13.40
C SER B 151 -39.59 42.61 13.04
N LYS B 152 -40.91 42.55 13.26
CA LYS B 152 -41.70 41.39 12.82
C LYS B 152 -41.64 41.27 11.29
N LEU B 153 -41.88 42.38 10.59
CA LEU B 153 -41.80 42.41 9.12
C LEU B 153 -40.47 41.88 8.61
N ALA B 154 -39.37 42.36 9.21
CA ALA B 154 -38.02 41.93 8.82
C ALA B 154 -37.85 40.40 8.93
N ASN B 155 -38.34 39.82 10.01
CA ASN B 155 -38.32 38.35 10.20
C ASN B 155 -39.19 37.63 9.15
N ASP B 156 -40.37 38.19 8.88
CA ASP B 156 -41.30 37.61 7.91
C ASP B 156 -40.71 37.66 6.49
N ILE B 157 -40.02 38.76 6.16
CA ILE B 157 -39.32 38.85 4.86
C ILE B 157 -38.21 37.80 4.75
N ASN B 158 -37.40 37.68 5.80
CA ASN B 158 -36.30 36.68 5.82
C ASN B 158 -36.86 35.26 5.72
N SER B 159 -37.95 34.97 6.44
CA SER B 159 -38.60 33.66 6.37
C SER B 159 -39.17 33.41 4.99
N PHE B 160 -39.85 34.40 4.40
CA PHE B 160 -40.33 34.26 3.02
C PHE B 160 -39.19 34.00 2.04
N ALA B 161 -38.13 34.81 2.10
CA ALA B 161 -37.02 34.69 1.13
C ALA B 161 -36.40 33.30 1.12
N ALA B 162 -36.26 32.71 2.30
CA ALA B 162 -35.71 31.35 2.46
C ALA B 162 -36.53 30.26 1.75
N THR B 163 -37.80 30.53 1.44
CA THR B 163 -38.65 29.61 0.68
C THR B 163 -38.56 29.77 -0.84
N VAL B 164 -37.88 30.82 -1.31
CA VAL B 164 -37.83 31.11 -2.76
C VAL B 164 -36.43 30.68 -3.25
N PRO B 165 -36.35 29.64 -4.13
CA PRO B 165 -35.05 29.16 -4.60
C PRO B 165 -34.06 30.25 -5.05
N GLU B 166 -34.48 31.16 -5.94
CA GLU B 166 -33.56 32.17 -6.46
C GLU B 166 -33.08 33.22 -5.42
N LEU B 167 -33.74 33.31 -4.25
CA LEU B 167 -33.35 34.23 -3.18
C LEU B 167 -32.75 33.49 -1.98
N SER B 168 -32.29 32.26 -2.21
CA SER B 168 -31.76 31.43 -1.13
C SER B 168 -30.79 30.40 -1.70
N ALA B 169 -30.24 29.59 -0.83
CA ALA B 169 -29.11 28.72 -1.14
C ALA B 169 -29.31 27.83 -2.36
N SER B 170 -30.51 27.24 -2.51
CA SER B 170 -30.69 26.14 -3.49
C SER B 170 -30.38 26.53 -4.93
N SER B 171 -30.65 27.78 -5.31
CA SER B 171 -30.31 28.22 -6.67
C SER B 171 -28.79 28.28 -6.99
N GLU B 172 -27.95 28.20 -5.98
CA GLU B 172 -26.47 28.18 -6.21
C GLU B 172 -25.98 26.84 -6.77
N LEU B 173 -26.81 25.81 -6.63
CA LEU B 173 -26.60 24.47 -7.22
C LEU B 173 -25.49 23.68 -6.53
N SER B 174 -25.68 23.41 -5.24
CA SER B 174 -24.80 22.55 -4.49
C SER B 174 -24.86 21.12 -5.01
N LEU B 175 -23.71 20.46 -5.04
CA LEU B 175 -23.65 19.02 -5.34
C LEU B 175 -24.38 18.19 -4.29
N GLN B 176 -24.58 18.74 -3.09
CA GLN B 176 -25.42 18.10 -2.06
C GLN B 176 -26.83 17.66 -2.55
N SER B 177 -27.32 18.30 -3.60
CA SER B 177 -28.64 17.98 -4.20
C SER B 177 -28.62 16.89 -5.29
N MET B 178 -27.46 16.27 -5.54
CA MET B 178 -27.32 15.24 -6.54
C MET B 178 -27.99 13.97 -6.00
N PRO B 179 -28.45 13.11 -6.91
CA PRO B 179 -29.24 11.96 -6.45
C PRO B 179 -28.36 10.98 -5.67
N ASN B 180 -28.85 10.60 -4.50
CA ASN B 180 -28.17 9.66 -3.59
C ASN B 180 -26.83 10.18 -3.12
N TYR B 181 -26.72 11.49 -2.95
CA TYR B 181 -25.47 12.11 -2.53
C TYR B 181 -24.99 11.54 -1.21
N ARG B 182 -23.69 11.28 -1.16
CA ARG B 182 -23.01 10.75 0.01
C ARG B 182 -22.18 11.92 0.55
N PRO B 183 -22.44 12.36 1.79
CA PRO B 183 -21.63 13.43 2.39
C PRO B 183 -20.12 13.10 2.47
N ASP B 184 -19.27 14.11 2.25
CA ASP B 184 -17.82 13.89 2.30
C ASP B 184 -17.34 14.16 3.73
N LYS B 185 -16.62 13.21 4.29
CA LYS B 185 -16.08 13.29 5.66
C LYS B 185 -15.10 14.46 5.91
N SER B 186 -14.57 15.08 4.85
CA SER B 186 -13.75 16.29 4.99
C SER B 186 -14.51 17.44 5.64
N GLY B 187 -15.85 17.43 5.51
CA GLY B 187 -16.69 18.50 6.04
C GLY B 187 -16.92 19.66 5.09
N THR B 188 -16.29 19.63 3.90
CA THR B 188 -16.52 20.64 2.88
C THR B 188 -16.83 19.95 1.58
N ILE B 189 -17.43 20.67 0.65
CA ILE B 189 -17.77 20.14 -0.65
C ILE B 189 -16.87 20.80 -1.68
N ASP B 190 -15.87 20.04 -2.16
CA ASP B 190 -14.80 20.57 -3.00
C ASP B 190 -15.31 21.34 -4.20
N SER B 191 -16.26 20.75 -4.92
CA SER B 191 -16.71 21.33 -6.16
C SER B 191 -17.99 22.20 -6.03
N ASP B 192 -18.23 22.72 -4.82
CA ASP B 192 -19.24 23.79 -4.58
C ASP B 192 -18.51 25.14 -4.64
N GLN B 193 -18.28 25.60 -5.86
CA GLN B 193 -17.47 26.77 -6.12
C GLN B 193 -18.07 27.63 -7.22
N VAL B 194 -17.67 28.89 -7.15
CA VAL B 194 -17.89 29.82 -8.19
C VAL B 194 -16.55 30.56 -8.43
N ILE B 195 -16.21 30.84 -9.67
CA ILE B 195 -15.04 31.68 -9.99
C ILE B 195 -15.47 33.12 -10.27
N PHE B 196 -14.57 34.07 -10.00
CA PHE B 196 -14.78 35.47 -10.34
C PHE B 196 -14.14 35.70 -11.71
N VAL B 197 -14.95 36.21 -12.65
CA VAL B 197 -14.49 36.47 -14.01
C VAL B 197 -14.60 37.96 -14.34
N ASN B 198 -13.86 38.36 -15.37
CA ASN B 198 -13.86 39.73 -15.85
C ASN B 198 -15.18 40.10 -16.51
N ASN B 199 -15.60 41.34 -16.32
CA ASN B 199 -16.83 41.84 -16.90
C ASN B 199 -16.81 43.36 -16.94
N ASN B 200 -16.39 43.87 -18.10
CA ASN B 200 -16.40 45.32 -18.38
C ASN B 200 -17.40 45.64 -19.51
N SER B 201 -18.55 44.96 -19.50
CA SER B 201 -19.54 45.12 -20.58
C SER B 201 -20.28 46.45 -20.49
N LYS B 202 -20.76 46.92 -21.64
CA LYS B 202 -21.67 48.07 -21.74
C LYS B 202 -23.12 47.64 -21.96
N ASP B 203 -23.38 46.33 -22.00
CA ASP B 203 -24.69 45.78 -22.23
C ASP B 203 -25.42 45.68 -20.89
N PRO B 204 -26.54 46.43 -20.71
CA PRO B 204 -27.23 46.35 -19.40
C PRO B 204 -27.74 44.95 -18.97
N ARG B 205 -27.96 44.04 -19.93
CA ARG B 205 -28.32 42.64 -19.64
C ARG B 205 -27.16 41.84 -19.05
N LYS B 206 -25.92 42.26 -19.34
CA LYS B 206 -24.72 41.62 -18.76
C LYS B 206 -24.20 42.30 -17.50
N GLY B 207 -24.44 43.60 -17.36
CA GLY B 207 -23.87 44.35 -16.25
C GLY B 207 -22.38 44.60 -16.42
N ASN B 208 -21.75 45.04 -15.34
CA ASN B 208 -20.36 45.47 -15.36
C ASN B 208 -19.84 45.46 -13.93
N THR B 209 -18.77 44.71 -13.69
CA THR B 209 -18.11 44.65 -12.38
C THR B 209 -16.62 44.87 -12.58
N SER B 210 -16.27 45.88 -13.38
CA SER B 210 -14.89 46.05 -13.86
C SER B 210 -13.86 46.34 -12.77
N TYR B 211 -14.32 46.94 -11.67
CA TYR B 211 -13.49 47.12 -10.44
C TYR B 211 -12.94 45.77 -9.91
N ALA B 212 -13.63 44.65 -10.19
CA ALA B 212 -13.18 43.31 -9.78
C ALA B 212 -12.42 42.54 -10.88
N ASP B 213 -12.16 43.18 -12.01
CA ASP B 213 -11.38 42.56 -13.08
C ASP B 213 -9.92 42.29 -12.68
N SER B 214 -9.31 41.30 -13.31
CA SER B 214 -7.88 40.98 -13.09
C SER B 214 -7.24 40.46 -14.37
N ASN B 215 -5.98 40.79 -14.54
CA ASN B 215 -5.14 40.23 -15.61
C ASN B 215 -4.43 38.97 -15.15
N TYR B 216 -4.66 38.53 -13.90
CA TYR B 216 -3.97 37.36 -13.34
C TYR B 216 -4.97 36.22 -13.17
N ARG B 217 -5.30 35.85 -11.93
CA ARG B 217 -6.14 34.67 -11.69
C ARG B 217 -5.63 33.43 -12.46
N LEU B 218 -4.32 33.20 -12.42
CA LEU B 218 -3.75 31.99 -13.02
C LEU B 218 -4.08 30.88 -12.06
N MET B 219 -5.00 30.01 -12.45
CA MET B 219 -5.47 28.97 -11.54
C MET B 219 -4.76 27.66 -11.80
N ASN B 220 -4.61 26.86 -10.75
CA ASN B 220 -4.09 25.49 -10.84
C ASN B 220 -2.59 25.46 -11.19
N ARG B 221 -1.86 26.54 -10.89
CA ARG B 221 -0.41 26.58 -11.10
C ARG B 221 0.26 26.01 -9.87
N THR B 222 -0.14 24.76 -9.60
CA THR B 222 0.07 24.07 -8.34
C THR B 222 1.09 22.97 -8.56
N ILE B 223 1.97 22.79 -7.56
CA ILE B 223 2.99 21.73 -7.55
C ILE B 223 3.79 21.80 -8.87
N ASN B 224 3.90 20.69 -9.62
CA ASN B 224 4.68 20.69 -10.86
C ASN B 224 4.02 21.42 -12.04
N ASN B 225 2.78 21.88 -11.89
CA ASN B 225 2.16 22.72 -12.93
C ASN B 225 2.38 24.24 -12.76
N GLN B 226 3.36 24.63 -11.95
CA GLN B 226 3.67 26.04 -11.71
C GLN B 226 3.82 26.84 -13.00
N ALA B 227 4.47 26.25 -13.99
CA ALA B 227 4.68 26.90 -15.29
C ALA B 227 3.56 26.66 -16.31
N GLY B 228 2.49 25.98 -15.93
CA GLY B 228 1.37 25.70 -16.85
C GLY B 228 1.67 24.66 -17.96
N ASN B 229 2.69 23.82 -17.76
CA ASN B 229 3.03 22.81 -18.78
C ASN B 229 3.34 21.41 -18.20
N ASN B 230 2.82 21.12 -17.00
CA ASN B 230 2.96 19.79 -16.44
C ASN B 230 1.89 19.58 -15.39
N ASN B 231 0.71 19.16 -15.83
CA ASN B 231 -0.39 18.88 -14.91
C ASN B 231 -0.45 17.42 -14.49
N SER B 232 0.70 16.79 -14.29
CA SER B 232 0.73 15.38 -13.89
C SER B 232 0.15 15.18 -12.48
N ASP B 233 0.19 16.23 -11.63
CA ASP B 233 -0.38 16.15 -10.27
C ASP B 233 -1.89 16.38 -10.23
N ASN B 234 -2.38 17.24 -11.13
CA ASN B 234 -3.78 17.67 -11.16
C ASN B 234 -4.30 18.13 -9.80
N SER B 235 -3.52 18.97 -9.11
CA SER B 235 -3.86 19.44 -7.75
C SER B 235 -4.72 20.71 -7.87
N PRO B 236 -5.92 20.73 -7.23
CA PRO B 236 -6.87 21.81 -7.48
C PRO B 236 -6.54 23.18 -6.84
N GLU B 237 -6.95 24.24 -7.52
CA GLU B 237 -6.83 25.60 -6.97
C GLU B 237 -7.75 25.83 -5.77
N LEU B 238 -8.97 25.29 -5.80
CA LEU B 238 -10.02 25.66 -4.86
C LEU B 238 -10.30 24.59 -3.81
N LEU B 239 -10.39 25.03 -2.55
CA LEU B 239 -10.78 24.20 -1.40
C LEU B 239 -12.10 24.70 -0.80
N VAL B 240 -12.04 25.85 -0.13
CA VAL B 240 -13.19 26.43 0.59
C VAL B 240 -12.89 27.90 0.91
N GLY B 241 -13.95 28.70 1.03
CA GLY B 241 -13.82 30.11 1.36
C GLY B 241 -13.48 30.98 0.19
N ASN B 242 -13.01 32.20 0.48
CA ASN B 242 -12.63 33.13 -0.58
C ASN B 242 -11.20 32.80 -0.97
N ASP B 243 -11.03 32.28 -2.20
CA ASP B 243 -9.73 31.77 -2.63
C ASP B 243 -8.86 32.94 -3.04
N ILE B 244 -7.70 33.09 -2.40
CA ILE B 244 -6.80 34.22 -2.67
C ILE B 244 -6.02 33.98 -3.98
N ASP B 245 -5.95 35.00 -4.84
CA ASP B 245 -5.22 34.89 -6.10
C ASP B 245 -3.71 35.07 -5.85
N ASN B 246 -3.06 33.96 -5.53
CA ASN B 246 -1.63 33.92 -5.29
C ASN B 246 -0.74 34.00 -6.56
N SER B 247 -1.35 34.14 -7.74
CA SER B 247 -0.64 34.52 -8.96
C SER B 247 -0.53 36.05 -9.15
N ASN B 248 -1.29 36.84 -8.40
CA ASN B 248 -1.25 38.31 -8.53
C ASN B 248 0.06 38.85 -7.90
N PRO B 249 0.89 39.57 -8.68
CA PRO B 249 2.17 40.07 -8.15
C PRO B 249 2.06 40.95 -6.89
N VAL B 250 0.95 41.69 -6.76
CA VAL B 250 0.70 42.50 -5.55
C VAL B 250 0.42 41.59 -4.35
N VAL B 251 -0.36 40.54 -4.55
CA VAL B 251 -0.60 39.55 -3.50
C VAL B 251 0.71 38.84 -3.11
N GLN B 252 1.55 38.53 -4.09
CA GLN B 252 2.81 37.85 -3.82
C GLN B 252 3.72 38.73 -2.93
N ALA B 253 3.77 40.04 -3.22
CA ALA B 253 4.49 40.97 -2.35
C ALA B 253 3.88 41.03 -0.94
N GLU B 254 2.55 41.05 -0.85
CA GLU B 254 1.88 41.02 0.46
C GLU B 254 2.19 39.76 1.29
N ASN B 255 2.31 38.58 0.66
CA ASN B 255 2.72 37.37 1.40
C ASN B 255 4.10 37.53 2.05
N LEU B 256 5.04 38.13 1.31
CA LEU B 256 6.39 38.45 1.81
C LEU B 256 6.33 39.38 3.01
N ASN B 257 5.49 40.43 2.91
CA ASN B 257 5.18 41.30 4.06
C ASN B 257 4.69 40.53 5.29
N TRP B 258 3.70 39.66 5.05
CA TRP B 258 3.09 38.86 6.11
C TRP B 258 4.10 37.91 6.76
N GLU B 259 4.90 37.25 5.94
CA GLU B 259 5.95 36.34 6.43
C GLU B 259 6.96 37.10 7.29
N TYR B 260 7.37 38.28 6.82
CA TYR B 260 8.30 39.11 7.56
C TYR B 260 7.73 39.50 8.93
N PHE B 261 6.45 39.83 8.96
CA PHE B 261 5.76 40.16 10.20
C PHE B 261 5.79 39.03 11.21
N LEU B 262 5.39 37.84 10.74
CA LEU B 262 5.31 36.68 11.63
C LEU B 262 6.70 36.28 12.14
N LEU B 263 7.70 36.42 11.28
CA LEU B 263 9.09 36.08 11.66
C LEU B 263 9.72 37.06 12.64
N ASN B 264 9.07 38.20 12.85
CA ASN B 264 9.50 39.24 13.79
C ASN B 264 8.37 39.72 14.69
N TYR B 265 7.37 38.86 14.93
CA TYR B 265 6.10 39.25 15.56
C TYR B 265 6.21 40.09 16.85
N GLY B 266 6.85 39.53 17.88
CA GLY B 266 7.00 40.22 19.17
C GLY B 266 7.75 41.55 19.06
N LYS B 267 8.86 41.55 18.32
CA LYS B 267 9.64 42.79 18.11
C LYS B 267 8.80 43.87 17.46
N LEU B 268 8.05 43.48 16.44
CA LEU B 268 7.26 44.46 15.69
C LEU B 268 6.03 44.98 16.42
N MET B 269 5.51 44.19 17.38
CA MET B 269 4.36 44.61 18.18
C MET B 269 4.76 45.33 19.46
N GLY B 270 6.05 45.32 19.82
CA GLY B 270 6.50 45.78 21.12
C GLY B 270 6.09 44.84 22.25
N TYR B 271 5.88 43.56 21.92
CA TYR B 271 5.58 42.53 22.92
C TYR B 271 6.90 41.89 23.30
N ASN B 272 6.90 40.67 23.84
CA ASN B 272 8.14 40.02 24.22
C ASN B 272 9.09 40.07 23.04
N PRO B 273 10.29 40.67 23.22
CA PRO B 273 11.16 40.84 22.04
C PRO B 273 11.75 39.55 21.49
N ASP B 274 11.65 38.45 22.23
CA ASP B 274 12.05 37.14 21.73
C ASP B 274 10.85 36.32 21.24
N GLY B 275 9.67 36.93 21.14
CA GLY B 275 8.44 36.22 20.77
C GLY B 275 8.19 36.25 19.27
N ASN B 276 9.13 35.69 18.53
CA ASN B 276 9.14 35.74 17.07
C ASN B 276 9.15 34.32 16.53
N PHE B 277 8.31 34.05 15.52
CA PHE B 277 8.31 32.71 14.90
C PHE B 277 9.61 32.50 14.12
N ASP B 278 10.06 31.24 14.10
CA ASP B 278 11.32 30.83 13.48
C ASP B 278 11.13 30.31 12.08
N GLY B 279 9.92 29.83 11.77
CA GLY B 279 9.63 29.27 10.48
C GLY B 279 8.15 28.98 10.34
N PHE B 280 7.78 28.26 9.28
CA PHE B 280 6.36 28.05 8.93
C PHE B 280 5.97 26.60 8.65
N ARG B 281 4.76 26.27 9.08
CA ARG B 281 4.02 25.14 8.56
C ARG B 281 3.12 25.73 7.51
N VAL B 282 3.30 25.32 6.26
CA VAL B 282 2.62 25.97 5.14
C VAL B 282 1.31 25.24 4.79
N ASP B 283 0.19 25.86 5.16
CA ASP B 283 -1.14 25.28 4.92
C ASP B 283 -1.48 25.25 3.43
N ALA B 284 -2.05 24.14 2.98
CA ALA B 284 -2.58 24.05 1.61
C ALA B 284 -1.53 24.36 0.55
N ALA B 285 -0.32 23.85 0.76
CA ALA B 285 0.77 24.10 -0.17
C ALA B 285 0.55 23.52 -1.57
N ASP B 286 -0.38 22.55 -1.71
CA ASP B 286 -0.73 21.99 -3.02
C ASP B 286 -1.84 22.75 -3.71
N ASN B 287 -2.40 23.79 -3.06
CA ASN B 287 -3.60 24.44 -3.59
C ASN B 287 -3.40 25.94 -3.81
N ILE B 288 -2.13 26.36 -3.87
CA ILE B 288 -1.77 27.77 -4.08
C ILE B 288 -0.69 27.83 -5.15
N ASP B 289 -0.66 28.92 -5.92
CA ASP B 289 0.35 29.13 -6.93
C ASP B 289 1.73 28.84 -6.30
N ALA B 290 2.47 27.87 -6.85
CA ALA B 290 3.75 27.45 -6.26
C ALA B 290 4.83 28.54 -6.22
N ASP B 291 4.65 29.63 -6.98
CA ASP B 291 5.51 30.82 -6.86
C ASP B 291 5.72 31.23 -5.40
N VAL B 292 4.66 31.13 -4.58
CA VAL B 292 4.75 31.60 -3.20
C VAL B 292 5.66 30.75 -2.34
N LEU B 293 5.84 29.48 -2.70
CA LEU B 293 6.80 28.62 -2.00
C LEU B 293 8.24 29.01 -2.37
N ASP B 294 8.48 29.31 -3.65
CA ASP B 294 9.79 29.85 -4.08
C ASP B 294 10.14 31.13 -3.33
N GLN B 295 9.16 32.03 -3.26
CA GLN B 295 9.34 33.36 -2.70
C GLN B 295 9.55 33.34 -1.20
N MET B 296 8.82 32.46 -0.51
CA MET B 296 9.03 32.24 0.93
C MET B 296 10.46 31.78 1.20
N GLY B 297 10.91 30.77 0.44
CA GLY B 297 12.30 30.30 0.58
C GLY B 297 13.34 31.41 0.28
N GLN B 298 13.09 32.21 -0.74
CA GLN B 298 13.98 33.32 -1.09
C GLN B 298 14.09 34.33 0.05
N LEU B 299 12.96 34.70 0.64
CA LEU B 299 12.92 35.63 1.79
C LEU B 299 13.71 35.10 2.97
N MET B 300 13.44 33.85 3.33
CA MET B 300 14.08 33.25 4.49
C MET B 300 15.58 33.04 4.27
N ASN B 301 15.98 32.75 3.02
CA ASN B 301 17.42 32.73 2.69
C ASN B 301 18.08 34.12 2.69
N ASP B 302 17.38 35.12 2.18
CA ASP B 302 17.86 36.52 2.24
C ASP B 302 18.07 36.97 3.69
N MET B 303 17.11 36.64 4.55
CA MET B 303 17.14 37.07 5.95
C MET B 303 18.12 36.30 6.81
N TYR B 304 18.15 34.97 6.65
CA TYR B 304 18.85 34.08 7.58
C TYR B 304 19.97 33.20 6.98
N HIS B 305 20.17 33.25 5.65
CA HIS B 305 21.29 32.56 5.00
C HIS B 305 21.22 31.06 5.26
N THR B 306 20.12 30.49 4.78
CA THR B 306 19.74 29.11 5.02
C THR B 306 20.33 28.17 3.98
N LYS B 307 20.33 28.58 2.72
CA LYS B 307 20.80 27.76 1.63
C LYS B 307 22.32 27.53 1.78
N GLY B 308 22.75 26.26 1.78
CA GLY B 308 24.16 25.91 1.96
C GLY B 308 24.69 25.95 3.39
N ASN B 309 23.81 26.24 4.36
CA ASN B 309 24.19 26.36 5.78
C ASN B 309 23.15 25.62 6.62
N PRO B 310 23.39 24.31 6.87
CA PRO B 310 22.41 23.47 7.57
C PRO B 310 21.97 23.98 8.95
N GLN B 311 22.87 24.62 9.70
CA GLN B 311 22.54 25.14 11.03
C GLN B 311 21.47 26.23 10.91
N ASN B 312 21.66 27.14 9.95
CA ASN B 312 20.68 28.22 9.73
C ASN B 312 19.38 27.68 9.17
N ALA B 313 19.47 26.80 8.17
CA ALA B 313 18.28 26.20 7.59
C ALA B 313 17.43 25.50 8.66
N ASN B 314 18.07 24.64 9.45
CA ASN B 314 17.37 23.84 10.46
C ASN B 314 16.80 24.67 11.61
N ASP B 315 17.49 25.76 11.97
CA ASP B 315 16.97 26.71 12.93
C ASP B 315 15.69 27.39 12.45
N HIS B 316 15.48 27.43 11.14
CA HIS B 316 14.27 28.01 10.57
C HIS B 316 13.46 26.93 9.82
N LEU B 317 13.32 25.78 10.47
CA LEU B 317 12.61 24.64 9.90
C LEU B 317 11.27 25.07 9.36
N SER B 318 11.00 24.78 8.09
CA SER B 318 9.70 25.02 7.48
C SER B 318 9.25 23.77 6.71
N TYR B 319 7.94 23.55 6.68
CA TYR B 319 7.39 22.27 6.20
C TYR B 319 5.99 22.46 5.60
N ASN B 320 5.77 21.86 4.43
CA ASN B 320 4.59 22.09 3.61
C ASN B 320 3.57 20.99 3.77
N GLU B 321 2.33 21.37 4.06
CA GLU B 321 1.24 20.41 4.15
C GLU B 321 0.79 20.04 2.77
N GLY B 322 0.77 18.75 2.47
CA GLY B 322 0.17 18.28 1.23
C GLY B 322 0.05 16.78 1.14
N TYR B 323 -0.89 16.32 0.31
CA TYR B 323 -1.22 14.91 0.15
C TYR B 323 -0.90 14.42 -1.28
N HIS B 324 -0.16 15.22 -2.05
CA HIS B 324 0.27 14.86 -3.40
C HIS B 324 1.76 14.53 -3.43
N SER B 325 2.09 13.27 -3.72
CA SER B 325 3.46 12.80 -3.75
C SER B 325 4.35 13.51 -4.77
N GLY B 326 3.75 14.09 -5.82
CA GLY B 326 4.49 14.89 -6.79
C GLY B 326 5.26 16.08 -6.21
N ALA B 327 4.83 16.53 -5.02
CA ALA B 327 5.53 17.62 -4.33
C ALA B 327 6.97 17.26 -3.95
N ALA B 328 7.27 15.97 -3.75
CA ALA B 328 8.64 15.57 -3.44
C ALA B 328 9.60 15.92 -4.57
N GLN B 329 9.26 15.50 -5.78
CA GLN B 329 10.01 15.83 -6.99
C GLN B 329 10.18 17.36 -7.15
N MET B 330 9.08 18.10 -7.04
CA MET B 330 9.11 19.57 -7.10
C MET B 330 10.12 20.15 -6.14
N LEU B 331 10.01 19.76 -4.87
CA LEU B 331 10.91 20.29 -3.85
C LEU B 331 12.37 19.94 -4.07
N ASN B 332 12.64 18.70 -4.49
CA ASN B 332 14.02 18.30 -4.80
C ASN B 332 14.61 19.16 -5.90
N GLU B 333 13.84 19.41 -6.96
CA GLU B 333 14.29 20.26 -8.07
C GLU B 333 14.60 21.69 -7.62
N LYS B 334 13.88 22.17 -6.59
CA LYS B 334 14.07 23.50 -6.03
C LYS B 334 15.14 23.59 -4.94
N GLY B 335 15.82 22.48 -4.64
CA GLY B 335 16.78 22.48 -3.55
C GLY B 335 16.19 22.43 -2.16
N ASN B 336 14.94 21.98 -2.06
CA ASN B 336 14.28 21.70 -0.78
C ASN B 336 14.18 22.89 0.15
N PRO B 337 13.51 23.96 -0.29
CA PRO B 337 13.30 25.12 0.59
C PRO B 337 12.36 24.85 1.79
N GLN B 338 11.47 23.84 1.67
CA GLN B 338 10.65 23.36 2.78
C GLN B 338 10.64 21.82 2.76
N LEU B 339 10.26 21.21 3.87
CA LEU B 339 10.09 19.75 3.92
C LEU B 339 8.84 19.30 3.18
N TYR B 340 8.95 18.15 2.51
CA TYR B 340 7.84 17.43 1.86
C TYR B 340 7.05 16.63 2.91
N MET B 341 5.71 16.65 2.86
CA MET B 341 4.89 15.88 3.79
C MET B 341 4.70 14.44 3.26
N ASP B 342 5.26 13.47 3.97
CA ASP B 342 5.19 12.05 3.53
C ASP B 342 3.84 11.42 3.90
N SER B 343 2.80 11.83 3.20
CA SER B 343 1.45 11.31 3.44
C SER B 343 1.35 9.81 3.14
N GLY B 344 2.16 9.32 2.20
CA GLY B 344 2.28 7.90 1.90
C GLY B 344 2.50 7.07 3.14
N GLU B 345 3.40 7.53 4.02
CA GLU B 345 3.72 6.81 5.26
C GLU B 345 2.51 6.74 6.17
N PHE B 346 1.77 7.82 6.27
CA PHE B 346 0.53 7.83 7.06
C PHE B 346 -0.46 6.78 6.55
N TYR B 347 -0.72 6.75 5.26
CA TYR B 347 -1.69 5.78 4.72
C TYR B 347 -1.19 4.35 4.89
N THR B 348 0.13 4.15 4.76
CA THR B 348 0.73 2.83 4.97
C THR B 348 0.55 2.38 6.42
N LEU B 349 0.87 3.27 7.36
CA LEU B 349 0.65 2.97 8.77
C LEU B 349 -0.79 2.56 9.03
N GLU B 350 -1.73 3.34 8.50
CA GLU B 350 -3.16 3.04 8.71
C GLU B 350 -3.62 1.75 8.00
N ASN B 351 -3.16 1.51 6.76
CA ASN B 351 -3.58 0.33 6.00
C ASN B 351 -2.97 -0.94 6.55
N VAL B 352 -1.76 -0.85 7.13
CA VAL B 352 -1.04 -2.03 7.64
C VAL B 352 -1.40 -2.36 9.10
N LEU B 353 -1.42 -1.32 9.94
CA LEU B 353 -1.59 -1.47 11.39
C LEU B 353 -2.94 -1.03 11.94
N GLY B 354 -3.58 -0.07 11.30
CA GLY B 354 -4.74 0.61 11.86
C GLY B 354 -6.14 0.06 11.58
N ARG B 355 -6.27 -0.72 10.51
CA ARG B 355 -7.58 -1.29 10.17
C ARG B 355 -7.96 -2.41 11.12
N ALA B 356 -9.26 -2.67 11.23
CA ALA B 356 -9.78 -3.86 11.92
C ALA B 356 -9.50 -5.12 11.11
N ASN B 357 -9.83 -5.07 9.82
CA ASN B 357 -9.73 -6.19 8.90
C ASN B 357 -9.05 -5.76 7.61
N ASN B 358 -8.68 -6.73 6.78
CA ASN B 358 -8.10 -6.45 5.46
C ASN B 358 -6.86 -5.56 5.60
N ARG B 359 -6.00 -5.91 6.55
CA ARG B 359 -4.73 -5.18 6.75
C ARG B 359 -3.78 -5.53 5.61
N ASP B 360 -3.11 -4.52 5.06
CA ASP B 360 -2.03 -4.76 4.11
C ASP B 360 -0.87 -5.44 4.83
N ASN B 361 0.01 -6.05 4.06
CA ASN B 361 1.14 -6.79 4.60
C ASN B 361 2.11 -5.89 5.38
N ILE B 362 2.65 -6.43 6.46
CA ILE B 362 3.64 -5.76 7.30
C ILE B 362 4.82 -5.17 6.50
N GLY B 363 5.22 -5.86 5.42
CA GLY B 363 6.32 -5.41 4.57
C GLY B 363 6.11 -4.07 3.87
N ASN B 364 4.85 -3.62 3.75
CA ASN B 364 4.57 -2.29 3.22
C ASN B 364 5.22 -1.16 4.01
N LEU B 365 5.43 -1.35 5.32
CA LEU B 365 6.17 -0.36 6.14
C LEU B 365 7.60 -0.10 5.65
N ILE B 366 8.18 -1.07 4.96
CA ILE B 366 9.54 -0.98 4.46
C ILE B 366 9.56 -0.13 3.20
N THR B 367 8.61 -0.38 2.31
CA THR B 367 8.67 0.13 0.93
C THR B 367 7.74 1.30 0.59
N ASN B 368 6.61 1.42 1.28
CA ASN B 368 5.51 2.31 0.83
C ASN B 368 5.53 3.63 1.60
N SER B 369 6.60 4.36 1.32
CA SER B 369 6.89 5.67 1.87
C SER B 369 7.77 6.38 0.85
N ILE B 370 7.93 7.70 1.01
CA ILE B 370 8.87 8.43 0.16
C ILE B 370 10.31 7.93 0.37
N VAL B 371 10.59 7.27 1.50
CA VAL B 371 11.88 6.61 1.76
C VAL B 371 11.71 5.09 1.91
N ASN B 372 12.50 4.34 1.13
CA ASN B 372 12.61 2.89 1.31
C ASN B 372 13.56 2.64 2.46
N ARG B 373 13.12 1.89 3.46
CA ARG B 373 13.92 1.70 4.67
C ARG B 373 14.37 0.24 4.87
N GLN B 374 14.49 -0.52 3.79
CA GLN B 374 15.04 -1.88 3.87
C GLN B 374 16.44 -1.87 4.49
N ASN B 375 17.31 -1.01 3.96
CA ASN B 375 18.67 -0.90 4.48
C ASN B 375 19.20 0.49 4.14
N ASP B 376 18.78 1.44 4.96
CA ASP B 376 19.01 2.87 4.72
C ASP B 376 20.25 3.24 5.49
N THR B 377 21.38 3.31 4.77
CA THR B 377 22.71 3.45 5.39
C THR B 377 23.55 4.61 4.79
N THR B 378 22.89 5.57 4.16
CA THR B 378 23.51 6.74 3.57
C THR B 378 22.80 7.98 4.12
N GLU B 379 23.38 9.14 3.85
CA GLU B 379 22.80 10.42 4.26
C GLU B 379 22.80 11.42 3.10
N ASN B 380 21.94 12.44 3.19
CA ASN B 380 21.76 13.45 2.15
C ASN B 380 21.27 12.93 0.82
N GLU B 381 20.60 11.78 0.84
CA GLU B 381 20.03 11.16 -0.35
C GLU B 381 18.49 11.22 -0.37
N ALA B 382 17.85 11.01 0.78
CA ALA B 382 16.40 10.94 0.85
C ALA B 382 15.79 12.31 0.65
N THR B 383 14.55 12.36 0.18
CA THR B 383 13.80 13.62 0.14
C THR B 383 13.53 14.10 1.58
N PRO B 384 14.07 15.30 1.96
CA PRO B 384 13.76 15.87 3.28
C PRO B 384 12.26 15.95 3.52
N ASN B 385 11.79 15.33 4.60
CA ASN B 385 10.36 15.14 4.76
C ASN B 385 9.95 15.14 6.21
N TRP B 386 8.66 15.39 6.41
CA TRP B 386 8.01 15.24 7.71
C TRP B 386 6.90 14.18 7.60
N SER B 387 6.68 13.43 8.67
CA SER B 387 5.74 12.29 8.64
C SER B 387 4.94 12.32 9.93
N PHE B 388 3.82 11.61 9.93
CA PHE B 388 2.91 11.65 11.06
C PHE B 388 2.05 10.37 11.14
N VAL B 389 1.60 10.08 12.36
CA VAL B 389 0.57 9.09 12.67
C VAL B 389 -0.82 9.72 12.64
N THR B 390 -0.93 10.96 13.15
CA THR B 390 -2.19 11.68 13.15
C THR B 390 -1.96 13.19 12.97
N ASN B 391 -2.92 13.87 12.37
CA ASN B 391 -3.00 15.34 12.42
C ASN B 391 -4.45 15.77 12.61
N HIS B 392 -4.67 17.08 12.77
CA HIS B 392 -6.00 17.62 13.10
C HIS B 392 -7.04 17.24 12.05
N ASP B 393 -6.65 17.19 10.78
CA ASP B 393 -7.56 16.85 9.70
C ASP B 393 -7.95 15.38 9.72
N GLN B 394 -7.01 14.50 10.08
CA GLN B 394 -7.31 13.06 10.10
C GLN B 394 -8.24 12.69 11.24
N ARG B 395 -8.09 13.34 12.39
CA ARG B 395 -9.06 13.16 13.48
C ARG B 395 -10.43 13.69 13.06
N LYS B 396 -10.46 14.84 12.39
CA LYS B 396 -11.70 15.43 11.86
C LYS B 396 -12.42 14.49 10.90
N ASN B 397 -11.67 13.89 9.96
CA ASN B 397 -12.25 12.90 9.03
C ASN B 397 -12.99 11.78 9.76
N LEU B 398 -12.36 11.27 10.80
CA LEU B 398 -12.92 10.16 11.59
C LEU B 398 -14.21 10.58 12.31
N ILE B 399 -14.17 11.78 12.91
CA ILE B 399 -15.33 12.31 13.65
C ILE B 399 -16.49 12.63 12.70
N ASN B 400 -16.21 13.23 11.56
CA ASN B 400 -17.26 13.46 10.57
C ASN B 400 -17.85 12.18 9.98
N ARG B 401 -17.03 11.16 9.78
CA ARG B 401 -17.54 9.85 9.36
C ARG B 401 -18.59 9.36 10.37
N LEU B 402 -18.25 9.46 11.64
CA LEU B 402 -19.15 9.06 12.71
C LEU B 402 -20.42 9.92 12.76
N ILE B 403 -20.30 11.25 12.54
CA ILE B 403 -21.47 12.13 12.47
C ILE B 403 -22.39 11.71 11.34
N ILE B 404 -21.81 11.47 10.16
CA ILE B 404 -22.57 11.04 8.98
C ILE B 404 -23.30 9.72 9.24
N LYS B 405 -22.60 8.75 9.84
CA LYS B 405 -23.21 7.46 10.17
C LYS B 405 -24.33 7.61 11.21
N ASP B 406 -24.09 8.40 12.25
CA ASP B 406 -25.09 8.65 13.31
C ASP B 406 -26.33 9.40 12.84
N HIS B 407 -26.23 10.17 11.76
CA HIS B 407 -27.31 11.03 11.32
C HIS B 407 -27.38 11.01 9.81
N SER B 408 -27.38 9.81 9.25
CA SER B 408 -27.33 9.64 7.81
C SER B 408 -28.66 10.04 7.17
N ASN B 409 -29.68 10.26 8.00
CA ASN B 409 -31.03 10.66 7.57
C ASN B 409 -31.24 12.19 7.49
N ILE B 410 -30.16 12.98 7.46
CA ILE B 410 -30.22 14.43 7.50
C ILE B 410 -29.54 15.00 6.26
N PRO B 411 -30.33 15.56 5.35
CA PRO B 411 -29.72 16.18 4.18
C PRO B 411 -28.84 17.38 4.57
N ASP B 412 -27.71 17.58 3.88
CA ASP B 412 -26.77 18.71 4.11
C ASP B 412 -26.14 18.66 5.51
N ILE B 413 -25.99 17.48 6.10
CA ILE B 413 -25.35 17.31 7.40
C ILE B 413 -23.92 17.87 7.54
N MET B 414 -23.14 17.87 6.46
CA MET B 414 -21.79 18.51 6.47
C MET B 414 -21.80 19.96 6.01
N GLY B 415 -22.97 20.45 5.59
CA GLY B 415 -23.16 21.86 5.24
C GLY B 415 -24.03 22.56 6.26
N SER B 416 -25.10 23.20 5.77
CA SER B 416 -25.96 24.06 6.61
C SER B 416 -26.71 23.36 7.75
N ALA B 417 -26.88 22.05 7.68
CA ALA B 417 -27.58 21.29 8.73
C ALA B 417 -26.64 20.69 9.78
N TYR B 418 -25.34 21.00 9.69
CA TYR B 418 -24.38 20.59 10.71
C TYR B 418 -24.75 21.22 12.06
N LYS B 419 -24.68 20.44 13.13
CA LYS B 419 -24.88 20.93 14.49
C LYS B 419 -23.75 20.44 15.39
N VAL B 420 -23.23 21.35 16.23
CA VAL B 420 -22.20 20.98 17.23
C VAL B 420 -22.62 19.79 18.11
N GLU B 421 -23.91 19.68 18.41
CA GLU B 421 -24.40 18.57 19.24
C GLU B 421 -24.06 17.18 18.62
N TYR B 422 -24.01 17.09 17.30
CA TYR B 422 -23.64 15.82 16.63
C TYR B 422 -22.17 15.49 16.88
N ALA B 423 -21.32 16.52 16.82
CA ALA B 423 -19.89 16.34 17.16
C ALA B 423 -19.68 15.88 18.60
N ASN B 424 -20.44 16.46 19.54
CA ASN B 424 -20.36 16.06 20.96
C ASN B 424 -20.74 14.61 21.17
N GLN B 425 -21.78 14.17 20.46
CA GLN B 425 -22.22 12.77 20.46
C GLN B 425 -21.13 11.88 19.85
N ALA B 426 -20.61 12.29 18.69
CA ALA B 426 -19.50 11.57 18.05
C ALA B 426 -18.27 11.41 18.98
N TRP B 427 -17.90 12.48 19.69
CA TRP B 427 -16.79 12.40 20.65
C TRP B 427 -17.02 11.42 21.82
N GLN B 428 -18.23 11.41 22.37
CA GLN B 428 -18.55 10.45 23.41
C GLN B 428 -18.37 9.03 22.86
N GLU B 429 -18.89 8.81 21.65
CA GLU B 429 -18.74 7.50 20.96
C GLU B 429 -17.28 7.15 20.68
N PHE B 430 -16.52 8.14 20.20
CA PHE B 430 -15.09 7.96 19.94
C PHE B 430 -14.29 7.56 21.17
N TYR B 431 -14.43 8.33 22.27
CA TYR B 431 -13.63 8.04 23.48
C TYR B 431 -13.90 6.64 24.00
N ALA B 432 -15.16 6.22 23.97
CA ALA B 432 -15.54 4.88 24.40
C ALA B 432 -14.94 3.83 23.46
N ASP B 433 -15.02 4.10 22.15
CA ASP B 433 -14.47 3.17 21.16
C ASP B 433 -12.94 3.03 21.23
N GLN B 434 -12.25 4.16 21.46
CA GLN B 434 -10.79 4.16 21.55
C GLN B 434 -10.28 3.20 22.63
N GLU B 435 -11.05 3.05 23.72
CA GLU B 435 -10.66 2.16 24.84
C GLU B 435 -10.88 0.67 24.60
N LYS B 436 -11.63 0.31 23.57
CA LYS B 436 -11.98 -1.10 23.29
C LYS B 436 -10.87 -1.86 22.61
N THR B 437 -10.91 -3.18 22.78
CA THR B 437 -10.07 -4.09 21.99
C THR B 437 -10.58 -4.10 20.54
N ASN B 438 -11.89 -4.38 20.38
CA ASN B 438 -12.52 -4.48 19.07
C ASN B 438 -13.12 -3.14 18.67
N LYS B 439 -12.24 -2.25 18.23
CA LYS B 439 -12.62 -0.90 17.87
C LYS B 439 -13.43 -0.90 16.57
N GLN B 440 -14.51 -0.12 16.57
CA GLN B 440 -15.38 0.05 15.39
CA GLN B 440 -15.41 0.05 15.42
C GLN B 440 -15.00 1.26 14.55
N TYR B 441 -14.41 2.28 15.17
CA TYR B 441 -14.14 3.56 14.52
C TYR B 441 -12.67 4.04 14.65
N ALA B 442 -12.12 3.92 15.84
CA ALA B 442 -10.76 4.39 16.11
C ALA B 442 -9.69 3.46 15.54
N GLN B 443 -8.50 4.02 15.35
CA GLN B 443 -7.35 3.28 14.84
C GLN B 443 -6.88 2.15 15.77
N TYR B 444 -6.58 1.00 15.19
CA TYR B 444 -5.86 -0.06 15.89
C TYR B 444 -4.35 0.27 15.96
N ASN B 445 -3.66 -0.34 16.92
CA ASN B 445 -2.20 -0.30 17.01
C ASN B 445 -1.57 1.09 17.03
N VAL B 446 -2.17 2.03 17.76
CA VAL B 446 -1.63 3.41 17.81
C VAL B 446 -0.17 3.44 18.37
N PRO B 447 0.08 2.71 19.47
CA PRO B 447 1.46 2.65 19.96
C PRO B 447 2.47 2.15 18.93
N ALA B 448 2.14 1.08 18.19
CA ALA B 448 3.06 0.54 17.17
C ALA B 448 3.23 1.50 16.00
N GLN B 449 2.16 2.21 15.63
CA GLN B 449 2.29 3.22 14.58
C GLN B 449 3.35 4.27 15.00
N TYR B 450 3.26 4.74 16.24
CA TYR B 450 4.26 5.69 16.78
C TYR B 450 5.65 5.09 16.93
N ALA B 451 5.74 3.81 17.30
CA ALA B 451 7.04 3.15 17.45
C ALA B 451 7.79 3.12 16.14
N ILE B 452 7.06 2.89 15.04
CA ILE B 452 7.62 2.96 13.70
C ILE B 452 7.99 4.41 13.35
N LEU B 453 7.01 5.32 13.47
CA LEU B 453 7.23 6.74 13.16
C LEU B 453 8.47 7.31 13.87
N LEU B 454 8.60 7.04 15.16
CA LEU B 454 9.66 7.64 15.96
C LEU B 454 11.04 6.97 15.87
N SER B 455 11.11 5.77 15.31
CA SER B 455 12.39 5.09 15.06
C SER B 455 12.84 5.22 13.60
N ASN B 456 11.98 5.70 12.70
CA ASN B 456 12.34 5.82 11.27
C ASN B 456 13.47 6.84 11.01
N LYS B 457 14.41 6.47 10.16
CA LYS B 457 15.49 7.35 9.68
C LYS B 457 14.95 8.20 8.52
N ASP B 458 15.64 9.29 8.21
CA ASP B 458 15.29 10.15 7.08
C ASP B 458 13.85 10.65 7.15
N THR B 459 13.53 11.25 8.29
CA THR B 459 12.29 12.00 8.45
C THR B 459 12.34 12.89 9.69
N VAL B 460 11.53 13.94 9.68
CA VAL B 460 11.20 14.68 10.89
C VAL B 460 9.80 14.23 11.32
N PRO B 461 9.69 13.40 12.37
CA PRO B 461 8.37 12.94 12.76
C PRO B 461 7.60 14.05 13.45
N GLN B 462 6.28 14.02 13.29
CA GLN B 462 5.37 14.98 13.91
C GLN B 462 4.38 14.23 14.79
N VAL B 463 4.39 14.54 16.10
CA VAL B 463 3.47 13.98 17.07
C VAL B 463 2.21 14.88 17.14
N TYR B 464 1.05 14.29 17.40
CA TYR B 464 -0.25 15.02 17.47
C TYR B 464 -0.71 15.25 18.92
N TYR B 465 -1.03 16.50 19.25
CA TYR B 465 -1.61 16.88 20.55
C TYR B 465 -2.69 15.91 21.05
N GLY B 466 -3.64 15.57 20.18
CA GLY B 466 -4.75 14.68 20.55
C GLY B 466 -4.43 13.19 20.77
N ASP B 467 -3.19 12.77 20.46
CA ASP B 467 -2.71 11.43 20.81
C ASP B 467 -2.08 11.40 22.19
N LEU B 468 -1.70 12.57 22.73
CA LEU B 468 -1.21 12.69 24.09
C LEU B 468 -2.29 13.12 25.09
N TYR B 469 -3.28 13.89 24.65
CA TYR B 469 -4.28 14.46 25.54
C TYR B 469 -5.67 14.27 24.94
N ASN B 470 -6.67 14.17 25.81
CA ASN B 470 -8.07 14.15 25.37
C ASN B 470 -8.39 15.54 24.85
N GLU B 471 -8.55 15.63 23.55
CA GLU B 471 -8.45 16.91 22.86
C GLU B 471 -9.68 17.81 22.95
N THR B 472 -10.82 17.28 23.42
CA THR B 472 -12.02 18.10 23.67
C THR B 472 -12.10 18.66 25.10
N ALA B 473 -11.25 18.20 26.01
CA ALA B 473 -11.20 18.78 27.37
C ALA B 473 -10.40 20.10 27.34
N GLN B 474 -10.36 20.79 28.46
CA GLN B 474 -9.53 21.98 28.58
C GLN B 474 -8.05 21.61 28.31
N TYR B 475 -7.30 22.59 27.83
CA TYR B 475 -6.00 22.31 27.22
C TYR B 475 -5.01 21.60 28.17
N MET B 476 -4.61 20.40 27.77
CA MET B 476 -3.69 19.55 28.55
C MET B 476 -4.22 19.07 29.91
N GLN B 477 -5.52 19.22 30.19
CA GLN B 477 -6.07 18.75 31.49
C GLN B 477 -6.19 17.24 31.63
N GLU B 478 -6.40 16.51 30.53
CA GLU B 478 -6.62 15.06 30.57
C GLU B 478 -5.68 14.35 29.62
N LYS B 479 -4.87 13.46 30.15
CA LYS B 479 -4.01 12.64 29.31
C LYS B 479 -4.82 11.56 28.55
N SER B 480 -4.42 11.29 27.32
CA SER B 480 -5.02 10.21 26.52
C SER B 480 -4.59 8.86 27.06
N ILE B 481 -5.37 7.82 26.73
CA ILE B 481 -4.91 6.44 27.03
C ILE B 481 -3.54 6.13 26.42
N TYR B 482 -3.18 6.79 25.30
CA TYR B 482 -1.89 6.52 24.67
C TYR B 482 -0.72 7.38 25.16
N TYR B 483 -0.93 8.25 26.17
CA TYR B 483 0.13 9.16 26.67
C TYR B 483 1.38 8.40 27.11
N ASP B 484 1.21 7.35 27.91
CA ASP B 484 2.37 6.63 28.48
C ASP B 484 3.21 5.98 27.38
N ALA B 485 2.55 5.29 26.44
CA ALA B 485 3.27 4.62 25.35
C ALA B 485 4.01 5.64 24.50
N ILE B 486 3.32 6.68 24.06
CA ILE B 486 3.91 7.62 23.10
C ILE B 486 5.07 8.41 23.72
N THR B 487 4.89 8.88 24.97
CA THR B 487 5.94 9.65 25.64
C THR B 487 7.15 8.78 26.00
N THR B 488 6.92 7.52 26.35
CA THR B 488 8.00 6.57 26.50
C THR B 488 8.84 6.49 25.22
N LEU B 489 8.17 6.37 24.07
CA LEU B 489 8.87 6.32 22.77
C LEU B 489 9.58 7.65 22.45
N MET B 490 8.96 8.77 22.80
CA MET B 490 9.52 10.10 22.54
C MET B 490 10.84 10.31 23.31
N ARG B 491 10.84 9.99 24.60
CA ARG B 491 12.05 10.13 25.41
C ARG B 491 13.14 9.20 24.95
N ALA B 492 12.77 7.94 24.66
CA ALA B 492 13.72 6.96 24.18
C ALA B 492 14.34 7.39 22.84
N ARG B 493 13.55 8.03 21.98
CA ARG B 493 14.07 8.54 20.70
C ARG B 493 15.25 9.49 20.91
N LYS B 494 15.09 10.46 21.80
CA LYS B 494 16.17 11.43 22.07
C LYS B 494 17.42 10.74 22.63
N GLN B 495 17.24 9.72 23.46
CA GLN B 495 18.37 9.01 24.07
C GLN B 495 19.07 8.02 23.13
N PHE B 496 18.32 7.41 22.21
CA PHE B 496 18.81 6.22 21.51
C PHE B 496 18.81 6.22 19.97
N VAL B 497 17.89 6.95 19.34
CA VAL B 497 17.63 6.78 17.92
C VAL B 497 18.61 7.59 17.06
N SER B 498 19.49 6.87 16.38
CA SER B 498 20.46 7.44 15.45
C SER B 498 21.09 6.30 14.67
N GLY B 499 21.83 6.63 13.62
CA GLY B 499 22.55 5.65 12.82
C GLY B 499 21.75 5.09 11.66
N GLY B 500 22.32 4.11 10.98
CA GLY B 500 21.66 3.41 9.88
C GLY B 500 20.39 2.72 10.33
N GLN B 501 19.55 2.38 9.37
CA GLN B 501 18.31 1.64 9.64
C GLN B 501 18.19 0.44 8.71
N THR B 502 17.77 -0.68 9.28
CA THR B 502 17.42 -1.89 8.53
C THR B 502 16.04 -2.36 9.01
N MET B 503 15.12 -2.56 8.07
CA MET B 503 13.81 -3.15 8.36
C MET B 503 13.72 -4.50 7.68
N THR B 504 13.41 -5.53 8.45
CA THR B 504 13.50 -6.91 7.99
C THR B 504 12.27 -7.71 8.44
N LYS B 505 11.62 -8.42 7.52
CA LYS B 505 10.52 -9.31 7.91
C LYS B 505 11.05 -10.56 8.59
N LEU B 506 10.52 -10.86 9.77
CA LEU B 506 10.88 -12.05 10.54
C LEU B 506 9.97 -13.24 10.25
N ASN B 507 8.73 -12.95 9.91
CA ASN B 507 7.82 -13.93 9.31
C ASN B 507 6.89 -13.13 8.44
N ASN B 508 5.83 -13.72 7.89
CA ASN B 508 5.01 -12.99 6.91
C ASN B 508 4.29 -11.76 7.48
N ASN B 509 4.07 -11.71 8.80
CA ASN B 509 3.31 -10.63 9.42
C ASN B 509 4.04 -9.87 10.55
N LEU B 510 5.36 -10.03 10.64
CA LEU B 510 6.15 -9.43 11.72
C LEU B 510 7.47 -8.90 11.18
N LEU B 511 7.82 -7.67 11.56
CA LEU B 511 9.12 -7.15 11.19
C LEU B 511 9.88 -6.56 12.35
N ALA B 512 11.21 -6.45 12.15
CA ALA B 512 12.12 -5.78 13.05
C ALA B 512 12.69 -4.55 12.33
N SER B 513 12.54 -3.39 12.97
CA SER B 513 13.12 -2.14 12.51
C SER B 513 14.22 -1.79 13.49
N VAL B 514 15.46 -1.78 13.01
CA VAL B 514 16.63 -1.60 13.85
C VAL B 514 17.37 -0.32 13.47
N ARG B 515 17.73 0.48 14.47
CA ARG B 515 18.68 1.59 14.30
C ARG B 515 20.00 1.20 14.97
N TYR B 516 21.11 1.44 14.27
CA TYR B 516 22.41 0.92 14.74
C TYR B 516 23.11 1.80 15.76
N GLY B 517 22.70 3.06 15.91
CA GLY B 517 23.28 3.96 16.91
C GLY B 517 24.05 5.13 16.32
N LYS B 518 24.30 6.15 17.13
CA LYS B 518 25.02 7.35 16.67
C LYS B 518 26.42 6.98 16.20
N GLY B 519 26.77 7.40 14.99
CA GLY B 519 28.06 7.06 14.40
C GLY B 519 28.20 5.60 13.97
N VAL B 520 27.09 4.88 13.83
CA VAL B 520 27.08 3.49 13.38
C VAL B 520 26.30 3.43 12.07
N VAL B 521 27.04 3.39 10.97
CA VAL B 521 26.46 3.55 9.65
C VAL B 521 25.59 2.36 9.24
N ASP B 522 26.04 1.14 9.54
CA ASP B 522 25.29 -0.07 9.15
C ASP B 522 25.55 -1.25 10.08
N ALA B 523 25.03 -2.43 9.73
CA ALA B 523 25.17 -3.62 10.57
C ALA B 523 26.61 -4.12 10.77
N ASN B 524 27.52 -3.71 9.89
CA ASN B 524 28.92 -4.15 9.95
C ASN B 524 29.87 -3.16 10.62
N SER B 525 29.38 -1.96 10.98
CA SER B 525 30.24 -0.90 11.53
C SER B 525 30.52 -1.13 12.98
N ASN B 526 31.72 -0.72 13.44
CA ASN B 526 32.08 -0.78 14.87
C ASN B 526 31.61 0.43 15.66
N GLY B 527 31.37 1.54 14.97
CA GLY B 527 30.95 2.79 15.62
C GLY B 527 32.10 3.78 15.74
N THR B 528 31.85 5.04 15.41
CA THR B 528 32.90 6.08 15.41
C THR B 528 32.68 7.17 16.46
N ASP B 529 31.67 7.01 17.32
CA ASP B 529 31.25 8.04 18.24
C ASP B 529 31.31 7.48 19.64
N LYS B 530 31.56 8.33 20.62
CA LYS B 530 31.59 7.86 22.02
C LYS B 530 30.22 7.33 22.50
N LEU B 531 29.14 7.69 21.80
CA LEU B 531 27.81 7.15 22.08
C LEU B 531 27.40 5.98 21.18
N SER B 532 28.30 5.50 20.32
CA SER B 532 27.96 4.41 19.39
C SER B 532 27.51 3.16 20.12
N ARG B 533 28.34 2.69 21.04
CA ARG B 533 28.08 1.45 21.80
C ARG B 533 26.71 1.46 22.51
N THR B 534 26.37 2.58 23.13
CA THR B 534 25.21 2.64 24.04
C THR B 534 23.96 3.26 23.39
N SER B 535 23.93 3.38 22.05
CA SER B 535 22.76 3.90 21.34
C SER B 535 22.28 2.87 20.28
N GLY B 536 21.18 3.21 19.60
CA GLY B 536 20.48 2.27 18.72
C GLY B 536 19.22 1.73 19.37
N MET B 537 18.43 1.00 18.60
CA MET B 537 17.10 0.53 19.04
C MET B 537 16.60 -0.59 18.11
N ALA B 538 15.82 -1.51 18.69
CA ALA B 538 15.07 -2.50 17.92
C ALA B 538 13.60 -2.31 18.21
N VAL B 539 12.81 -2.15 17.15
CA VAL B 539 11.36 -2.07 17.23
C VAL B 539 10.76 -3.30 16.51
N LEU B 540 9.98 -4.09 17.24
CA LEU B 540 9.34 -5.29 16.71
C LEU B 540 7.85 -5.04 16.60
N VAL B 541 7.33 -5.13 15.38
CA VAL B 541 5.92 -4.87 15.12
C VAL B 541 5.30 -5.96 14.28
N GLY B 542 4.20 -6.55 14.77
CA GLY B 542 3.39 -7.54 14.03
C GLY B 542 1.93 -7.09 13.94
N ASN B 543 1.23 -7.48 12.86
CA ASN B 543 -0.16 -7.06 12.66
C ASN B 543 -1.14 -8.25 12.54
N ASP B 544 -0.73 -9.42 13.03
CA ASP B 544 -1.60 -10.61 13.04
C ASP B 544 -1.82 -11.00 14.51
N SER B 545 -3.03 -10.75 14.98
CA SER B 545 -3.40 -10.97 16.37
C SER B 545 -3.45 -12.48 16.77
N ASN B 546 -3.42 -13.37 15.78
CA ASN B 546 -3.35 -14.83 16.00
C ASN B 546 -1.97 -15.46 15.76
N MET B 547 -0.95 -14.62 15.55
CA MET B 547 0.39 -15.10 15.27
C MET B 547 0.83 -16.12 16.32
N ALA B 548 1.33 -17.28 15.85
CA ALA B 548 1.78 -18.33 16.75
C ALA B 548 3.01 -17.87 17.52
N GLN B 549 3.12 -18.30 18.77
CA GLN B 549 4.30 -17.99 19.58
C GLN B 549 5.55 -18.61 18.95
N GLN B 550 6.65 -17.86 18.98
CA GLN B 550 7.91 -18.28 18.39
C GLN B 550 9.06 -17.42 18.90
N SER B 551 10.28 -17.91 18.67
CA SER B 551 11.49 -17.17 18.90
C SER B 551 11.92 -16.49 17.60
N VAL B 552 12.51 -15.29 17.71
CA VAL B 552 13.03 -14.56 16.54
C VAL B 552 14.42 -14.01 16.85
N ALA B 553 15.23 -13.82 15.81
CA ALA B 553 16.61 -13.36 15.95
C ALA B 553 16.74 -12.00 15.32
N ILE B 554 17.05 -10.98 16.13
CA ILE B 554 17.19 -9.59 15.68
C ILE B 554 18.67 -9.22 15.54
N ASN B 555 19.07 -8.71 14.38
CA ASN B 555 20.45 -8.28 14.21
C ASN B 555 20.63 -6.83 14.68
N MET B 556 21.21 -6.67 15.87
CA MET B 556 21.51 -5.33 16.42
C MET B 556 22.76 -4.70 15.83
N GLY B 557 23.62 -5.49 15.20
CA GLY B 557 24.82 -5.02 14.52
C GLY B 557 26.10 -5.37 15.24
N ARG B 558 27.21 -5.33 14.49
CA ARG B 558 28.54 -5.70 15.03
C ARG B 558 29.02 -4.77 16.13
N ALA B 559 28.48 -3.54 16.18
CA ALA B 559 28.80 -2.62 17.26
C ALA B 559 28.19 -3.05 18.60
N HIS B 560 27.30 -4.04 18.59
CA HIS B 560 26.51 -4.39 19.78
C HIS B 560 26.56 -5.87 20.19
N ALA B 561 27.73 -6.48 20.12
CA ALA B 561 27.94 -7.87 20.55
C ALA B 561 28.11 -7.90 22.06
N ASN B 562 27.66 -8.98 22.68
CA ASN B 562 27.79 -9.21 24.11
C ASN B 562 27.29 -8.00 24.91
N GLN B 563 26.09 -7.55 24.56
CA GLN B 563 25.55 -6.32 25.13
C GLN B 563 24.17 -6.51 25.72
N GLN B 564 23.95 -5.88 26.89
CA GLN B 564 22.67 -5.93 27.60
C GLN B 564 21.68 -4.92 27.01
N TYR B 565 20.46 -5.38 26.75
CA TYR B 565 19.35 -4.55 26.25
C TYR B 565 18.19 -4.55 27.22
N ARG B 566 17.59 -3.38 27.42
CA ARG B 566 16.45 -3.22 28.30
C ARG B 566 15.15 -3.38 27.53
N ASN B 567 14.20 -4.05 28.16
CA ASN B 567 12.87 -4.28 27.61
C ASN B 567 12.05 -3.01 27.83
N LEU B 568 12.15 -2.08 26.89
CA LEU B 568 11.48 -0.77 27.04
C LEU B 568 9.96 -0.90 27.01
N ILE B 569 9.45 -1.60 26.00
CA ILE B 569 8.03 -1.87 25.87
C ILE B 569 7.87 -3.31 25.41
N ASP B 570 6.96 -4.04 26.04
CA ASP B 570 6.58 -5.39 25.62
C ASP B 570 5.05 -5.49 25.71
N THR B 571 4.48 -6.48 25.02
CA THR B 571 3.03 -6.68 24.96
C THR B 571 2.58 -7.75 25.98
N THR B 572 1.45 -7.50 26.64
CA THR B 572 0.80 -8.44 27.58
C THR B 572 -0.61 -8.75 27.08
N GLU B 573 -1.29 -9.71 27.72
CA GLU B 573 -2.66 -10.07 27.29
C GLU B 573 -3.60 -8.87 27.35
N ASN B 574 -3.43 -8.00 28.35
CA ASN B 574 -4.31 -6.82 28.55
C ASN B 574 -3.80 -5.50 27.95
N GLY B 575 -2.50 -5.36 27.73
CA GLY B 575 -1.97 -4.11 27.17
C GLY B 575 -0.48 -4.12 26.93
N LEU B 576 0.22 -3.13 27.49
CA LEU B 576 1.66 -2.97 27.36
C LEU B 576 2.28 -2.95 28.75
N THR B 577 3.54 -3.36 28.85
CA THR B 577 4.30 -3.22 30.10
C THR B 577 5.62 -2.49 29.83
N TYR B 578 6.06 -1.70 30.82
CA TYR B 578 7.30 -0.91 30.76
C TYR B 578 8.38 -1.42 31.72
N ASP B 579 8.08 -2.50 32.44
CA ASP B 579 9.06 -3.16 33.33
C ASP B 579 9.00 -4.69 33.20
N ALA B 580 8.67 -5.17 31.99
CA ALA B 580 8.60 -6.62 31.69
C ALA B 580 7.73 -7.39 32.68
N ASP B 581 6.57 -6.81 33.01
CA ASP B 581 5.62 -7.43 33.93
C ASP B 581 4.59 -8.23 33.13
N ASN B 582 4.65 -9.55 33.28
CA ASN B 582 3.72 -10.48 32.63
C ASN B 582 3.80 -10.49 31.09
N SER B 583 5.01 -10.30 30.57
CA SER B 583 5.26 -10.40 29.13
C SER B 583 6.10 -11.65 28.85
N GLU B 584 6.32 -11.93 27.57
CA GLU B 584 7.08 -13.11 27.15
C GLU B 584 8.58 -13.01 27.42
N ASN B 585 9.09 -11.80 27.59
CA ASN B 585 10.51 -11.57 27.76
C ASN B 585 10.79 -10.87 29.11
N PRO B 586 11.96 -11.12 29.71
CA PRO B 586 12.33 -10.50 30.97
C PRO B 586 12.83 -9.04 30.78
N ALA B 587 13.21 -8.40 31.88
CA ALA B 587 13.58 -6.98 31.88
C ALA B 587 14.83 -6.66 31.07
N ILE B 588 15.75 -7.62 31.03
CA ILE B 588 17.02 -7.51 30.31
C ILE B 588 17.30 -8.80 29.52
N LEU B 589 17.74 -8.62 28.27
CA LEU B 589 18.27 -9.71 27.43
C LEU B 589 19.62 -9.26 26.89
N THR B 590 20.46 -10.23 26.55
CA THR B 590 21.84 -9.95 26.14
C THR B 590 22.09 -10.52 24.75
N THR B 591 22.72 -9.73 23.89
CA THR B 591 23.10 -10.19 22.55
C THR B 591 24.22 -11.24 22.61
N ASP B 592 24.28 -12.09 21.59
CA ASP B 592 25.38 -13.06 21.46
C ASP B 592 26.64 -12.36 20.93
N SER B 593 27.69 -13.14 20.65
CA SER B 593 28.97 -12.56 20.26
C SER B 593 28.97 -11.97 18.84
N ASN B 594 27.86 -12.12 18.11
CA ASN B 594 27.69 -11.52 16.78
C ASN B 594 26.77 -10.30 16.77
N GLY B 595 26.18 -9.96 17.91
CA GLY B 595 25.21 -8.88 18.01
C GLY B 595 23.77 -9.28 17.72
N ILE B 596 23.46 -10.57 17.85
CA ILE B 596 22.10 -11.06 17.61
C ILE B 596 21.33 -11.10 18.93
N LEU B 597 20.12 -10.55 18.93
CA LEU B 597 19.22 -10.61 20.10
C LEU B 597 18.08 -11.59 19.85
N LYS B 598 17.90 -12.52 20.78
CA LYS B 598 16.90 -13.59 20.68
C LYS B 598 15.69 -13.22 21.53
N VAL B 599 14.53 -13.13 20.89
CA VAL B 599 13.33 -12.60 21.53
C VAL B 599 12.16 -13.56 21.30
N THR B 600 11.29 -13.68 22.30
CA THR B 600 10.04 -14.45 22.18
C THR B 600 8.84 -13.54 21.93
N VAL B 601 8.03 -13.90 20.93
CA VAL B 601 6.91 -13.10 20.46
C VAL B 601 5.70 -13.96 20.14
N LYS B 602 4.51 -13.34 20.15
CA LYS B 602 3.27 -13.98 19.73
C LYS B 602 2.21 -12.92 19.43
N GLY B 603 1.11 -13.34 18.82
CA GLY B 603 -0.02 -12.45 18.59
C GLY B 603 -0.83 -12.16 19.85
N TYR B 604 -1.25 -10.89 19.99
CA TYR B 604 -2.15 -10.45 21.08
C TYR B 604 -3.31 -9.64 20.52
N SER B 605 -4.36 -9.53 21.32
CA SER B 605 -5.51 -8.71 20.98
C SER B 605 -5.98 -7.97 22.24
N ASN B 606 -5.66 -6.68 22.32
CA ASN B 606 -6.07 -5.83 23.43
C ASN B 606 -6.21 -4.37 22.95
N PRO B 607 -6.64 -3.41 23.81
CA PRO B 607 -6.85 -2.05 23.29
C PRO B 607 -5.62 -1.36 22.69
N TYR B 608 -4.44 -1.78 23.12
CA TYR B 608 -3.17 -1.16 22.71
C TYR B 608 -2.54 -1.85 21.51
N VAL B 609 -2.68 -3.18 21.41
CA VAL B 609 -1.99 -4.03 20.42
C VAL B 609 -2.94 -5.07 19.80
N SER B 610 -2.95 -5.11 18.48
CA SER B 610 -3.59 -6.14 17.67
C SER B 610 -2.53 -6.72 16.74
N GLY B 611 -1.85 -7.75 17.23
CA GLY B 611 -0.59 -8.24 16.67
C GLY B 611 0.46 -8.27 17.76
N TYR B 612 1.56 -7.54 17.58
CA TYR B 612 2.64 -7.51 18.58
C TYR B 612 3.39 -6.19 18.54
N LEU B 613 3.83 -5.73 19.70
CA LEU B 613 4.74 -4.59 19.84
C LEU B 613 5.84 -4.91 20.86
N GLY B 614 7.09 -4.71 20.46
CA GLY B 614 8.23 -4.82 21.38
C GLY B 614 9.30 -3.79 21.04
N VAL B 615 9.91 -3.20 22.05
CA VAL B 615 10.99 -2.22 21.84
C VAL B 615 12.15 -2.46 22.80
N TRP B 616 13.37 -2.53 22.25
CA TRP B 616 14.60 -2.80 23.01
C TRP B 616 15.59 -1.64 22.83
N VAL B 617 16.19 -1.20 23.93
CA VAL B 617 17.27 -0.21 23.92
C VAL B 617 18.44 -0.61 24.82
N PRO B 618 19.66 -0.13 24.51
CA PRO B 618 20.79 -0.44 25.39
C PRO B 618 20.57 -0.05 26.86
N VAL B 619 21.04 -0.90 27.77
CA VAL B 619 21.17 -0.56 29.18
C VAL B 619 22.22 0.54 29.31
N ILE B 620 21.88 1.60 30.03
CA ILE B 620 22.80 2.72 30.27
C ILE B 620 22.70 3.15 31.73
N SER B 621 23.76 3.78 32.22
CA SER B 621 23.87 4.15 33.63
C SER B 621 23.50 5.61 33.96
N GLY B 622 23.29 6.47 32.98
CA GLY B 622 22.86 7.86 33.27
C GLY B 622 22.03 8.49 32.17
N ASP B 623 22.26 9.77 31.90
CA ASP B 623 21.56 10.48 30.82
C ASP B 623 22.32 10.37 29.51
N GLN B 624 21.59 10.33 28.41
CA GLN B 624 22.19 10.26 27.09
C GLN B 624 21.37 11.06 26.09
N ASP B 625 22.03 11.77 25.17
CA ASP B 625 21.38 12.52 24.08
C ASP B 625 22.19 12.30 22.81
N VAL B 626 21.57 11.68 21.80
CA VAL B 626 22.26 11.37 20.54
C VAL B 626 22.03 12.39 19.43
N THR B 627 21.51 13.58 19.77
CA THR B 627 21.40 14.68 18.80
C THR B 627 22.69 14.86 18.01
N THR B 628 22.59 14.96 16.69
CA THR B 628 23.71 15.34 15.82
C THR B 628 23.60 16.84 15.50
N ASN B 629 24.68 17.59 15.75
CA ASN B 629 24.68 19.04 15.50
CA ASN B 629 24.76 19.04 15.51
C ASN B 629 24.83 19.30 14.00
N ALA B 630 24.04 20.26 13.50
CA ALA B 630 24.05 20.62 12.07
C ALA B 630 25.40 21.14 11.55
N SER B 631 26.23 21.70 12.43
CA SER B 631 27.59 22.13 12.06
CA SER B 631 27.57 22.14 12.05
C SER B 631 28.48 20.95 11.67
N ASP B 632 28.11 19.73 12.05
CA ASP B 632 28.89 18.51 11.79
C ASP B 632 28.44 17.62 10.63
N VAL B 633 27.47 18.09 9.83
CA VAL B 633 27.01 17.31 8.68
C VAL B 633 27.50 17.97 7.40
N VAL B 634 27.33 17.27 6.28
CA VAL B 634 27.75 17.81 4.97
C VAL B 634 26.86 18.99 4.61
N ALA B 635 27.46 20.08 4.11
CA ALA B 635 26.72 21.22 3.61
C ALA B 635 26.79 21.19 2.08
N ASN B 636 25.70 21.57 1.42
CA ASN B 636 25.62 21.57 -0.04
C ASN B 636 25.06 22.91 -0.51
N LYS B 637 25.82 23.63 -1.33
CA LYS B 637 25.46 24.97 -1.79
C LYS B 637 24.11 25.02 -2.54
N GLU B 638 23.71 23.92 -3.18
CA GLU B 638 22.44 23.91 -3.92
C GLU B 638 21.26 23.46 -3.05
N LYS B 639 21.48 23.12 -1.78
CA LYS B 639 20.41 22.62 -0.91
C LYS B 639 20.16 23.48 0.32
N THR B 640 18.89 23.57 0.71
CA THR B 640 18.49 24.19 1.96
C THR B 640 18.29 23.04 2.97
N PHE B 641 17.21 22.27 2.87
CA PHE B 641 17.07 21.09 3.72
C PHE B 641 17.78 19.87 3.12
N GLU B 642 18.41 19.11 4.01
CA GLU B 642 19.11 17.87 3.69
C GLU B 642 18.69 16.83 4.70
N SER B 643 18.34 15.65 4.20
CA SER B 643 17.90 14.52 5.06
C SER B 643 19.14 13.79 5.59
N ASN B 644 19.57 14.13 6.81
CA ASN B 644 20.77 13.56 7.41
C ASN B 644 20.53 13.44 8.90
N ALA B 645 21.55 12.98 9.64
CA ALA B 645 21.43 12.79 11.09
C ALA B 645 21.03 14.06 11.86
N ALA B 646 21.47 15.22 11.38
CA ALA B 646 21.11 16.47 12.05
C ALA B 646 19.63 16.80 11.86
N LEU B 647 19.14 16.72 10.63
CA LEU B 647 17.72 17.00 10.38
C LEU B 647 16.84 15.95 11.09
N ASP B 648 17.29 14.69 11.06
CA ASP B 648 16.61 13.58 11.76
C ASP B 648 16.51 13.77 13.27
N SER B 649 17.45 14.51 13.87
CA SER B 649 17.38 14.82 15.31
C SER B 649 16.17 15.71 15.71
N HIS B 650 15.51 16.35 14.74
CA HIS B 650 14.31 17.16 15.00
C HIS B 650 13.06 16.31 15.14
N MET B 651 12.11 16.85 15.90
CA MET B 651 10.78 16.29 16.07
C MET B 651 9.78 17.43 16.23
N ILE B 652 8.71 17.37 15.42
CA ILE B 652 7.66 18.37 15.38
C ILE B 652 6.54 17.94 16.32
N TYR B 653 5.88 18.92 16.94
CA TYR B 653 4.68 18.69 17.74
C TYR B 653 3.56 19.58 17.25
N GLU B 654 2.44 18.98 16.82
CA GLU B 654 1.25 19.72 16.45
C GLU B 654 0.53 20.08 17.75
N ASP B 655 0.37 21.38 18.03
CA ASP B 655 -0.08 21.82 19.36
C ASP B 655 -1.60 21.97 19.56
N PHE B 656 -2.41 21.65 18.56
CA PHE B 656 -3.83 21.90 18.62
C PHE B 656 -4.68 20.83 17.99
N SER B 657 -5.98 20.92 18.30
CA SER B 657 -7.03 20.14 17.65
C SER B 657 -8.12 21.12 17.20
N LEU B 658 -8.82 20.79 16.11
CA LEU B 658 -10.01 21.53 15.71
C LEU B 658 -11.09 21.51 16.80
N PHE B 659 -11.13 20.45 17.60
CA PHE B 659 -12.16 20.22 18.61
C PHE B 659 -11.76 20.71 20.00
N GLN B 660 -10.66 21.47 20.07
CA GLN B 660 -10.22 22.11 21.28
C GLN B 660 -11.31 23.07 21.72
N PRO B 661 -11.71 23.05 23.00
CA PRO B 661 -12.79 23.93 23.46
C PRO B 661 -12.34 25.37 23.67
N GLU B 662 -13.30 26.28 23.73
CA GLU B 662 -13.02 27.66 24.16
C GLU B 662 -12.57 27.59 25.63
N PRO B 663 -11.56 28.40 26.03
CA PRO B 663 -11.04 28.28 27.39
C PRO B 663 -12.00 28.85 28.43
N THR B 664 -12.08 28.19 29.57
CA THR B 664 -13.00 28.58 30.65
C THR B 664 -12.41 29.66 31.59
N SER B 665 -11.13 29.98 31.44
CA SER B 665 -10.48 31.03 32.21
C SER B 665 -9.24 31.51 31.46
N VAL B 666 -8.62 32.57 31.98
CA VAL B 666 -7.38 33.09 31.42
C VAL B 666 -6.24 32.07 31.60
N GLU B 667 -6.17 31.48 32.79
CA GLU B 667 -5.19 30.42 33.05
C GLU B 667 -5.26 29.25 32.04
N ASN B 668 -6.47 28.91 31.58
CA ASN B 668 -6.68 27.81 30.64
C ASN B 668 -6.49 28.17 29.16
N HIS B 669 -6.14 29.42 28.86
CA HIS B 669 -5.70 29.78 27.51
C HIS B 669 -4.55 28.88 27.11
N ALA B 670 -4.64 28.27 25.94
CA ALA B 670 -3.60 27.35 25.49
C ALA B 670 -2.22 28.02 25.56
N TYR B 671 -2.14 29.32 25.21
CA TYR B 671 -0.85 30.02 25.25
C TYR B 671 -0.23 29.95 26.64
N ASN B 672 -1.05 30.18 27.66
CA ASN B 672 -0.55 30.18 29.04
C ASN B 672 -0.18 28.79 29.52
N VAL B 673 -1.01 27.81 29.18
CA VAL B 673 -0.72 26.41 29.52
C VAL B 673 0.58 25.94 28.84
N ILE B 674 0.76 26.31 27.57
CA ILE B 674 1.99 25.94 26.83
C ILE B 674 3.24 26.54 27.49
N ALA B 675 3.20 27.85 27.79
CA ALA B 675 4.30 28.53 28.47
C ALA B 675 4.67 27.85 29.78
N LYS B 676 3.66 27.54 30.59
CA LYS B 676 3.87 26.88 31.89
C LYS B 676 4.55 25.50 31.74
N ASN B 677 4.24 24.79 30.63
CA ASN B 677 4.75 23.46 30.37
C ASN B 677 5.96 23.39 29.42
N ALA B 678 6.65 24.51 29.20
CA ALA B 678 7.71 24.57 28.18
C ALA B 678 8.79 23.50 28.39
N SER B 679 9.15 23.28 29.64
CA SER B 679 10.20 22.30 29.98
C SER B 679 9.76 20.87 29.67
N LEU B 680 8.46 20.57 29.83
CA LEU B 680 7.91 19.26 29.47
C LEU B 680 8.17 18.94 28.00
N PHE B 681 7.91 19.91 27.11
CA PHE B 681 8.06 19.66 25.67
C PHE B 681 9.51 19.36 25.33
N SER B 682 10.44 20.11 25.94
CA SER B 682 11.87 19.82 25.87
C SER B 682 12.21 18.40 26.40
N ASP B 683 11.67 18.06 27.58
CA ASP B 683 11.91 16.75 28.21
CA ASP B 683 11.89 16.77 28.22
C ASP B 683 11.45 15.59 27.33
N LEU B 684 10.40 15.81 26.54
CA LEU B 684 9.90 14.83 25.56
C LEU B 684 10.68 14.81 24.24
N GLY B 685 11.72 15.64 24.11
CA GLY B 685 12.54 15.69 22.91
C GLY B 685 11.91 16.40 21.72
N ILE B 686 10.86 17.20 21.96
CA ILE B 686 10.29 18.03 20.91
C ILE B 686 11.29 19.17 20.62
N THR B 687 11.63 19.35 19.36
CA THR B 687 12.54 20.43 18.95
C THR B 687 11.82 21.58 18.20
N ASP B 688 10.65 21.29 17.62
CA ASP B 688 9.97 22.21 16.73
C ASP B 688 8.49 22.18 17.06
N PHE B 689 7.97 23.34 17.46
CA PHE B 689 6.63 23.47 18.01
C PHE B 689 5.72 24.14 16.96
N TRP B 690 4.79 23.35 16.42
CA TRP B 690 3.85 23.82 15.41
C TRP B 690 2.66 24.43 16.15
N MET B 691 2.51 25.75 16.00
CA MET B 691 1.42 26.49 16.62
C MET B 691 0.28 26.68 15.65
N ALA B 692 -0.93 26.56 16.20
CA ALA B 692 -2.17 26.74 15.44
C ALA B 692 -2.19 28.08 14.72
N PRO B 693 -2.90 28.14 13.59
CA PRO B 693 -3.04 29.45 12.95
C PRO B 693 -3.66 30.43 13.97
N ALA B 694 -2.95 31.52 14.24
CA ALA B 694 -3.23 32.37 15.41
C ALA B 694 -4.14 33.57 15.11
N TYR B 695 -4.63 33.63 13.88
CA TYR B 695 -5.33 34.79 13.33
C TYR B 695 -6.72 34.90 13.98
N THR B 696 -7.29 36.10 13.96
CA THR B 696 -8.62 36.35 14.49
C THR B 696 -9.65 35.49 13.76
N PRO B 697 -10.33 34.60 14.47
CA PRO B 697 -11.26 33.69 13.80
C PRO B 697 -12.59 34.33 13.41
N PHE B 698 -13.14 33.89 12.27
CA PHE B 698 -14.52 34.16 11.90
C PHE B 698 -15.41 33.52 12.97
N GLY B 699 -16.23 34.33 13.62
CA GLY B 699 -17.02 33.88 14.79
C GLY B 699 -17.98 32.76 14.52
N ARG B 700 -18.54 32.74 13.30
CA ARG B 700 -19.45 31.69 12.88
C ARG B 700 -18.80 30.48 12.17
N SER B 701 -17.45 30.42 12.13
CA SER B 701 -16.76 29.23 11.65
C SER B 701 -17.07 28.02 12.53
N ARG B 702 -16.99 26.84 11.92
CA ARG B 702 -17.30 25.59 12.60
C ARG B 702 -16.49 25.38 13.87
N TYR B 703 -15.19 25.64 13.81
CA TYR B 703 -14.28 25.28 14.90
C TYR B 703 -13.60 26.49 15.61
N ASN B 704 -13.67 27.68 15.02
CA ASN B 704 -12.97 28.87 15.57
C ASN B 704 -11.45 28.59 15.76
N GLU B 705 -10.89 27.80 14.86
CA GLU B 705 -9.50 27.31 14.99
C GLU B 705 -8.47 28.26 14.42
N GLY B 706 -8.88 29.14 13.49
CA GLY B 706 -7.95 30.09 12.87
C GLY B 706 -7.67 29.97 11.37
N TYR B 707 -8.02 28.84 10.74
CA TYR B 707 -7.93 28.74 9.26
C TYR B 707 -9.01 29.57 8.56
N SER B 708 -10.17 29.72 9.20
CA SER B 708 -11.23 30.60 8.74
C SER B 708 -11.05 31.92 9.48
N MET B 709 -10.32 32.85 8.87
CA MET B 709 -9.89 34.08 9.56
C MET B 709 -10.36 35.32 8.81
N THR B 710 -10.62 36.36 9.60
CA THR B 710 -11.03 37.68 9.11
C THR B 710 -9.91 38.73 9.16
N ASP B 711 -8.82 38.46 9.89
CA ASP B 711 -7.72 39.41 10.05
C ASP B 711 -6.40 38.64 10.22
N ARG B 712 -5.54 38.75 9.21
CA ARG B 712 -4.26 38.03 9.16
C ARG B 712 -3.19 38.58 10.10
N TYR B 713 -3.36 39.81 10.61
CA TYR B 713 -2.36 40.45 11.44
C TYR B 713 -2.75 40.60 12.90
N ASN B 714 -4.03 40.51 13.22
CA ASN B 714 -4.48 40.61 14.61
C ASN B 714 -4.51 39.21 15.19
N LEU B 715 -3.54 38.91 16.06
CA LEU B 715 -3.45 37.59 16.70
C LEU B 715 -4.08 37.58 18.10
N GLY B 716 -5.03 38.47 18.33
CA GLY B 716 -5.80 38.52 19.57
C GLY B 716 -5.31 39.62 20.49
N THR B 717 -6.22 40.14 21.30
CA THR B 717 -5.91 41.10 22.35
C THR B 717 -6.35 40.56 23.70
N THR B 718 -5.96 41.27 24.76
CA THR B 718 -6.41 40.91 26.12
C THR B 718 -7.95 40.87 26.26
N ALA B 719 -8.62 41.88 25.71
CA ALA B 719 -10.09 41.97 25.74
C ALA B 719 -10.78 41.01 24.77
N ASN B 720 -10.18 40.79 23.59
CA ASN B 720 -10.73 39.91 22.57
C ASN B 720 -9.70 38.86 22.15
N PRO B 721 -9.46 37.87 23.01
CA PRO B 721 -8.48 36.84 22.64
C PRO B 721 -9.03 35.95 21.52
N THR B 722 -8.14 35.22 20.85
CA THR B 722 -8.56 34.15 19.93
C THR B 722 -8.95 32.97 20.82
N LYS B 723 -9.25 31.80 20.25
CA LYS B 723 -9.41 30.59 21.08
C LYS B 723 -8.20 30.38 21.98
N TYR B 724 -7.00 30.69 21.47
CA TYR B 724 -5.73 30.29 22.10
C TYR B 724 -5.23 31.29 23.13
N GLY B 725 -5.65 32.56 22.99
CA GLY B 725 -5.25 33.65 23.88
C GLY B 725 -5.03 34.97 23.13
N SER B 726 -4.31 35.88 23.77
CA SER B 726 -3.92 37.17 23.20
C SER B 726 -2.56 37.12 22.52
N GLY B 727 -2.27 38.16 21.74
CA GLY B 727 -0.98 38.35 21.07
C GLY B 727 0.17 38.49 22.05
N GLU B 728 -0.08 39.17 23.17
CA GLU B 728 0.93 39.35 24.23
C GLU B 728 1.27 37.99 24.83
N GLU B 729 0.23 37.21 25.10
CA GLU B 729 0.42 35.86 25.61
C GLU B 729 1.23 35.01 24.62
N LEU B 730 0.84 35.06 23.34
CA LEU B 730 1.55 34.33 22.28
C LEU B 730 3.04 34.65 22.27
N ALA B 731 3.37 35.95 22.31
CA ALA B 731 4.79 36.34 22.30
C ALA B 731 5.56 35.83 23.51
N ASN B 732 4.94 35.90 24.69
CA ASN B 732 5.56 35.35 25.90
C ASN B 732 5.70 33.82 25.81
N THR B 733 4.70 33.15 25.22
CA THR B 733 4.75 31.70 25.02
C THR B 733 5.88 31.29 24.08
N ILE B 734 6.03 32.03 22.97
CA ILE B 734 7.14 31.77 22.04
C ILE B 734 8.50 31.93 22.74
N ALA B 735 8.64 32.98 23.56
CA ALA B 735 9.87 33.20 24.32
C ALA B 735 10.15 32.10 25.32
N ALA B 736 9.09 31.62 26.00
CA ALA B 736 9.22 30.49 26.94
C ALA B 736 9.69 29.20 26.25
N LEU B 737 9.16 28.93 25.07
CA LEU B 737 9.59 27.76 24.30
C LEU B 737 11.03 27.93 23.82
N HIS B 738 11.38 29.14 23.38
CA HIS B 738 12.76 29.46 23.03
C HIS B 738 13.70 29.25 24.19
N LYS B 739 13.30 29.69 25.37
CA LYS B 739 14.10 29.51 26.61
C LYS B 739 14.39 28.02 26.91
N ALA B 740 13.40 27.17 26.65
CA ALA B 740 13.52 25.72 26.80
C ALA B 740 14.32 25.02 25.69
N GLY B 741 14.70 25.74 24.63
CA GLY B 741 15.57 25.25 23.57
C GLY B 741 14.85 24.85 22.29
N LEU B 742 13.54 25.14 22.20
CA LEU B 742 12.75 24.79 21.01
C LEU B 742 12.77 25.92 19.99
N LYS B 743 12.49 25.58 18.74
CA LYS B 743 12.11 26.55 17.74
C LYS B 743 10.60 26.41 17.52
N VAL B 744 9.98 27.47 17.02
CA VAL B 744 8.52 27.57 16.91
C VAL B 744 8.08 27.97 15.51
N GLN B 745 7.14 27.22 14.94
CA GLN B 745 6.61 27.55 13.60
C GLN B 745 5.16 28.01 13.70
N GLU B 746 4.78 28.92 12.81
CA GLU B 746 3.39 29.32 12.68
C GLU B 746 2.80 28.68 11.44
N ASP B 747 1.57 28.22 11.59
CA ASP B 747 0.73 27.77 10.50
C ASP B 747 0.33 28.99 9.66
N ILE B 748 0.91 29.13 8.48
CA ILE B 748 0.67 30.28 7.61
C ILE B 748 -0.30 29.83 6.52
N VAL B 749 -1.30 30.68 6.25
CA VAL B 749 -2.49 30.25 5.53
C VAL B 749 -2.76 31.21 4.38
N MET B 750 -2.11 30.94 3.24
CA MET B 750 -2.26 31.79 2.05
C MET B 750 -3.43 31.41 1.13
N ASN B 751 -4.10 30.27 1.36
CA ASN B 751 -5.05 29.80 0.35
C ASN B 751 -6.34 30.60 0.34
N GLN B 752 -6.91 30.82 1.52
CA GLN B 752 -8.22 31.47 1.65
C GLN B 752 -8.36 32.35 2.86
N MET B 753 -9.32 33.27 2.78
CA MET B 753 -9.90 33.98 3.92
C MET B 753 -11.40 33.70 3.95
N ILE B 754 -12.00 33.76 5.13
CA ILE B 754 -13.43 33.46 5.30
C ILE B 754 -14.00 34.39 6.37
N GLY B 755 -15.17 34.95 6.08
CA GLY B 755 -15.92 35.76 7.04
C GLY B 755 -15.86 37.25 6.78
N PHE B 756 -15.57 37.65 5.55
CA PHE B 756 -15.61 39.06 5.18
C PHE B 756 -17.01 39.61 5.44
N SER B 757 -17.08 40.82 5.99
CA SER B 757 -18.37 41.47 6.28
C SER B 757 -18.92 42.33 5.13
N GLY B 758 -18.08 42.64 4.14
CA GLY B 758 -18.44 43.52 3.03
C GLY B 758 -18.81 42.74 1.77
N GLN B 759 -20.01 42.99 1.26
CA GLN B 759 -20.48 42.40 0.02
C GLN B 759 -20.01 43.23 -1.16
N GLU B 760 -19.86 42.55 -2.28
CA GLU B 760 -19.39 43.15 -3.52
C GLU B 760 -20.15 42.47 -4.67
N ALA B 761 -20.52 43.25 -5.68
CA ALA B 761 -21.09 42.67 -6.89
C ALA B 761 -19.95 42.13 -7.74
N VAL B 762 -19.91 40.81 -7.89
CA VAL B 762 -18.93 40.13 -8.74
C VAL B 762 -19.64 39.36 -9.84
N THR B 763 -18.99 39.18 -10.98
CA THR B 763 -19.53 38.34 -12.05
C THR B 763 -18.95 36.94 -11.92
N VAL B 764 -19.81 35.93 -11.87
CA VAL B 764 -19.39 34.55 -11.54
C VAL B 764 -19.91 33.43 -12.45
N THR B 765 -19.24 32.28 -12.37
CA THR B 765 -19.60 31.09 -13.13
C THR B 765 -19.45 29.88 -12.21
N ARG B 766 -20.41 28.95 -12.31
CA ARG B 766 -20.45 27.77 -11.45
C ARG B 766 -19.41 26.78 -11.91
N THR B 767 -18.47 26.43 -11.02
CA THR B 767 -17.34 25.57 -11.41
C THR B 767 -17.06 24.48 -10.40
N ASN B 768 -16.25 23.50 -10.85
CA ASN B 768 -15.62 22.54 -9.93
C ASN B 768 -14.41 23.19 -9.22
N ASN B 769 -13.66 22.38 -8.47
CA ASN B 769 -12.52 22.88 -7.71
C ASN B 769 -11.28 23.28 -8.55
N ARG B 770 -11.34 23.09 -9.86
CA ARG B 770 -10.31 23.61 -10.78
C ARG B 770 -10.78 24.84 -11.59
N GLY B 771 -11.96 25.38 -11.28
CA GLY B 771 -12.47 26.54 -12.02
C GLY B 771 -12.98 26.22 -13.40
N MET B 772 -13.27 24.95 -13.67
CA MET B 772 -13.91 24.56 -14.91
C MET B 772 -15.41 24.52 -14.69
N GLN B 773 -16.17 25.06 -15.64
CA GLN B 773 -17.61 25.12 -15.52
C GLN B 773 -18.20 23.71 -15.47
N ILE B 774 -19.12 23.48 -14.53
CA ILE B 774 -19.90 22.23 -14.48
C ILE B 774 -21.40 22.45 -14.53
N HIS B 775 -22.11 21.35 -14.81
CA HIS B 775 -23.56 21.26 -14.64
C HIS B 775 -23.85 20.45 -13.39
N VAL B 776 -24.93 20.77 -12.69
CA VAL B 776 -25.40 20.00 -11.54
C VAL B 776 -26.86 19.69 -11.82
N ASN B 777 -27.18 18.39 -11.88
CA ASN B 777 -28.51 17.91 -12.32
C ASN B 777 -28.97 18.56 -13.63
N GLY B 778 -28.05 18.68 -14.58
CA GLY B 778 -28.33 19.33 -15.86
C GLY B 778 -28.44 20.85 -15.88
N GLN B 779 -28.17 21.52 -14.75
CA GLN B 779 -28.29 22.96 -14.66
C GLN B 779 -26.93 23.60 -14.41
N THR B 780 -26.79 24.84 -14.87
CA THR B 780 -25.57 25.61 -14.63
C THR B 780 -25.87 27.12 -14.66
N TYR B 781 -24.86 27.91 -14.35
CA TYR B 781 -24.90 29.36 -14.61
C TYR B 781 -23.49 29.89 -14.90
N ALA B 782 -23.44 30.91 -15.75
CA ALA B 782 -22.18 31.56 -16.14
C ALA B 782 -22.39 33.06 -16.27
N ASN B 783 -21.36 33.84 -15.91
CA ASN B 783 -21.37 35.30 -16.09
C ASN B 783 -22.56 36.00 -15.42
N GLN B 784 -22.87 35.58 -14.20
CA GLN B 784 -24.00 36.11 -13.44
C GLN B 784 -23.48 37.00 -12.31
N ILE B 785 -24.12 38.14 -12.11
CA ILE B 785 -23.79 39.03 -10.99
C ILE B 785 -24.29 38.41 -9.69
N TYR B 786 -23.38 38.32 -8.71
CA TYR B 786 -23.59 37.60 -7.47
C TYR B 786 -23.03 38.50 -6.35
N PHE B 787 -23.74 38.59 -5.23
CA PHE B 787 -23.34 39.49 -4.14
C PHE B 787 -22.53 38.78 -3.06
N ALA B 788 -21.36 38.29 -3.47
CA ALA B 788 -20.48 37.57 -2.56
C ALA B 788 -19.92 38.49 -1.49
N TYR B 789 -19.73 37.95 -0.29
CA TYR B 789 -18.94 38.59 0.73
C TYR B 789 -17.46 38.43 0.35
N THR B 790 -16.80 39.56 0.05
CA THR B 790 -15.42 39.55 -0.44
C THR B 790 -14.48 40.57 0.22
N THR B 791 -15.02 41.54 0.96
CA THR B 791 -14.30 42.75 1.27
C THR B 791 -14.12 42.92 2.77
N GLY B 792 -12.87 43.20 3.17
CA GLY B 792 -12.52 43.32 4.59
C GLY B 792 -11.05 43.05 4.83
N GLY B 793 -10.73 42.58 6.04
CA GLY B 793 -9.34 42.36 6.47
C GLY B 793 -9.04 42.90 7.85
N GLY B 794 -9.94 43.73 8.37
CA GLY B 794 -9.83 44.29 9.72
C GLY B 794 -8.82 45.42 9.79
N ASN B 795 -8.66 45.96 10.98
CA ASN B 795 -7.66 47.02 11.24
C ASN B 795 -6.24 46.48 11.14
N GLY B 796 -6.05 45.18 11.32
CA GLY B 796 -4.76 44.54 11.12
C GLY B 796 -4.26 44.68 9.69
N GLN B 797 -5.13 44.39 8.72
CA GLN B 797 -4.75 44.60 7.31
C GLN B 797 -4.54 46.08 7.00
N GLU B 798 -5.37 46.95 7.57
CA GLU B 798 -5.20 48.40 7.36
C GLU B 798 -3.85 48.89 7.88
N THR B 799 -3.50 48.51 9.12
CA THR B 799 -2.27 48.98 9.75
C THR B 799 -1.00 48.31 9.20
N TYR B 800 -1.04 46.99 9.02
CA TYR B 800 0.18 46.22 8.73
C TYR B 800 0.36 45.83 7.27
N GLY B 801 -0.72 45.88 6.50
CA GLY B 801 -0.70 45.41 5.11
C GLY B 801 0.28 46.22 4.32
N GLY B 802 1.30 45.56 3.77
CA GLY B 802 2.34 46.26 3.02
C GLY B 802 3.27 47.17 3.80
N LYS B 803 3.17 47.20 5.13
CA LYS B 803 3.93 48.17 5.95
C LYS B 803 5.46 48.03 5.80
N TYR B 804 5.94 46.80 5.67
CA TYR B 804 7.35 46.47 5.64
C TYR B 804 7.94 46.35 4.23
N LEU B 805 7.13 46.61 3.20
CA LEU B 805 7.59 46.48 1.81
C LEU B 805 8.78 47.39 1.42
N ALA B 806 8.75 48.65 1.85
CA ALA B 806 9.83 49.59 1.53
C ALA B 806 11.14 49.15 2.17
N GLU B 807 11.08 48.69 3.42
CA GLU B 807 12.27 48.18 4.09
C GLU B 807 12.81 46.91 3.45
N LEU B 808 11.92 46.01 3.10
CA LEU B 808 12.27 44.77 2.41
C LEU B 808 12.93 45.09 1.07
N GLN B 809 12.41 46.07 0.34
CA GLN B 809 12.97 46.42 -0.95
C GLN B 809 14.34 47.06 -0.80
N LYS B 810 14.51 47.84 0.27
CA LYS B 810 15.82 48.46 0.60
C LYS B 810 16.88 47.42 0.92
N ASN B 811 16.53 46.46 1.77
CA ASN B 811 17.51 45.46 2.25
C ASN B 811 17.70 44.27 1.31
N TYR B 812 16.62 43.85 0.65
CA TYR B 812 16.62 42.64 -0.17
C TYR B 812 15.96 42.92 -1.52
N PRO B 813 16.57 43.81 -2.33
CA PRO B 813 15.92 44.23 -3.59
C PRO B 813 15.63 43.08 -4.56
N ASP B 814 16.40 42.00 -4.49
CA ASP B 814 16.16 40.79 -5.29
C ASP B 814 14.73 40.22 -5.17
N LEU B 815 14.10 40.41 -4.02
CA LEU B 815 12.71 39.98 -3.81
C LEU B 815 11.75 40.53 -4.86
N PHE B 816 12.01 41.75 -5.34
CA PHE B 816 11.14 42.45 -6.27
C PHE B 816 11.73 42.60 -7.68
N THR B 817 12.83 41.89 -7.97
CA THR B 817 13.31 41.74 -9.35
C THR B 817 13.34 40.29 -9.85
N THR B 818 13.29 39.30 -8.97
CA THR B 818 13.24 37.90 -9.38
C THR B 818 11.90 37.59 -10.01
N LYS B 819 11.92 37.15 -11.27
CA LYS B 819 10.69 36.90 -12.01
C LYS B 819 10.11 35.56 -11.58
N ALA B 820 8.89 35.59 -11.10
CA ALA B 820 8.15 34.39 -10.70
C ALA B 820 7.91 33.48 -11.92
N ILE B 821 7.93 32.19 -11.67
CA ILE B 821 7.75 31.19 -12.74
C ILE B 821 6.37 31.32 -13.42
N SER B 822 5.31 31.33 -12.62
CA SER B 822 3.96 31.24 -13.19
C SER B 822 3.61 32.45 -14.04
N THR B 823 4.06 33.64 -13.64
CA THR B 823 3.70 34.90 -14.30
C THR B 823 4.78 35.47 -15.20
N GLY B 824 6.04 35.14 -14.93
CA GLY B 824 7.16 35.82 -15.59
C GLY B 824 7.41 37.25 -15.13
N VAL B 825 6.80 37.67 -14.01
CA VAL B 825 7.06 39.02 -13.43
C VAL B 825 7.39 38.91 -11.94
N ALA B 826 8.05 39.92 -11.41
CA ALA B 826 8.41 39.94 -10.00
C ALA B 826 7.23 40.34 -9.12
N PRO B 827 7.23 39.91 -7.85
CA PRO B 827 6.32 40.55 -6.90
C PRO B 827 6.40 42.09 -6.97
N ASP B 828 5.25 42.74 -6.77
CA ASP B 828 5.07 44.19 -6.99
C ASP B 828 4.83 44.85 -5.64
N PRO B 829 5.88 45.49 -5.07
CA PRO B 829 5.72 46.15 -3.79
C PRO B 829 5.15 47.59 -3.88
N THR B 830 4.79 48.07 -5.08
CA THR B 830 4.34 49.47 -5.23
C THR B 830 2.88 49.72 -4.81
N VAL B 831 2.15 48.66 -4.49
CA VAL B 831 0.76 48.75 -4.04
C VAL B 831 0.70 48.00 -2.73
N ARG B 832 0.09 48.63 -1.72
CA ARG B 832 -0.13 48.01 -0.43
C ARG B 832 -1.56 47.49 -0.36
N ILE B 833 -1.73 46.26 0.08
CA ILE B 833 -3.07 45.71 0.32
C ILE B 833 -3.52 46.10 1.72
N ASN B 834 -4.31 47.17 1.81
CA ASN B 834 -4.87 47.63 3.08
C ASN B 834 -6.20 47.00 3.36
N LYS B 835 -6.82 46.46 2.31
CA LYS B 835 -8.15 45.88 2.37
C LYS B 835 -8.29 44.84 1.27
N TRP B 836 -8.79 43.65 1.60
CA TRP B 836 -9.07 42.60 0.59
C TRP B 836 -10.37 42.88 -0.15
N SER B 837 -10.40 42.54 -1.44
CA SER B 837 -11.63 42.58 -2.23
C SER B 837 -11.49 41.59 -3.40
N ALA B 838 -12.52 41.49 -4.24
CA ALA B 838 -12.59 40.44 -5.28
C ALA B 838 -11.44 40.46 -6.29
N LYS B 839 -10.92 41.66 -6.59
CA LYS B 839 -9.83 41.77 -7.54
C LYS B 839 -8.58 40.98 -7.15
N TYR B 840 -8.42 40.67 -5.86
CA TYR B 840 -7.33 39.85 -5.35
C TYR B 840 -7.71 38.37 -5.08
N GLN B 841 -8.86 37.94 -5.62
CA GLN B 841 -9.44 36.63 -5.33
C GLN B 841 -9.79 35.89 -6.63
N ASN B 842 -9.63 34.56 -6.60
CA ASN B 842 -9.99 33.69 -7.72
C ASN B 842 -11.47 33.36 -7.75
N GLY B 843 -12.09 33.29 -6.57
CA GLY B 843 -13.49 32.84 -6.47
C GLY B 843 -13.82 32.54 -5.03
N THR B 844 -14.96 31.88 -4.83
CA THR B 844 -15.40 31.51 -3.49
C THR B 844 -16.18 30.22 -3.56
N SER B 845 -16.16 29.47 -2.47
CA SER B 845 -17.13 28.42 -2.28
C SER B 845 -18.52 29.05 -2.17
N LEU B 846 -19.56 28.27 -2.48
CA LEU B 846 -20.92 28.81 -2.52
C LEU B 846 -21.25 29.37 -1.14
N GLN B 847 -21.79 30.59 -1.11
CA GLN B 847 -22.00 31.28 0.17
C GLN B 847 -23.42 31.18 0.76
N ASN B 848 -24.29 30.39 0.13
CA ASN B 848 -25.63 30.09 0.61
C ASN B 848 -26.53 31.35 0.67
N ILE B 849 -26.39 32.24 -0.31
CA ILE B 849 -27.24 33.46 -0.36
C ILE B 849 -28.24 33.48 -1.53
N GLY B 850 -27.91 32.80 -2.62
CA GLY B 850 -28.76 32.73 -3.81
C GLY B 850 -28.15 33.44 -4.98
N ILE B 851 -28.43 32.91 -6.17
CA ILE B 851 -27.86 33.44 -7.43
C ILE B 851 -28.77 34.49 -8.06
N GLY B 852 -30.02 34.58 -7.59
CA GLY B 852 -31.02 35.54 -8.12
C GLY B 852 -31.35 36.74 -7.25
N LEU B 853 -30.47 37.09 -6.29
CA LEU B 853 -30.66 38.28 -5.46
C LEU B 853 -30.61 39.56 -6.26
N ALA B 854 -29.73 39.60 -7.27
CA ALA B 854 -29.55 40.79 -8.12
C ALA B 854 -30.81 41.13 -8.92
N VAL B 855 -31.29 42.36 -8.75
CA VAL B 855 -32.55 42.79 -9.38
C VAL B 855 -32.38 43.04 -10.87
N LYS B 856 -33.19 42.35 -11.67
CA LYS B 856 -33.34 42.60 -13.09
C LYS B 856 -34.73 43.15 -13.33
N LEU B 857 -34.84 44.07 -14.27
CA LEU B 857 -36.14 44.58 -14.71
C LEU B 857 -36.84 43.52 -15.53
N ALA B 858 -38.12 43.74 -15.83
CA ALA B 858 -38.92 42.76 -16.59
C ALA B 858 -38.30 42.41 -17.96
N ASN B 859 -37.65 43.38 -18.61
CA ASN B 859 -36.93 43.16 -19.88
C ASN B 859 -35.54 42.48 -19.76
N GLY B 860 -35.13 42.10 -18.56
CA GLY B 860 -33.84 41.43 -18.37
C GLY B 860 -32.66 42.32 -17.98
N ASP B 861 -32.79 43.64 -18.14
CA ASP B 861 -31.69 44.55 -17.78
C ASP B 861 -31.47 44.54 -16.28
N TYR B 862 -30.22 44.58 -15.85
CA TYR B 862 -29.91 44.82 -14.45
C TYR B 862 -30.37 46.21 -14.01
N ALA B 863 -31.01 46.28 -12.85
CA ALA B 863 -31.28 47.56 -12.21
C ALA B 863 -29.95 48.16 -11.80
N TYR B 864 -29.87 49.50 -11.83
CA TYR B 864 -28.62 50.17 -11.47
C TYR B 864 -28.88 51.54 -10.92
N LEU B 865 -28.14 51.90 -9.88
CA LEU B 865 -28.19 53.20 -9.26
C LEU B 865 -26.89 53.93 -9.51
N ASN B 866 -26.93 54.92 -10.40
CA ASN B 866 -25.79 55.77 -10.68
C ASN B 866 -25.73 56.83 -9.59
N SER B 867 -24.78 56.69 -8.67
CA SER B 867 -24.53 57.67 -7.62
C SER B 867 -23.17 57.40 -7.01
N GLY B 868 -22.55 58.44 -6.46
CA GLY B 868 -21.18 58.31 -5.94
C GLY B 868 -20.22 57.77 -6.98
N ASP B 869 -19.46 56.73 -6.60
CA ASP B 869 -18.48 56.08 -7.49
C ASP B 869 -19.06 55.07 -8.50
N ASN B 870 -20.37 54.85 -8.49
CA ASN B 870 -20.99 53.82 -9.34
C ASN B 870 -21.52 54.50 -10.61
N LYS B 871 -20.79 54.35 -11.71
CA LYS B 871 -21.06 55.09 -12.95
C LYS B 871 -21.13 54.19 -14.19
N ALA B 872 -21.32 52.89 -14.01
CA ALA B 872 -21.30 51.95 -15.14
C ALA B 872 -22.45 52.12 -16.12
N PHE B 873 -23.60 52.54 -15.60
CA PHE B 873 -24.82 52.75 -16.40
C PHE B 873 -25.54 53.98 -15.85
N ASN B 874 -26.45 54.54 -16.66
CA ASN B 874 -27.41 55.52 -16.14
C ASN B 874 -28.32 54.81 -15.14
N THR B 875 -28.87 55.59 -14.21
CA THR B 875 -29.82 55.05 -13.24
C THR B 875 -31.00 54.39 -13.95
N LEU B 876 -31.34 53.17 -13.52
CA LEU B 876 -32.44 52.40 -14.10
C LEU B 876 -33.06 51.59 -12.97
N LEU B 877 -34.27 51.97 -12.55
CA LEU B 877 -34.92 51.35 -11.40
C LEU B 877 -36.25 50.72 -11.81
N PRO B 878 -36.69 49.67 -11.07
CA PRO B 878 -38.04 49.14 -11.30
C PRO B 878 -39.12 50.23 -11.24
N THR B 879 -40.11 50.13 -12.12
CA THR B 879 -41.18 51.15 -12.20
C THR B 879 -41.97 51.28 -10.89
N ALA B 880 -42.07 50.22 -10.09
CA ALA B 880 -42.78 50.30 -8.80
C ALA B 880 -42.19 51.33 -7.80
N ILE B 881 -40.89 51.62 -7.92
CA ILE B 881 -40.20 52.57 -7.02
C ILE B 881 -39.55 53.77 -7.72
N SER B 882 -39.98 54.10 -8.93
CA SER B 882 -39.43 55.27 -9.67
C SER B 882 -40.45 55.96 -10.58
N LEU B 883 -40.21 57.25 -10.87
CA LEU B 883 -41.03 58.10 -11.78
C LEU B 883 -42.40 58.48 -11.20
CA CA C . 17.40 -23.54 -0.86
C ACT D . 10.29 16.69 -29.78
O ACT D . 9.67 15.64 -30.04
OXT ACT D . 9.72 17.68 -29.26
CH3 ACT D . 11.76 16.77 -30.07
C ACT E . -6.73 -9.40 2.50
O ACT E . -5.91 -8.96 3.33
OXT ACT E . -6.85 -8.91 1.36
CH3 ACT E . -7.60 -10.56 2.90
S SO4 F . 19.56 -55.34 23.50
O1 SO4 F . 18.65 -55.87 24.55
O2 SO4 F . 20.73 -56.22 23.33
O3 SO4 F . 20.03 -54.00 23.91
O4 SO4 F . 18.83 -55.26 22.21
S SO4 G . 12.99 -22.04 20.34
O1 SO4 G . 13.97 -23.12 20.53
O2 SO4 G . 12.22 -21.81 21.58
O3 SO4 G . 13.74 -20.83 19.97
O4 SO4 G . 12.04 -22.41 19.24
C1 GOL H . 8.07 -22.45 -4.86
O1 GOL H . 8.95 -21.73 -5.75
C2 GOL H . 7.64 -23.80 -5.45
O2 GOL H . 7.31 -23.63 -6.84
C3 GOL H . 8.72 -24.85 -5.29
O3 GOL H . 9.65 -24.77 -6.38
C1 GOL I . -17.57 -23.72 -17.05
O1 GOL I . -17.74 -22.40 -16.53
C2 GOL I . -17.35 -24.71 -15.91
O2 GOL I . -17.87 -25.99 -16.27
C3 GOL I . -15.87 -24.82 -15.56
O3 GOL I . -15.15 -25.56 -16.57
C1 GOL J . 31.78 -31.28 -0.02
O1 GOL J . 32.65 -31.16 1.12
C2 GOL J . 31.38 -32.75 -0.23
O2 GOL J . 29.95 -32.86 -0.17
C3 GOL J . 31.88 -33.23 -1.59
O3 GOL J . 31.19 -32.52 -2.64
C1 GOL K . -25.36 -11.70 -6.76
O1 GOL K . -24.62 -12.92 -6.63
C2 GOL K . -24.79 -10.90 -7.91
O2 GOL K . -23.39 -11.11 -7.93
C3 GOL K . -25.39 -11.32 -9.25
O3 GOL K . -24.47 -11.02 -10.32
C1 PGE L . 6.43 -57.67 2.08
O1 PGE L . 5.62 -58.84 2.06
C2 PGE L . 7.88 -58.06 2.39
O2 PGE L . 8.72 -56.90 2.33
C3 PGE L . 10.07 -57.12 2.77
C4 PGE L . 10.95 -57.63 1.65
O4 PGE L . 14.91 -58.78 0.00
C6 PGE L . 13.51 -58.61 0.27
C5 PGE L . 13.35 -57.99 1.66
O3 PGE L . 12.07 -58.33 2.20
CA CA M . -6.15 28.30 -3.95
C ACT N . -20.30 19.33 -17.36
O ACT N . -20.51 18.78 -16.25
OXT ACT N . -20.78 20.44 -17.64
CH3 ACT N . -19.43 18.66 -18.38
C ACT O . -1.54 -7.94 32.47
O ACT O . -0.37 -8.04 32.89
OXT ACT O . -1.88 -8.47 31.38
CH3 ACT O . -2.53 -7.16 33.28
C ACT P . -1.74 44.67 -13.80
O ACT P . -0.67 44.89 -13.20
OXT ACT P . -1.78 44.04 -14.88
CH3 ACT P . -3.01 45.20 -13.20
S SO4 Q . -40.17 46.75 -14.42
O1 SO4 Q . -39.09 45.76 -14.31
O2 SO4 Q . -41.09 46.52 -13.29
O3 SO4 Q . -39.60 48.12 -14.36
O4 SO4 Q . -40.87 46.58 -15.71
S SO4 R . -15.43 7.41 3.72
O1 SO4 R . -14.51 6.79 4.70
O2 SO4 R . -16.27 6.37 3.09
O3 SO4 R . -14.64 8.12 2.68
O4 SO4 R . -16.30 8.39 4.43
C1 GOL S . -0.74 11.21 -4.28
O1 GOL S . 0.32 11.35 -3.35
C2 GOL S . -0.59 9.85 -4.95
O2 GOL S . -1.90 9.37 -5.19
C3 GOL S . 0.22 9.86 -6.26
O3 GOL S . 0.12 11.09 -6.98
C1 GOL T . -22.84 37.88 6.74
O1 GOL T . -23.73 37.60 7.83
C2 GOL T . -21.38 37.68 7.16
O2 GOL T . -20.72 38.94 7.24
C3 GOL T . -20.66 36.75 6.16
O3 GOL T . -19.24 36.79 6.33
C1 GOL U . -20.80 45.24 -25.45
O1 GOL U . -20.55 45.89 -24.21
C2 GOL U . -20.02 43.93 -25.49
O2 GOL U . -18.69 44.16 -25.03
C3 GOL U . -20.71 42.85 -24.64
O3 GOL U . -19.89 42.42 -23.56
C1 GOL V . 17.55 14.97 -2.17
O1 GOL V . 16.91 16.23 -1.95
C2 GOL V . 18.40 15.03 -3.43
O2 GOL V . 17.56 15.31 -4.56
C3 GOL V . 19.16 13.73 -3.66
O3 GOL V . 20.47 14.00 -4.14
C1 GOL W . -31.53 48.53 6.44
O1 GOL W . -31.62 49.96 6.52
C2 GOL W . -32.24 47.89 7.63
O2 GOL W . -33.55 48.45 7.80
C3 GOL W . -32.35 46.38 7.39
O3 GOL W . -33.06 45.76 8.48
#